data_6WHG
#
_entry.id   6WHG
#
_cell.length_a   1.00
_cell.length_b   1.00
_cell.length_c   1.00
_cell.angle_alpha   90.00
_cell.angle_beta   90.00
_cell.angle_gamma   90.00
#
_symmetry.space_group_name_H-M   'P 1'
#
loop_
_entity.id
_entity.type
_entity.pdbx_description
1 polymer 'Calcium channel YVC1'
2 non-polymer 'CALCIUM ION'
3 non-polymer '(2R)-1-(butanoyloxy)-3-{[(R)-hydroxy{[(1S,2S,3S,4S,5S,6R)-2,3,4,6-tetrahydroxy-5-(phosphonooxy)cyclohexyl]oxy}phosphoryl]oxy}propan-2-yl hexadecanoate'
#
_entity_poly.entity_id   1
_entity_poly.type   'polypeptide(L)'
_entity_poly.pdbx_seq_one_letter_code
;MVSANGDLHLPISNEQCMPENNGSLGFEAPTPRQILRVTLNLKYLIDKVVPIVYDPNDIVCDHSEILSPKVVKLAYEACG
GNPKDKANKRKYQSVIIFSLLKVCEWYSILATMEVHNAKLYETRNLASQQLCKLLIEREETRDLQFLFMQLLLRRYVINE
NDEDQEPLNALELATDMHCTTVIGSSGFQRCLKWIWRGWIVQNGLDPTTFIKDDSLAEVSLISHFNPVRLKAPVYQNYLQ
MIFSFLFLGLYTLVVNGKDSERVQSFDLLESIFYVFNTGFILDELTKLYYIGYAHLSFWNLFNDTTYLIITFAMGFRAMS
VTPLNAKYSSEDWDKISYRVLSCAAPFVWSRLLLYLESQRFIGIMLVILKHMMKESIVFFFLLFLIMIGFTQGFLGLDSA
DGKRDITGPILGNLTITVLGLGSFDVFEEFAPPYAAILYYGYYFIVSVILLNILIALYSTAYQKVIDNADDEYMALMSQK
TLRYIRAPDEDVYVSPLNLIEVFMTPIFRILPPKRAKDLSYTVMTIVYSPFLLLISVKETREARRIKYNRMKRLNDDANE
YDTPWDLTDGYLDDDDGLFSDNRNSGMRATQLKNSRSLKLQRTAEQEDVHFKVPKKWYKNVKKCSPSFEQYDNDDTEDDA
GEDKDEVKELTKKVENLTAVITDLLEKLDIKDKKE
;
_entity_poly.pdbx_strand_id   A,B,C,D
#
# COMPACT_ATOMS: atom_id res chain seq x y z
N GLY A 26 24.25 -10.78 -43.46
CA GLY A 26 25.50 -10.94 -42.74
C GLY A 26 25.90 -12.39 -42.61
N PHE A 27 27.18 -12.66 -42.88
CA PHE A 27 27.71 -14.01 -42.78
C PHE A 27 29.01 -14.10 -42.01
N GLU A 28 29.76 -13.01 -41.85
CA GLU A 28 30.98 -12.99 -41.07
C GLU A 28 30.86 -11.91 -40.01
N ALA A 29 31.41 -12.17 -38.83
CA ALA A 29 31.24 -11.26 -37.71
C ALA A 29 32.39 -10.24 -37.70
N PRO A 30 32.13 -8.99 -37.33
CA PRO A 30 33.22 -8.03 -37.16
C PRO A 30 34.09 -8.38 -35.96
N THR A 31 35.21 -7.68 -35.87
CA THR A 31 36.18 -7.98 -34.83
C THR A 31 35.68 -7.30 -33.54
N PRO A 32 36.17 -7.72 -32.36
CA PRO A 32 35.72 -7.08 -31.11
C PRO A 32 36.00 -5.59 -30.99
N ARG A 33 37.08 -5.07 -31.56
CA ARG A 33 37.30 -3.63 -31.46
C ARG A 33 36.35 -2.84 -32.35
N GLN A 34 35.93 -3.40 -33.49
CA GLN A 34 34.89 -2.76 -34.30
C GLN A 34 33.55 -2.74 -33.57
N ILE A 35 33.20 -3.83 -32.89
CA ILE A 35 31.97 -3.88 -32.10
C ILE A 35 32.05 -2.91 -30.92
N LEU A 36 33.26 -2.74 -30.36
CA LEU A 36 33.51 -1.72 -29.35
C LEU A 36 33.30 -0.31 -29.90
N ARG A 37 33.75 -0.06 -31.14
CA ARG A 37 33.51 1.25 -31.74
C ARG A 37 32.03 1.49 -32.05
N VAL A 38 31.31 0.46 -32.49
CA VAL A 38 29.87 0.56 -32.71
C VAL A 38 29.15 0.88 -31.40
N THR A 39 29.58 0.22 -30.32
CA THR A 39 29.04 0.47 -28.99
C THR A 39 29.35 1.90 -28.51
N LEU A 40 30.55 2.40 -28.82
CA LEU A 40 30.89 3.76 -28.43
C LEU A 40 30.14 4.80 -29.24
N ASN A 41 29.91 4.54 -30.53
CA ASN A 41 29.12 5.44 -31.35
C ASN A 41 27.68 5.49 -30.88
N LEU A 42 27.12 4.34 -30.46
CA LEU A 42 25.76 4.34 -29.95
C LEU A 42 25.66 4.97 -28.58
N LYS A 43 26.68 4.78 -27.73
CA LYS A 43 26.71 5.45 -26.43
C LYS A 43 26.81 6.96 -26.60
N TYR A 44 27.65 7.41 -27.52
CA TYR A 44 27.75 8.84 -27.85
C TYR A 44 26.44 9.38 -28.41
N LEU A 45 25.78 8.61 -29.28
CA LEU A 45 24.50 9.00 -29.85
C LEU A 45 23.42 9.11 -28.78
N ILE A 46 23.40 8.19 -27.82
CA ILE A 46 22.41 8.24 -26.76
C ILE A 46 22.72 9.38 -25.79
N ASP A 47 24.01 9.67 -25.55
CA ASP A 47 24.38 10.82 -24.75
C ASP A 47 24.02 12.15 -25.40
N LYS A 48 24.10 12.21 -26.73
CA LYS A 48 23.69 13.44 -27.42
C LYS A 48 22.18 13.57 -27.53
N VAL A 49 21.47 12.48 -27.81
CA VAL A 49 20.02 12.59 -27.99
C VAL A 49 19.30 12.61 -26.65
N VAL A 50 19.84 11.97 -25.62
CA VAL A 50 19.19 11.93 -24.31
C VAL A 50 20.15 12.49 -23.26
N PRO A 51 20.34 13.80 -23.17
CA PRO A 51 21.23 14.35 -22.13
C PRO A 51 20.56 14.67 -20.80
N ILE A 52 19.28 14.35 -20.62
CA ILE A 52 18.52 14.78 -19.45
C ILE A 52 17.56 13.68 -19.02
N VAL A 53 16.91 13.91 -17.88
CA VAL A 53 16.03 12.94 -17.23
C VAL A 53 14.76 12.71 -18.07
N TYR A 54 14.35 13.71 -18.86
CA TYR A 54 13.22 13.68 -19.79
C TYR A 54 11.88 13.25 -19.19
N ILE A 66 11.56 12.08 -28.89
CA ILE A 66 12.94 11.85 -28.51
C ILE A 66 13.57 10.94 -29.53
N LEU A 67 13.10 9.69 -29.56
CA LEU A 67 13.64 8.67 -30.45
C LEU A 67 12.97 8.77 -31.83
N SER A 68 13.31 9.86 -32.52
CA SER A 68 12.78 10.20 -33.83
C SER A 68 13.31 9.21 -34.88
N PRO A 69 12.66 9.11 -36.04
CA PRO A 69 13.22 8.26 -37.11
C PRO A 69 14.57 8.71 -37.65
N LYS A 70 14.93 9.99 -37.50
CA LYS A 70 16.29 10.41 -37.79
C LYS A 70 17.28 9.83 -36.78
N VAL A 71 16.86 9.65 -35.52
CA VAL A 71 17.71 9.00 -34.51
C VAL A 71 17.89 7.52 -34.85
N VAL A 72 16.84 6.89 -35.39
CA VAL A 72 16.92 5.48 -35.79
C VAL A 72 17.82 5.33 -37.01
N LYS A 73 17.77 6.29 -37.94
CA LYS A 73 18.70 6.30 -39.06
C LYS A 73 20.13 6.55 -38.61
N LEU A 74 20.31 7.40 -37.59
CA LEU A 74 21.64 7.64 -37.03
C LEU A 74 22.20 6.40 -36.34
N ALA A 75 21.33 5.66 -35.64
CA ALA A 75 21.70 4.38 -35.06
C ALA A 75 22.12 3.37 -36.12
N TYR A 76 21.39 3.32 -37.24
CA TYR A 76 21.81 2.50 -38.38
C TYR A 76 23.13 2.97 -38.96
N GLU A 77 23.39 4.28 -38.94
CA GLU A 77 24.63 4.81 -39.48
C GLU A 77 25.77 4.75 -38.48
N ALA A 78 25.47 4.59 -37.19
CA ALA A 78 26.51 4.53 -36.16
C ALA A 78 27.38 3.28 -36.26
N CYS A 79 26.94 2.25 -36.99
CA CYS A 79 27.74 1.06 -37.14
C CYS A 79 28.84 1.22 -38.18
N GLY A 80 28.48 1.71 -39.35
CA GLY A 80 29.44 1.96 -40.40
C GLY A 80 29.20 1.04 -41.59
N GLY A 81 30.09 1.16 -42.56
CA GLY A 81 29.97 0.44 -43.81
C GLY A 81 29.61 1.38 -44.94
N ASN A 82 29.84 0.91 -46.16
CA ASN A 82 29.54 1.71 -47.35
C ASN A 82 28.03 1.75 -47.59
N PRO A 83 27.40 2.92 -47.60
CA PRO A 83 25.97 2.99 -48.01
C PRO A 83 25.74 2.60 -49.45
N LYS A 84 26.77 2.73 -50.30
CA LYS A 84 26.72 2.23 -51.67
C LYS A 84 26.57 0.71 -51.72
N ASP A 85 27.14 0.01 -50.74
CA ASP A 85 27.09 -1.44 -50.69
C ASP A 85 25.96 -1.92 -49.78
N LYS A 86 25.65 -3.21 -49.89
CA LYS A 86 24.76 -3.96 -49.02
C LYS A 86 25.39 -5.34 -48.87
N ALA A 87 25.25 -5.91 -47.66
CA ALA A 87 25.93 -7.03 -46.97
C ALA A 87 27.28 -6.59 -46.43
N ASN A 88 27.69 -5.35 -46.65
CA ASN A 88 28.73 -4.72 -45.86
C ASN A 88 28.14 -3.71 -44.88
N LYS A 89 27.03 -3.10 -45.24
CA LYS A 89 26.25 -2.36 -44.26
C LYS A 89 25.58 -3.31 -43.28
N ARG A 90 25.04 -4.42 -43.79
CA ARG A 90 24.37 -5.40 -42.91
C ARG A 90 25.36 -6.12 -42.01
N LYS A 91 26.63 -6.25 -42.45
CA LYS A 91 27.68 -6.87 -41.65
C LYS A 91 27.92 -6.11 -40.34
N TYR A 92 27.81 -4.78 -40.38
CA TYR A 92 28.02 -4.00 -39.17
C TYR A 92 26.72 -3.60 -38.51
N GLN A 93 25.63 -3.53 -39.27
CA GLN A 93 24.30 -3.39 -38.67
C GLN A 93 23.80 -4.69 -38.04
N SER A 94 24.51 -5.80 -38.17
CA SER A 94 24.13 -7.00 -37.45
C SER A 94 24.40 -6.88 -35.96
N VAL A 95 25.40 -6.08 -35.56
CA VAL A 95 25.75 -5.99 -34.14
C VAL A 95 25.05 -4.83 -33.45
N ILE A 96 24.00 -4.28 -34.07
CA ILE A 96 23.32 -3.10 -33.55
C ILE A 96 22.61 -3.39 -32.22
N ILE A 97 21.94 -4.54 -32.11
CA ILE A 97 21.19 -4.88 -30.91
C ILE A 97 22.15 -5.27 -29.78
N PHE A 98 23.17 -6.05 -30.10
CA PHE A 98 24.22 -6.41 -29.14
C PHE A 98 24.93 -5.17 -28.61
N SER A 99 25.21 -4.20 -29.48
CA SER A 99 25.90 -2.99 -29.06
C SER A 99 25.02 -2.09 -28.21
N LEU A 100 23.73 -1.96 -28.57
CA LEU A 100 22.80 -1.21 -27.73
C LEU A 100 22.58 -1.87 -26.37
N LEU A 101 22.62 -3.20 -26.31
CA LEU A 101 22.50 -3.84 -25.00
C LEU A 101 23.80 -3.73 -24.18
N LYS A 102 24.96 -3.68 -24.83
CA LYS A 102 26.18 -3.36 -24.08
C LYS A 102 26.18 -1.91 -23.63
N VAL A 103 25.54 -1.01 -24.38
CA VAL A 103 25.32 0.36 -23.94
C VAL A 103 24.43 0.39 -22.70
N CYS A 104 23.39 -0.44 -22.67
CA CYS A 104 22.55 -0.60 -21.48
C CYS A 104 23.36 -1.13 -20.29
N GLU A 105 24.22 -2.12 -20.54
CA GLU A 105 25.13 -2.66 -19.52
C GLU A 105 26.04 -1.58 -18.96
N TRP A 106 26.60 -0.75 -19.84
CA TRP A 106 27.51 0.31 -19.43
C TRP A 106 26.78 1.40 -18.64
N TYR A 107 25.54 1.70 -19.02
CA TYR A 107 24.78 2.68 -18.24
C TYR A 107 24.36 2.12 -16.88
N SER A 108 24.14 0.82 -16.78
CA SER A 108 23.94 0.21 -15.46
C SER A 108 25.19 0.29 -14.61
N ILE A 109 26.36 0.08 -15.21
CA ILE A 109 27.65 0.25 -14.52
C ILE A 109 27.83 1.71 -14.07
N LEU A 110 27.46 2.66 -14.94
CA LEU A 110 27.54 4.08 -14.61
C LEU A 110 26.62 4.46 -13.46
N ALA A 111 25.38 3.98 -13.47
CA ALA A 111 24.47 4.20 -12.36
C ALA A 111 24.96 3.54 -11.07
N THR A 112 25.67 2.42 -11.18
CA THR A 112 26.32 1.85 -10.00
C THR A 112 27.46 2.74 -9.50
N MET A 113 28.19 3.38 -10.40
CA MET A 113 29.36 4.16 -9.99
C MET A 113 28.96 5.56 -9.52
N GLU A 114 28.17 6.27 -10.32
CA GLU A 114 27.66 7.58 -9.93
C GLU A 114 26.27 7.37 -9.35
N VAL A 115 26.26 7.03 -8.05
CA VAL A 115 25.03 6.72 -7.31
C VAL A 115 24.11 7.92 -7.25
N HIS A 116 24.68 9.12 -7.15
CA HIS A 116 23.90 10.34 -7.15
C HIS A 116 23.26 10.61 -8.52
N ASN A 117 23.97 10.31 -9.61
CA ASN A 117 23.50 10.56 -10.96
C ASN A 117 22.89 9.31 -11.59
N ALA A 118 22.31 8.43 -10.75
CA ALA A 118 21.75 7.18 -11.25
C ALA A 118 20.50 7.38 -12.09
N LYS A 119 19.77 8.47 -11.89
CA LYS A 119 18.53 8.67 -12.63
C LYS A 119 18.77 9.03 -14.09
N LEU A 120 19.83 9.80 -14.35
CA LEU A 120 20.20 10.13 -15.72
C LEU A 120 20.63 8.90 -16.51
N TYR A 121 21.45 8.05 -15.91
CA TYR A 121 21.89 6.86 -16.60
C TYR A 121 20.80 5.79 -16.68
N GLU A 122 19.88 5.75 -15.71
CA GLU A 122 18.70 4.90 -15.84
C GLU A 122 17.79 5.39 -16.97
N THR A 123 17.69 6.70 -17.14
CA THR A 123 16.94 7.27 -18.27
C THR A 123 17.60 6.89 -19.60
N ARG A 124 18.92 7.06 -19.68
CA ARG A 124 19.67 6.73 -20.89
C ARG A 124 19.57 5.23 -21.21
N ASN A 125 19.65 4.38 -20.18
CA ASN A 125 19.52 2.94 -20.32
C ASN A 125 18.13 2.59 -20.85
N LEU A 126 17.09 3.22 -20.30
CA LEU A 126 15.72 3.00 -20.76
C LEU A 126 15.55 3.47 -22.21
N ALA A 127 16.16 4.60 -22.55
CA ALA A 127 16.10 5.13 -23.91
C ALA A 127 16.77 4.19 -24.89
N SER A 128 17.90 3.61 -24.47
CA SER A 128 18.61 2.62 -25.28
C SER A 128 17.75 1.38 -25.48
N GLN A 129 17.06 0.95 -24.42
CA GLN A 129 16.16 -0.20 -24.49
C GLN A 129 15.00 0.06 -25.44
N GLN A 130 14.39 1.26 -25.37
CA GLN A 130 13.29 1.60 -26.27
C GLN A 130 13.76 1.71 -27.72
N LEU A 131 14.96 2.27 -27.95
CA LEU A 131 15.52 2.35 -29.30
C LEU A 131 15.78 0.95 -29.83
N CYS A 132 16.28 0.08 -28.96
CA CYS A 132 16.55 -1.32 -29.29
C CYS A 132 15.26 -2.04 -29.65
N LYS A 133 14.19 -1.78 -28.89
CA LYS A 133 12.87 -2.34 -29.15
C LYS A 133 12.34 -1.90 -30.51
N LEU A 134 12.54 -0.61 -30.83
CA LEU A 134 12.13 -0.06 -32.12
C LEU A 134 12.86 -0.73 -33.26
N LEU A 135 14.17 -0.93 -33.09
CA LEU A 135 15.00 -1.60 -34.10
C LEU A 135 14.60 -3.05 -34.31
N ILE A 136 14.29 -3.77 -33.22
CA ILE A 136 13.85 -5.17 -33.31
C ILE A 136 12.50 -5.25 -34.02
N GLU A 137 11.58 -4.34 -33.70
CA GLU A 137 10.26 -4.38 -34.32
C GLU A 137 10.29 -3.92 -35.76
N ARG A 138 11.26 -3.08 -36.12
CA ARG A 138 11.41 -2.66 -37.51
C ARG A 138 12.00 -3.78 -38.35
N GLU A 139 13.05 -4.43 -37.85
CA GLU A 139 13.66 -5.52 -38.59
C GLU A 139 12.80 -6.78 -38.59
N GLU A 140 11.84 -6.90 -37.67
CA GLU A 140 10.85 -7.97 -37.76
C GLU A 140 10.01 -7.84 -39.02
N THR A 141 9.65 -6.62 -39.38
CA THR A 141 8.93 -6.39 -40.63
C THR A 141 9.86 -6.52 -41.83
N ARG A 142 11.07 -5.97 -41.75
CA ARG A 142 12.01 -6.01 -42.87
C ARG A 142 12.45 -7.43 -43.22
N ASP A 143 13.16 -8.11 -42.32
CA ASP A 143 13.64 -9.44 -42.62
C ASP A 143 13.75 -10.23 -41.32
N LEU A 144 13.03 -11.33 -41.25
CA LEU A 144 12.85 -12.03 -39.98
C LEU A 144 14.03 -12.93 -39.64
N GLN A 145 14.55 -13.64 -40.65
CA GLN A 145 15.70 -14.51 -40.44
C GLN A 145 16.95 -13.72 -40.08
N PHE A 146 17.10 -12.52 -40.66
CA PHE A 146 18.23 -11.68 -40.31
C PHE A 146 18.09 -11.12 -38.89
N LEU A 147 16.85 -10.85 -38.46
CA LEU A 147 16.60 -10.46 -37.08
C LEU A 147 16.96 -11.58 -36.12
N PHE A 148 16.50 -12.79 -36.42
CA PHE A 148 16.67 -13.90 -35.49
C PHE A 148 18.11 -14.37 -35.43
N MET A 149 18.67 -14.78 -36.56
CA MET A 149 20.00 -15.39 -36.58
C MET A 149 21.11 -14.38 -36.29
N GLN A 150 21.08 -13.24 -36.97
CA GLN A 150 22.21 -12.32 -36.91
C GLN A 150 22.13 -11.32 -35.76
N LEU A 151 21.01 -10.61 -35.66
CA LEU A 151 20.85 -9.60 -34.62
C LEU A 151 20.73 -10.23 -33.24
N LEU A 152 19.71 -11.05 -33.03
CA LEU A 152 19.42 -11.51 -31.68
C LEU A 152 20.30 -12.68 -31.26
N LEU A 153 20.45 -13.71 -32.09
CA LEU A 153 21.04 -14.96 -31.62
C LEU A 153 22.53 -15.11 -31.82
N ARG A 154 23.15 -14.39 -32.75
CA ARG A 154 24.58 -14.54 -32.98
C ARG A 154 25.39 -14.02 -31.80
N ARG A 155 26.23 -14.88 -31.22
CA ARG A 155 27.02 -14.56 -30.04
C ARG A 155 28.26 -13.78 -30.46
N TYR A 156 28.15 -12.46 -30.46
CA TYR A 156 29.29 -11.63 -30.81
C TYR A 156 30.27 -11.51 -29.64
N VAL A 157 31.46 -11.05 -29.97
CA VAL A 157 32.56 -10.88 -29.02
C VAL A 157 32.89 -9.39 -29.00
N ILE A 158 33.30 -8.87 -27.85
CA ILE A 158 33.56 -7.45 -27.71
C ILE A 158 34.79 -7.29 -26.83
N ASN A 159 35.58 -6.27 -27.12
CA ASN A 159 36.76 -5.92 -26.34
C ASN A 159 36.40 -4.74 -25.47
N GLU A 160 35.82 -5.01 -24.30
CA GLU A 160 35.48 -3.94 -23.37
C GLU A 160 36.73 -3.27 -22.80
N ASN A 161 37.66 -4.04 -22.32
CA ASN A 161 38.98 -3.60 -21.94
C ASN A 161 39.94 -4.25 -22.91
N ASP A 162 41.24 -4.22 -22.59
CA ASP A 162 42.22 -5.01 -23.34
C ASP A 162 41.89 -6.51 -23.35
N GLU A 163 41.28 -7.01 -22.28
CA GLU A 163 40.72 -8.36 -22.24
C GLU A 163 39.59 -8.51 -23.26
N ASP A 164 39.45 -9.73 -23.80
CA ASP A 164 38.38 -10.10 -24.71
C ASP A 164 37.27 -10.78 -23.94
N GLN A 165 36.03 -10.39 -24.21
CA GLN A 165 34.91 -10.90 -23.45
C GLN A 165 34.39 -12.19 -24.08
N GLU A 166 33.54 -12.88 -23.34
CA GLU A 166 32.98 -14.14 -23.81
C GLU A 166 31.97 -13.85 -24.92
N PRO A 167 31.67 -14.84 -25.78
CA PRO A 167 30.64 -14.60 -26.80
C PRO A 167 29.23 -14.66 -26.22
N LEU A 168 28.61 -13.50 -26.09
CA LEU A 168 27.23 -13.38 -25.68
C LEU A 168 26.40 -12.90 -26.86
N ASN A 169 25.13 -13.24 -26.86
CA ASN A 169 24.21 -12.74 -27.87
C ASN A 169 23.20 -11.84 -27.19
N ALA A 170 22.43 -11.14 -28.01
CA ALA A 170 21.52 -10.10 -27.55
C ALA A 170 20.41 -10.62 -26.66
N LEU A 171 19.98 -11.87 -26.87
CA LEU A 171 18.97 -12.47 -26.02
C LEU A 171 19.49 -12.70 -24.60
N GLU A 172 20.64 -13.40 -24.50
CA GLU A 172 21.28 -13.64 -23.21
C GLU A 172 21.69 -12.34 -22.52
N LEU A 173 22.12 -11.37 -23.32
CA LEU A 173 22.51 -10.07 -22.78
C LEU A 173 21.33 -9.33 -22.20
N ALA A 174 20.21 -9.28 -22.93
CA ALA A 174 19.00 -8.65 -22.42
C ALA A 174 18.41 -9.38 -21.22
N THR A 175 18.60 -10.70 -21.11
CA THR A 175 18.06 -11.38 -19.94
C THR A 175 18.91 -11.24 -18.69
N ASP A 176 20.24 -11.21 -18.83
CA ASP A 176 21.09 -11.12 -17.65
C ASP A 176 20.92 -9.78 -16.93
N MET A 177 20.80 -8.70 -17.67
CA MET A 177 20.59 -7.40 -17.07
C MET A 177 19.12 -7.03 -16.92
N HIS A 178 18.21 -7.94 -17.31
CA HIS A 178 16.75 -7.78 -17.23
C HIS A 178 16.25 -6.54 -17.98
N CYS A 179 16.48 -6.55 -19.29
CA CYS A 179 16.03 -5.47 -20.16
C CYS A 179 14.60 -5.78 -20.56
N THR A 180 13.66 -5.33 -19.74
CA THR A 180 12.27 -5.75 -19.91
C THR A 180 11.58 -5.07 -21.07
N THR A 181 12.06 -3.89 -21.47
CA THR A 181 11.53 -3.25 -22.66
C THR A 181 12.02 -3.95 -23.92
N VAL A 182 13.16 -4.64 -23.84
CA VAL A 182 13.66 -5.41 -24.95
C VAL A 182 13.08 -6.82 -24.97
N ILE A 183 12.94 -7.46 -23.79
CA ILE A 183 12.36 -8.79 -23.71
C ILE A 183 10.88 -8.77 -24.11
N GLY A 184 10.19 -7.68 -23.87
CA GLY A 184 8.82 -7.56 -24.30
C GLY A 184 8.63 -7.02 -25.70
N SER A 185 9.62 -7.19 -26.57
CA SER A 185 9.46 -6.83 -27.96
C SER A 185 8.76 -7.98 -28.67
N SER A 186 8.13 -7.67 -29.80
CA SER A 186 7.49 -8.71 -30.58
C SER A 186 8.52 -9.62 -31.23
N GLY A 187 9.63 -9.05 -31.68
CA GLY A 187 10.66 -9.86 -32.34
C GLY A 187 11.45 -10.70 -31.37
N PHE A 188 11.75 -10.15 -30.19
CA PHE A 188 12.39 -10.89 -29.11
C PHE A 188 11.53 -12.06 -28.66
N GLN A 189 10.24 -11.82 -28.43
CA GLN A 189 9.34 -12.89 -28.01
C GLN A 189 9.12 -13.91 -29.11
N ARG A 190 9.11 -13.47 -30.37
CA ARG A 190 9.03 -14.40 -31.49
C ARG A 190 10.28 -15.26 -31.60
N CYS A 191 11.45 -14.67 -31.37
CA CYS A 191 12.70 -15.41 -31.40
C CYS A 191 12.75 -16.44 -30.29
N LEU A 192 12.28 -16.07 -29.09
CA LEU A 192 12.16 -16.99 -27.98
C LEU A 192 11.16 -18.09 -28.25
N LYS A 193 10.09 -17.78 -28.98
CA LYS A 193 9.11 -18.79 -29.34
C LYS A 193 9.69 -19.79 -30.34
N TRP A 194 10.47 -19.30 -31.31
CA TRP A 194 11.12 -20.17 -32.29
C TRP A 194 12.18 -21.06 -31.64
N ILE A 195 12.98 -20.50 -30.72
CA ILE A 195 13.94 -21.31 -29.98
C ILE A 195 13.24 -22.32 -29.10
N TRP A 196 12.18 -21.89 -28.40
CA TRP A 196 11.38 -22.72 -27.52
C TRP A 196 10.82 -23.93 -28.26
N ARG A 197 10.21 -23.71 -29.42
CA ARG A 197 9.68 -24.80 -30.24
C ARG A 197 10.76 -25.60 -30.95
N GLY A 198 12.03 -25.24 -30.84
CA GLY A 198 13.09 -25.96 -31.51
C GLY A 198 13.26 -25.61 -32.97
N TRP A 199 12.59 -24.57 -33.45
CA TRP A 199 12.70 -24.18 -34.85
C TRP A 199 14.06 -23.58 -35.16
N ILE A 200 14.72 -22.99 -34.19
CA ILE A 200 16.10 -22.54 -34.33
C ILE A 200 16.92 -23.32 -33.32
N VAL A 201 18.06 -23.86 -33.77
CA VAL A 201 18.89 -24.73 -32.96
C VAL A 201 20.32 -24.25 -33.08
N GLN A 202 21.10 -24.49 -32.03
CA GLN A 202 22.50 -24.07 -32.03
C GLN A 202 23.29 -24.90 -33.02
N ASN A 203 24.09 -24.21 -33.84
CA ASN A 203 24.93 -24.86 -34.82
C ASN A 203 26.05 -25.64 -34.13
N GLY A 204 26.16 -26.93 -34.47
CA GLY A 204 27.24 -27.73 -33.92
C GLY A 204 28.61 -27.34 -34.44
N LEU A 205 28.67 -26.75 -35.63
CA LEU A 205 29.95 -26.35 -36.22
C LEU A 205 30.55 -25.16 -35.49
N ASP A 206 29.74 -24.12 -35.30
CA ASP A 206 30.15 -22.90 -34.61
C ASP A 206 29.10 -22.65 -33.53
N PRO A 207 29.49 -22.52 -32.25
CA PRO A 207 28.48 -22.35 -31.20
C PRO A 207 27.93 -20.93 -31.04
N THR A 208 28.15 -20.08 -32.05
CA THR A 208 27.77 -18.68 -32.01
C THR A 208 26.87 -18.30 -33.19
N THR A 209 26.18 -19.25 -33.81
CA THR A 209 25.53 -18.97 -35.08
C THR A 209 24.02 -19.15 -35.06
N PHE A 210 23.51 -20.28 -34.53
CA PHE A 210 22.09 -20.61 -34.41
C PHE A 210 21.38 -20.67 -35.78
N ILE A 211 21.74 -21.68 -36.55
CA ILE A 211 21.08 -21.94 -37.83
C ILE A 211 19.66 -22.46 -37.59
N LYS A 212 18.76 -22.19 -38.52
CA LYS A 212 17.42 -22.76 -38.49
C LYS A 212 17.50 -24.26 -38.82
N ASP A 213 16.44 -24.99 -38.50
CA ASP A 213 16.35 -26.39 -38.86
C ASP A 213 15.05 -26.63 -39.63
N ASP A 214 15.00 -27.73 -40.36
CA ASP A 214 13.89 -28.04 -41.25
C ASP A 214 12.90 -28.97 -40.53
N SER A 215 11.75 -28.41 -40.17
CA SER A 215 10.67 -29.14 -39.53
C SER A 215 9.50 -29.40 -40.46
N LEU A 216 9.63 -29.04 -41.74
CA LEU A 216 8.53 -29.20 -42.70
C LEU A 216 8.25 -30.66 -43.02
N ALA A 217 9.30 -31.48 -43.13
CA ALA A 217 9.29 -32.92 -43.40
C ALA A 217 8.58 -33.28 -44.72
N PHE A 225 9.73 -39.09 -36.73
CA PHE A 225 9.99 -39.39 -35.33
C PHE A 225 11.46 -39.24 -34.99
N ASN A 226 11.98 -38.04 -35.18
CA ASN A 226 13.39 -37.78 -34.91
C ASN A 226 13.62 -37.71 -33.39
N PRO A 227 14.73 -38.27 -32.90
CA PRO A 227 15.05 -38.08 -31.47
C PRO A 227 15.54 -36.68 -31.15
N VAL A 228 16.21 -36.01 -32.10
CA VAL A 228 16.76 -34.68 -31.84
C VAL A 228 15.65 -33.62 -31.75
N ARG A 229 14.46 -33.92 -32.29
CA ARG A 229 13.28 -33.09 -32.09
C ARG A 229 12.86 -33.06 -30.63
N LEU A 230 13.11 -34.15 -29.89
CA LEU A 230 12.83 -34.18 -28.46
C LEU A 230 13.81 -33.33 -27.67
N LYS A 231 14.94 -32.94 -28.29
CA LYS A 231 15.91 -32.02 -27.69
C LYS A 231 15.44 -30.58 -27.67
N ALA A 232 14.27 -30.27 -28.25
CA ALA A 232 13.72 -28.93 -28.25
C ALA A 232 13.38 -28.50 -26.82
N PRO A 233 13.37 -27.20 -26.56
CA PRO A 233 13.00 -26.71 -25.23
C PRO A 233 11.56 -27.01 -24.80
N VAL A 234 10.60 -27.07 -25.75
CA VAL A 234 9.23 -27.49 -25.42
C VAL A 234 9.24 -28.89 -24.85
N TYR A 235 9.90 -29.81 -25.53
CA TYR A 235 9.83 -31.20 -25.16
C TYR A 235 10.78 -31.53 -24.02
N GLN A 236 11.93 -30.84 -23.93
CA GLN A 236 12.76 -30.97 -22.73
C GLN A 236 12.02 -30.48 -21.49
N ASN A 237 11.30 -29.37 -21.62
CA ASN A 237 10.49 -28.84 -20.51
C ASN A 237 9.36 -29.80 -20.13
N TYR A 238 8.64 -30.31 -21.13
CA TYR A 238 7.53 -31.22 -20.90
C TYR A 238 7.99 -32.54 -20.32
N LEU A 239 9.13 -33.07 -20.78
CA LEU A 239 9.63 -34.32 -20.23
C LEU A 239 10.21 -34.15 -18.84
N GLN A 240 10.82 -33.00 -18.53
CA GLN A 240 11.21 -32.74 -17.16
C GLN A 240 10.01 -32.57 -16.24
N MET A 241 8.92 -31.99 -16.75
CA MET A 241 7.68 -31.89 -15.98
C MET A 241 7.06 -33.26 -15.70
N ILE A 242 6.99 -34.10 -16.73
CA ILE A 242 6.47 -35.46 -16.59
C ILE A 242 7.36 -36.29 -15.67
N PHE A 243 8.68 -36.10 -15.76
CA PHE A 243 9.60 -36.83 -14.90
C PHE A 243 9.56 -36.34 -13.47
N SER A 244 9.25 -35.06 -13.24
CA SER A 244 9.07 -34.58 -11.88
C SER A 244 7.81 -35.15 -11.25
N PHE A 245 6.71 -35.20 -12.02
CA PHE A 245 5.50 -35.83 -11.53
C PHE A 245 5.68 -37.34 -11.33
N LEU A 246 6.49 -37.97 -12.18
CA LEU A 246 6.78 -39.39 -12.04
C LEU A 246 7.66 -39.67 -10.83
N PHE A 247 8.67 -38.83 -10.61
CA PHE A 247 9.50 -38.88 -9.40
C PHE A 247 8.65 -38.72 -8.15
N LEU A 248 7.67 -37.81 -8.18
CA LEU A 248 6.77 -37.63 -7.04
C LEU A 248 5.88 -38.85 -6.84
N GLY A 249 5.38 -39.44 -7.93
CA GLY A 249 4.54 -40.62 -7.83
C GLY A 249 5.30 -41.84 -7.32
N LEU A 250 6.53 -42.03 -7.78
CA LEU A 250 7.38 -43.08 -7.23
C LEU A 250 7.76 -42.80 -5.78
N TYR A 251 7.94 -41.52 -5.40
CA TYR A 251 8.23 -41.20 -4.02
C TYR A 251 7.07 -41.57 -3.10
N THR A 252 5.86 -41.10 -3.41
CA THR A 252 4.70 -41.38 -2.56
C THR A 252 4.24 -42.83 -2.60
N LEU A 253 4.74 -43.65 -3.52
CA LEU A 253 4.50 -45.09 -3.49
C LEU A 253 5.57 -45.84 -2.72
N VAL A 254 6.55 -45.14 -2.18
CA VAL A 254 7.61 -45.74 -1.40
C VAL A 254 7.44 -45.45 0.10
N VAL A 255 7.29 -44.16 0.45
CA VAL A 255 7.13 -43.75 1.85
C VAL A 255 5.83 -44.27 2.46
N ASN A 256 4.79 -44.47 1.65
CA ASN A 256 3.59 -45.16 2.07
C ASN A 256 3.66 -46.66 1.85
N GLY A 257 4.86 -47.20 1.64
CA GLY A 257 5.03 -48.61 1.37
C GLY A 257 5.19 -49.44 2.62
N LYS A 258 5.75 -48.86 3.68
CA LYS A 258 5.95 -49.53 4.96
C LYS A 258 4.64 -49.96 5.61
N ASP A 259 4.41 -51.27 5.65
CA ASP A 259 3.23 -51.85 6.28
C ASP A 259 3.57 -52.72 7.49
N SER A 260 4.70 -53.42 7.45
CA SER A 260 5.14 -54.26 8.55
C SER A 260 6.39 -53.67 9.18
N GLU A 261 6.58 -53.96 10.48
CA GLU A 261 7.74 -53.45 11.22
C GLU A 261 9.06 -54.05 10.74
N ARG A 262 9.02 -55.22 10.08
CA ARG A 262 10.23 -55.84 9.56
C ARG A 262 10.73 -55.12 8.31
N VAL A 263 11.81 -55.65 7.73
CA VAL A 263 12.37 -55.09 6.52
C VAL A 263 11.51 -55.51 5.34
N GLN A 264 11.22 -54.57 4.44
CA GLN A 264 10.26 -54.77 3.38
C GLN A 264 10.89 -55.50 2.19
N SER A 265 10.05 -55.79 1.19
CA SER A 265 10.40 -56.66 0.08
C SER A 265 11.40 -56.07 -0.90
N PHE A 266 11.62 -54.75 -0.88
CA PHE A 266 12.42 -53.98 -1.85
C PHE A 266 11.88 -54.21 -3.27
N ASP A 267 10.67 -53.68 -3.47
CA ASP A 267 9.88 -53.88 -4.69
C ASP A 267 10.53 -53.21 -5.90
N LEU A 268 9.91 -53.40 -7.07
CA LEU A 268 10.41 -52.87 -8.33
C LEU A 268 10.36 -51.34 -8.35
N LEU A 269 9.30 -50.76 -7.78
CA LEU A 269 9.12 -49.31 -7.78
C LEU A 269 10.15 -48.61 -6.91
N GLU A 270 10.51 -49.22 -5.78
CA GLU A 270 11.54 -48.68 -4.91
C GLU A 270 12.90 -48.67 -5.59
N SER A 271 13.19 -49.71 -6.38
CA SER A 271 14.45 -49.76 -7.12
C SER A 271 14.49 -48.73 -8.24
N ILE A 272 13.37 -48.58 -8.98
CA ILE A 272 13.27 -47.54 -10.02
C ILE A 272 13.42 -46.15 -9.41
N PHE A 273 12.84 -45.95 -8.22
CA PHE A 273 12.93 -44.68 -7.50
C PHE A 273 14.36 -44.33 -7.09
N TYR A 274 15.07 -45.28 -6.46
CA TYR A 274 16.45 -45.01 -6.09
C TYR A 274 17.38 -44.91 -7.29
N VAL A 275 17.07 -45.60 -8.40
CA VAL A 275 17.83 -45.43 -9.64
C VAL A 275 17.67 -44.03 -10.21
N PHE A 276 16.42 -43.54 -10.24
CA PHE A 276 16.14 -42.17 -10.70
C PHE A 276 16.83 -41.13 -9.81
N ASN A 277 16.79 -41.33 -8.50
CA ASN A 277 17.42 -40.35 -7.61
C ASN A 277 18.94 -40.39 -7.69
N THR A 278 19.53 -41.59 -7.84
CA THR A 278 20.99 -41.61 -7.97
C THR A 278 21.42 -41.06 -9.34
N GLY A 279 20.59 -41.21 -10.37
CA GLY A 279 20.83 -40.52 -11.62
C GLY A 279 20.80 -39.02 -11.48
N PHE A 280 19.82 -38.50 -10.73
CA PHE A 280 19.71 -37.06 -10.49
C PHE A 280 20.89 -36.53 -9.69
N ILE A 281 21.31 -37.25 -8.64
CA ILE A 281 22.42 -36.75 -7.82
C ILE A 281 23.75 -36.84 -8.58
N LEU A 282 23.96 -37.86 -9.44
CA LEU A 282 25.18 -37.88 -10.22
C LEU A 282 25.17 -36.82 -11.31
N ASP A 283 24.00 -36.53 -11.90
CA ASP A 283 23.86 -35.43 -12.85
C ASP A 283 24.20 -34.09 -12.21
N GLU A 284 23.66 -33.84 -11.01
CA GLU A 284 23.91 -32.59 -10.32
C GLU A 284 25.34 -32.49 -9.80
N LEU A 285 25.96 -33.60 -9.40
CA LEU A 285 27.35 -33.53 -8.95
C LEU A 285 28.33 -33.40 -10.12
N THR A 286 28.02 -33.98 -11.29
CA THR A 286 28.82 -33.70 -12.48
C THR A 286 28.72 -32.24 -12.89
N LYS A 287 27.52 -31.67 -12.86
CA LYS A 287 27.37 -30.24 -13.11
C LYS A 287 28.04 -29.39 -12.04
N LEU A 288 28.05 -29.87 -10.80
CA LEU A 288 28.69 -29.14 -9.70
C LEU A 288 30.20 -29.13 -9.83
N TYR A 289 30.81 -30.28 -10.16
CA TYR A 289 32.24 -30.34 -10.42
C TYR A 289 32.64 -29.53 -11.65
N TYR A 290 31.91 -29.71 -12.76
CA TYR A 290 32.16 -28.96 -14.00
C TYR A 290 31.92 -27.47 -13.82
N ILE A 291 30.68 -27.08 -13.57
CA ILE A 291 30.34 -25.68 -13.34
C ILE A 291 30.44 -25.48 -11.82
N GLY A 292 31.52 -24.86 -11.37
CA GLY A 292 31.78 -24.70 -9.96
C GLY A 292 31.43 -23.31 -9.51
N TYR A 293 30.55 -23.23 -8.50
CA TYR A 293 30.12 -22.00 -7.81
C TYR A 293 29.38 -21.03 -8.74
N ALA A 294 28.83 -21.55 -9.84
CA ALA A 294 27.81 -20.87 -10.62
C ALA A 294 26.61 -21.78 -10.78
N HIS A 295 26.67 -22.99 -10.21
CA HIS A 295 25.55 -23.89 -9.99
C HIS A 295 24.86 -23.60 -8.65
N LEU A 296 25.10 -22.44 -8.06
CA LEU A 296 24.62 -22.11 -6.72
C LEU A 296 23.28 -21.39 -6.74
N SER A 297 22.45 -21.65 -7.74
CA SER A 297 21.05 -21.23 -7.76
C SER A 297 20.28 -21.85 -6.59
N PHE A 298 19.20 -21.17 -6.18
CA PHE A 298 18.34 -21.69 -5.11
C PHE A 298 17.71 -23.01 -5.50
N TRP A 299 17.20 -23.11 -6.72
CA TRP A 299 16.53 -24.33 -7.15
C TRP A 299 17.52 -25.48 -7.31
N ASN A 300 18.76 -25.17 -7.68
CA ASN A 300 19.79 -26.20 -7.75
C ASN A 300 20.13 -26.73 -6.36
N LEU A 301 20.34 -25.84 -5.39
CA LEU A 301 20.56 -26.26 -4.00
C LEU A 301 19.35 -26.99 -3.41
N PHE A 302 18.15 -26.55 -3.78
CA PHE A 302 16.91 -27.18 -3.32
C PHE A 302 16.82 -28.61 -3.84
N ASN A 303 17.07 -28.80 -5.13
CA ASN A 303 17.10 -30.14 -5.71
C ASN A 303 18.23 -30.97 -5.14
N ASP A 304 19.41 -30.37 -4.90
CA ASP A 304 20.51 -31.07 -4.27
C ASP A 304 20.17 -31.52 -2.86
N THR A 305 19.41 -30.71 -2.13
CA THR A 305 18.96 -31.09 -0.81
C THR A 305 17.97 -32.25 -0.88
N THR A 306 17.01 -32.18 -1.83
CA THR A 306 16.08 -33.29 -2.10
C THR A 306 16.80 -34.60 -2.41
N TYR A 307 17.74 -34.55 -3.37
CA TYR A 307 18.41 -35.77 -3.81
C TYR A 307 19.40 -36.25 -2.77
N LEU A 308 20.01 -35.33 -2.02
CA LEU A 308 20.92 -35.69 -0.94
C LEU A 308 20.22 -36.43 0.18
N ILE A 309 19.04 -35.93 0.59
CA ILE A 309 18.23 -36.59 1.62
C ILE A 309 17.80 -37.98 1.15
N ILE A 310 17.29 -38.08 -0.09
CA ILE A 310 16.87 -39.39 -0.62
C ILE A 310 18.07 -40.35 -0.73
N THR A 311 19.27 -39.84 -1.09
CA THR A 311 20.46 -40.71 -1.14
C THR A 311 20.83 -41.24 0.25
N PHE A 312 20.74 -40.40 1.29
CA PHE A 312 20.99 -40.89 2.65
C PHE A 312 19.99 -41.96 3.01
N ALA A 313 18.72 -41.75 2.65
CA ALA A 313 17.68 -42.74 2.89
C ALA A 313 17.95 -44.03 2.15
N MET A 314 18.43 -43.90 0.90
CA MET A 314 18.80 -45.04 0.07
C MET A 314 19.92 -45.82 0.73
N GLY A 315 20.94 -45.10 1.24
CA GLY A 315 22.06 -45.74 1.90
C GLY A 315 21.64 -46.51 3.14
N PHE A 316 20.77 -45.90 3.97
CA PHE A 316 20.28 -46.59 5.16
C PHE A 316 19.45 -47.82 4.80
N ARG A 317 18.59 -47.69 3.78
CA ARG A 317 17.77 -48.81 3.30
C ARG A 317 18.64 -49.94 2.76
N ALA A 318 19.68 -49.57 1.99
CA ALA A 318 20.60 -50.54 1.41
C ALA A 318 21.37 -51.28 2.50
N MET A 319 21.82 -50.53 3.52
CA MET A 319 22.53 -51.14 4.63
C MET A 319 21.60 -52.08 5.40
N SER A 320 20.32 -51.71 5.55
CA SER A 320 19.35 -52.58 6.22
C SER A 320 19.15 -53.89 5.46
N VAL A 321 18.99 -53.80 4.13
CA VAL A 321 18.79 -54.97 3.28
C VAL A 321 19.98 -55.94 3.35
N THR A 322 21.20 -55.40 3.46
CA THR A 322 22.43 -56.20 3.54
C THR A 322 23.23 -55.84 4.79
N PRO A 323 22.70 -56.16 5.99
CA PRO A 323 23.34 -55.81 7.26
C PRO A 323 24.69 -56.47 7.52
N TYR A 328 24.07 -52.62 15.55
CA TYR A 328 23.30 -52.58 14.31
C TYR A 328 22.02 -53.40 14.48
N SER A 329 21.01 -53.07 13.68
CA SER A 329 19.73 -53.76 13.67
C SER A 329 19.00 -53.41 12.39
N SER A 330 18.52 -54.43 11.67
CA SER A 330 17.97 -54.24 10.33
C SER A 330 16.67 -53.44 10.36
N GLU A 331 15.79 -53.72 11.32
CA GLU A 331 14.57 -52.93 11.45
C GLU A 331 14.86 -51.52 11.93
N ASP A 332 15.93 -51.32 12.72
CA ASP A 332 16.35 -49.98 13.12
C ASP A 332 16.85 -49.17 11.92
N TRP A 333 17.66 -49.79 11.05
CA TRP A 333 18.12 -49.11 9.85
C TRP A 333 16.97 -48.85 8.86
N ASP A 334 16.02 -49.78 8.77
CA ASP A 334 14.84 -49.58 7.92
C ASP A 334 13.97 -48.43 8.44
N LYS A 335 13.80 -48.35 9.77
CA LYS A 335 13.05 -47.27 10.40
C LYS A 335 13.70 -45.92 10.18
N ILE A 336 15.02 -45.82 10.41
CA ILE A 336 15.70 -44.53 10.23
C ILE A 336 15.76 -44.17 8.75
N SER A 337 15.77 -45.16 7.85
CA SER A 337 15.70 -44.91 6.41
C SER A 337 14.38 -44.28 6.01
N TYR A 338 13.27 -44.88 6.46
CA TYR A 338 11.96 -44.32 6.13
C TYR A 338 11.70 -42.99 6.82
N ARG A 339 12.31 -42.76 7.98
CA ARG A 339 12.15 -41.47 8.65
C ARG A 339 12.87 -40.36 7.91
N VAL A 340 14.15 -40.59 7.56
CA VAL A 340 14.87 -39.56 6.80
C VAL A 340 14.31 -39.42 5.38
N LEU A 341 13.72 -40.48 4.82
CA LEU A 341 13.06 -40.36 3.52
C LEU A 341 11.79 -39.53 3.62
N SER A 342 11.02 -39.73 4.68
CA SER A 342 9.83 -38.91 4.93
C SER A 342 10.17 -37.47 5.23
N CYS A 343 11.39 -37.18 5.70
CA CYS A 343 11.84 -35.79 5.76
C CYS A 343 11.96 -35.11 4.40
N ALA A 344 12.04 -35.85 3.30
CA ALA A 344 12.18 -35.27 1.97
C ALA A 344 10.87 -34.99 1.28
N ALA A 345 9.73 -35.24 1.90
CA ALA A 345 8.44 -35.00 1.27
C ALA A 345 8.08 -33.53 1.01
N PRO A 346 8.38 -32.53 1.89
CA PRO A 346 8.21 -31.14 1.46
C PRO A 346 9.04 -30.76 0.25
N PHE A 347 10.26 -31.29 0.14
CA PHE A 347 11.11 -31.02 -1.00
C PHE A 347 10.56 -31.65 -2.28
N VAL A 348 10.04 -32.87 -2.18
CA VAL A 348 9.53 -33.57 -3.35
C VAL A 348 8.21 -32.94 -3.81
N TRP A 349 7.42 -32.42 -2.88
CA TRP A 349 6.20 -31.75 -3.31
C TRP A 349 6.41 -30.30 -3.73
N SER A 350 7.47 -29.64 -3.24
CA SER A 350 7.79 -28.29 -3.63
C SER A 350 8.65 -28.21 -4.88
N ARG A 351 9.26 -29.33 -5.29
CA ARG A 351 9.95 -29.43 -6.58
C ARG A 351 9.06 -29.10 -7.77
N LEU A 352 7.75 -29.36 -7.66
CA LEU A 352 6.83 -29.23 -8.79
C LEU A 352 6.72 -27.80 -9.30
N LEU A 353 6.89 -26.81 -8.42
CA LEU A 353 6.80 -25.41 -8.83
C LEU A 353 7.92 -25.04 -9.79
N LEU A 354 9.09 -25.64 -9.64
CA LEU A 354 10.19 -25.43 -10.58
C LEU A 354 9.85 -25.97 -11.96
N TYR A 355 9.33 -27.19 -12.02
CA TYR A 355 9.01 -27.84 -13.28
C TYR A 355 7.63 -27.50 -13.80
N LEU A 356 6.95 -26.52 -13.21
CA LEU A 356 5.73 -25.98 -13.79
C LEU A 356 5.81 -24.47 -14.00
N GLU A 357 7.03 -23.92 -14.02
CA GLU A 357 7.22 -22.49 -14.29
C GLU A 357 6.77 -22.08 -15.69
N SER A 358 6.78 -23.02 -16.65
CA SER A 358 6.24 -22.74 -17.97
C SER A 358 4.75 -22.45 -17.93
N GLN A 359 4.03 -23.01 -16.96
CA GLN A 359 2.63 -22.67 -16.79
C GLN A 359 2.56 -21.29 -16.15
N ARG A 360 1.65 -20.46 -16.65
CA ARG A 360 1.65 -19.04 -16.31
C ARG A 360 1.29 -18.79 -14.86
N PHE A 361 0.34 -19.55 -14.32
CA PHE A 361 -0.10 -19.43 -12.93
C PHE A 361 1.04 -19.67 -11.95
N ILE A 362 1.75 -20.79 -12.13
CA ILE A 362 2.84 -21.17 -11.24
C ILE A 362 4.03 -20.25 -11.41
N GLY A 363 4.32 -19.84 -12.65
CA GLY A 363 5.45 -18.97 -12.91
C GLY A 363 5.27 -17.57 -12.36
N ILE A 364 4.08 -17.00 -12.53
CA ILE A 364 3.72 -15.72 -11.91
C ILE A 364 3.81 -15.80 -10.39
N MET A 365 3.31 -16.91 -9.81
CA MET A 365 3.43 -17.14 -8.38
C MET A 365 4.87 -17.19 -7.89
N LEU A 366 5.76 -17.87 -8.62
CA LEU A 366 7.15 -17.93 -8.18
C LEU A 366 7.89 -16.63 -8.39
N VAL A 367 7.53 -15.86 -9.42
CA VAL A 367 8.06 -14.50 -9.59
C VAL A 367 7.71 -13.63 -8.39
N ILE A 368 6.44 -13.71 -7.96
CA ILE A 368 5.96 -12.99 -6.77
C ILE A 368 6.71 -13.43 -5.52
N LEU A 369 6.89 -14.74 -5.33
CA LEU A 369 7.60 -15.25 -4.16
C LEU A 369 9.08 -14.87 -4.14
N LYS A 370 9.73 -14.86 -5.31
CA LYS A 370 11.12 -14.41 -5.41
C LYS A 370 11.27 -12.97 -4.98
N HIS A 371 10.36 -12.09 -5.42
CA HIS A 371 10.42 -10.69 -5.02
C HIS A 371 10.11 -10.50 -3.54
N MET A 372 9.17 -11.28 -3.00
CA MET A 372 8.82 -11.16 -1.58
C MET A 372 9.95 -11.62 -0.68
N MET A 373 10.65 -12.72 -1.02
CA MET A 373 11.79 -13.15 -0.23
C MET A 373 12.96 -12.17 -0.33
N LYS A 374 13.17 -11.61 -1.54
CA LYS A 374 14.17 -10.57 -1.75
C LYS A 374 13.89 -9.32 -0.90
N GLU A 375 12.62 -9.00 -0.66
CA GLU A 375 12.34 -7.93 0.29
C GLU A 375 12.51 -8.35 1.73
N SER A 376 12.19 -9.61 2.05
CA SER A 376 12.24 -10.08 3.44
C SER A 376 13.64 -10.31 3.97
N ILE A 377 14.67 -10.22 3.11
CA ILE A 377 16.09 -10.27 3.52
C ILE A 377 16.41 -9.32 4.69
N VAL A 378 15.80 -8.13 4.71
CA VAL A 378 15.92 -7.17 5.81
C VAL A 378 15.42 -7.77 7.14
N PHE A 379 14.21 -8.35 7.12
CA PHE A 379 13.64 -8.99 8.31
C PHE A 379 14.50 -10.13 8.79
N PHE A 380 14.99 -10.95 7.88
CA PHE A 380 15.76 -12.11 8.28
C PHE A 380 17.12 -11.74 8.83
N PHE A 381 17.75 -10.67 8.31
CA PHE A 381 18.97 -10.16 8.91
C PHE A 381 18.73 -9.63 10.31
N LEU A 382 17.69 -8.79 10.49
CA LEU A 382 17.39 -8.26 11.81
C LEU A 382 16.96 -9.34 12.79
N LEU A 383 16.27 -10.36 12.31
CA LEU A 383 15.85 -11.47 13.14
C LEU A 383 17.03 -12.30 13.60
N PHE A 384 17.96 -12.61 12.69
CA PHE A 384 19.18 -13.31 13.06
C PHE A 384 20.04 -12.50 14.02
N LEU A 385 20.13 -11.19 13.82
CA LEU A 385 20.93 -10.35 14.71
C LEU A 385 20.35 -10.27 16.12
N ILE A 386 19.04 -10.04 16.21
CA ILE A 386 18.35 -9.98 17.50
C ILE A 386 18.37 -11.34 18.19
N MET A 387 18.23 -12.42 17.41
CA MET A 387 18.26 -13.77 17.95
C MET A 387 19.64 -14.15 18.46
N ILE A 388 20.71 -13.78 17.75
CA ILE A 388 22.08 -14.02 18.22
C ILE A 388 22.37 -13.23 19.48
N GLY A 389 21.93 -11.97 19.54
CA GLY A 389 22.08 -11.14 20.72
C GLY A 389 21.40 -11.67 21.97
N PHE A 390 20.10 -11.93 21.88
CA PHE A 390 19.38 -12.48 23.02
C PHE A 390 19.76 -13.93 23.32
N THR A 391 20.21 -14.69 22.33
CA THR A 391 20.73 -16.02 22.57
C THR A 391 22.01 -15.98 23.39
N GLN A 392 22.94 -15.08 23.03
CA GLN A 392 24.15 -14.86 23.81
C GLN A 392 23.81 -14.39 25.22
N GLY A 393 22.76 -13.57 25.35
CA GLY A 393 22.29 -13.16 26.67
C GLY A 393 21.80 -14.30 27.54
N PHE A 394 20.95 -15.15 26.99
CA PHE A 394 20.43 -16.28 27.76
C PHE A 394 21.48 -17.34 28.04
N LEU A 395 22.38 -17.61 27.08
CA LEU A 395 23.47 -18.54 27.36
C LEU A 395 24.45 -17.99 28.40
N GLY A 396 24.61 -16.68 28.45
CA GLY A 396 25.38 -16.09 29.53
C GLY A 396 24.68 -16.18 30.87
N LEU A 397 23.36 -16.03 30.89
CA LEU A 397 22.59 -16.29 32.11
C LEU A 397 22.69 -17.74 32.54
N ASP A 398 22.79 -18.66 31.58
CA ASP A 398 22.97 -20.06 31.91
C ASP A 398 24.34 -20.34 32.49
N SER A 399 25.39 -19.75 31.91
CA SER A 399 26.74 -19.91 32.42
C SER A 399 26.97 -19.18 33.73
N ALA A 400 26.14 -18.17 34.04
CA ALA A 400 26.37 -17.30 35.19
C ALA A 400 26.29 -18.03 36.53
N ASP A 401 25.30 -18.92 36.68
CA ASP A 401 25.20 -19.74 37.89
C ASP A 401 26.38 -20.69 38.05
N GLY A 402 27.01 -21.10 36.95
CA GLY A 402 28.22 -21.88 37.02
C GLY A 402 28.28 -23.02 36.02
N LYS A 403 27.12 -23.61 35.71
CA LYS A 403 27.07 -24.72 34.78
C LYS A 403 25.97 -24.50 33.76
N ARG A 404 26.22 -24.95 32.55
CA ARG A 404 25.27 -24.82 31.46
C ARG A 404 24.39 -26.07 31.46
N ASP A 405 23.14 -25.92 31.86
CA ASP A 405 22.25 -27.07 32.02
C ASP A 405 21.01 -27.03 31.14
N ILE A 406 20.50 -25.86 30.78
CA ILE A 406 19.26 -25.78 30.02
C ILE A 406 19.49 -25.07 28.69
N THR A 407 20.70 -25.24 28.12
CA THR A 407 21.09 -24.61 26.86
C THR A 407 20.18 -25.01 25.69
N GLY A 408 19.86 -26.29 25.60
CA GLY A 408 18.95 -26.82 24.60
C GLY A 408 17.54 -26.25 24.61
N PRO A 409 16.89 -26.24 25.78
CA PRO A 409 15.63 -25.49 25.92
C PRO A 409 15.71 -24.00 25.59
N ILE A 410 16.85 -23.34 25.85
CA ILE A 410 17.02 -21.93 25.47
C ILE A 410 16.99 -21.76 23.96
N LEU A 411 17.86 -22.49 23.24
CA LEU A 411 17.88 -22.45 21.77
C LEU A 411 16.52 -22.81 21.18
N GLY A 412 15.89 -23.87 21.70
CA GLY A 412 14.55 -24.26 21.31
C GLY A 412 13.49 -23.20 21.50
N ASN A 413 13.33 -22.67 22.72
CA ASN A 413 12.28 -21.70 23.01
C ASN A 413 12.47 -20.38 22.27
N LEU A 414 13.71 -19.86 22.20
CA LEU A 414 13.97 -18.64 21.43
C LEU A 414 13.72 -18.81 19.94
N THR A 415 14.07 -19.97 19.37
CA THR A 415 13.72 -20.21 17.98
C THR A 415 12.20 -20.29 17.80
N ILE A 416 11.51 -20.86 18.78
CA ILE A 416 10.06 -21.01 18.77
C ILE A 416 9.32 -19.65 18.82
N THR A 417 9.86 -18.66 19.55
CA THR A 417 9.25 -17.31 19.68
C THR A 417 8.84 -16.61 18.39
N VAL A 418 9.54 -16.87 17.27
CA VAL A 418 9.15 -16.25 16.01
C VAL A 418 7.84 -16.85 15.49
N LEU A 419 7.49 -18.06 15.92
CA LEU A 419 6.24 -18.68 15.53
C LEU A 419 5.09 -18.27 16.41
N GLY A 420 5.37 -17.57 17.51
CA GLY A 420 4.37 -17.15 18.46
C GLY A 420 4.02 -18.21 19.48
N LEU A 421 4.69 -19.35 19.46
CA LEU A 421 4.45 -20.47 20.36
C LEU A 421 5.30 -20.43 21.62
N GLY A 422 6.15 -19.42 21.78
CA GLY A 422 7.04 -19.34 22.93
C GLY A 422 6.31 -19.28 24.27
N SER A 423 6.90 -19.94 25.27
CA SER A 423 6.39 -19.96 26.63
C SER A 423 7.51 -19.58 27.59
N PHE A 424 7.16 -18.83 28.62
CA PHE A 424 8.14 -18.41 29.64
C PHE A 424 8.27 -19.45 30.76
N ASP A 425 7.56 -20.58 30.64
CA ASP A 425 7.63 -21.66 31.63
C ASP A 425 9.04 -22.25 31.72
N VAL A 426 9.74 -22.33 30.59
CA VAL A 426 11.10 -22.83 30.54
C VAL A 426 12.04 -21.94 31.35
N PHE A 427 11.88 -20.62 31.26
CA PHE A 427 12.74 -19.67 31.95
C PHE A 427 12.23 -19.25 33.33
N GLU A 428 11.11 -19.82 33.79
CA GLU A 428 10.56 -19.44 35.09
C GLU A 428 11.54 -19.77 36.22
N GLU A 429 12.11 -20.96 36.20
CA GLU A 429 13.17 -21.31 37.17
C GLU A 429 14.54 -21.04 36.55
N PHE A 430 14.85 -19.76 36.32
CA PHE A 430 16.16 -19.46 35.71
C PHE A 430 16.90 -18.34 36.44
N ALA A 431 16.37 -17.12 36.37
CA ALA A 431 16.98 -15.96 36.99
C ALA A 431 15.80 -15.10 37.42
N PRO A 432 15.87 -14.43 38.57
CA PRO A 432 14.65 -13.81 39.12
C PRO A 432 14.20 -12.57 38.35
N PRO A 433 15.05 -11.49 38.06
CA PRO A 433 14.53 -10.54 37.08
C PRO A 433 15.07 -10.66 35.66
N TYR A 434 16.15 -11.41 35.43
CA TYR A 434 16.93 -11.24 34.21
C TYR A 434 16.32 -11.97 33.03
N ALA A 435 15.86 -13.20 33.26
CA ALA A 435 15.26 -14.00 32.20
C ALA A 435 13.94 -13.41 31.72
N ALA A 436 13.15 -12.87 32.64
CA ALA A 436 11.89 -12.21 32.28
C ALA A 436 12.12 -10.97 31.45
N ILE A 437 13.05 -10.11 31.87
CA ILE A 437 13.38 -8.88 31.13
C ILE A 437 13.92 -9.21 29.74
N LEU A 438 14.88 -10.12 29.65
CA LEU A 438 15.44 -10.50 28.35
C LEU A 438 14.43 -11.19 27.45
N TYR A 439 13.63 -12.12 28.00
CA TYR A 439 12.68 -12.86 27.20
C TYR A 439 11.54 -11.99 26.72
N TYR A 440 11.03 -11.10 27.57
CA TYR A 440 9.94 -10.26 27.12
C TYR A 440 10.41 -9.11 26.24
N GLY A 441 11.63 -8.62 26.42
CA GLY A 441 12.20 -7.72 25.44
C GLY A 441 12.39 -8.36 24.08
N TYR A 442 12.87 -9.60 24.08
CA TYR A 442 13.04 -10.37 22.86
C TYR A 442 11.72 -10.67 22.18
N TYR A 443 10.71 -11.07 22.95
CA TYR A 443 9.39 -11.35 22.42
C TYR A 443 8.72 -10.08 21.91
N PHE A 444 9.02 -8.93 22.53
CA PHE A 444 8.52 -7.67 22.02
C PHE A 444 9.17 -7.32 20.69
N ILE A 445 10.50 -7.44 20.61
CA ILE A 445 11.20 -7.06 19.39
C ILE A 445 10.87 -8.02 18.25
N VAL A 446 10.59 -9.28 18.54
CA VAL A 446 10.28 -10.22 17.48
C VAL A 446 8.81 -10.17 17.09
N SER A 447 7.89 -10.28 18.05
CA SER A 447 6.49 -10.41 17.69
C SER A 447 5.84 -9.09 17.36
N VAL A 448 6.16 -8.03 18.09
CA VAL A 448 5.47 -6.76 17.88
C VAL A 448 6.19 -5.93 16.83
N ILE A 449 7.51 -5.89 16.86
CA ILE A 449 8.26 -5.02 15.97
C ILE A 449 8.57 -5.75 14.67
N LEU A 450 9.26 -6.89 14.73
CA LEU A 450 9.88 -7.42 13.53
C LEU A 450 8.92 -8.21 12.65
N LEU A 451 7.97 -8.94 13.22
CA LEU A 451 7.01 -9.66 12.38
C LEU A 451 6.06 -8.72 11.67
N ASN A 452 5.71 -7.60 12.30
CA ASN A 452 4.91 -6.59 11.64
C ASN A 452 5.71 -5.85 10.57
N ILE A 453 7.01 -5.67 10.80
CA ILE A 453 7.91 -5.18 9.76
C ILE A 453 7.95 -6.15 8.57
N LEU A 454 7.93 -7.46 8.85
CA LEU A 454 7.90 -8.46 7.78
C LEU A 454 6.63 -8.38 6.95
N ILE A 455 5.49 -8.12 7.60
CA ILE A 455 4.24 -7.90 6.89
C ILE A 455 4.32 -6.64 6.02
N ALA A 456 4.98 -5.59 6.53
CA ALA A 456 5.19 -4.36 5.75
C ALA A 456 6.04 -4.60 4.50
N LEU A 457 7.15 -5.34 4.67
CA LEU A 457 8.02 -5.68 3.55
C LEU A 457 7.31 -6.53 2.51
N TYR A 458 6.49 -7.48 2.96
CA TYR A 458 5.75 -8.34 2.04
C TYR A 458 4.69 -7.57 1.27
N SER A 459 4.01 -6.63 1.95
CA SER A 459 3.00 -5.79 1.30
C SER A 459 3.62 -4.92 0.22
N THR A 460 4.75 -4.28 0.52
CA THR A 460 5.41 -3.43 -0.46
C THR A 460 5.97 -4.23 -1.63
N ALA A 461 6.55 -5.41 -1.34
CA ALA A 461 7.09 -6.28 -2.39
C ALA A 461 6.00 -6.78 -3.32
N TYR A 462 4.86 -7.18 -2.78
CA TYR A 462 3.76 -7.61 -3.63
C TYR A 462 3.16 -6.47 -4.43
N GLN A 463 3.05 -5.27 -3.85
CA GLN A 463 2.56 -4.13 -4.62
C GLN A 463 3.52 -3.72 -5.72
N LYS A 464 4.81 -3.93 -5.53
CA LYS A 464 5.74 -3.62 -6.59
C LYS A 464 5.74 -4.69 -7.68
N VAL A 465 5.54 -5.95 -7.32
CA VAL A 465 5.70 -7.02 -8.30
C VAL A 465 4.40 -7.32 -9.05
N ILE A 466 3.23 -7.01 -8.46
CA ILE A 466 1.97 -7.33 -9.14
C ILE A 466 1.74 -6.40 -10.33
N ASP A 467 2.32 -5.20 -10.34
CA ASP A 467 2.26 -4.37 -11.53
C ASP A 467 3.16 -4.91 -12.63
N ASN A 468 4.33 -5.42 -12.26
CA ASN A 468 5.33 -5.93 -13.19
C ASN A 468 5.36 -7.44 -13.20
N ALA A 469 4.22 -8.10 -13.10
CA ALA A 469 4.23 -9.56 -13.01
C ALA A 469 4.42 -10.19 -14.37
N ASP A 470 3.78 -9.63 -15.40
CA ASP A 470 3.92 -10.14 -16.76
C ASP A 470 5.33 -9.94 -17.30
N ASP A 471 5.92 -8.78 -17.04
CA ASP A 471 7.27 -8.48 -17.52
C ASP A 471 8.31 -9.35 -16.86
N GLU A 472 8.22 -9.52 -15.53
CA GLU A 472 9.16 -10.37 -14.82
C GLU A 472 8.94 -11.85 -15.14
N TYR A 473 7.70 -12.26 -15.43
CA TYR A 473 7.46 -13.63 -15.87
C TYR A 473 8.00 -13.86 -17.28
N MET A 474 7.88 -12.87 -18.17
CA MET A 474 8.48 -12.96 -19.49
C MET A 474 9.99 -13.04 -19.40
N ALA A 475 10.60 -12.32 -18.46
CA ALA A 475 12.03 -12.43 -18.22
C ALA A 475 12.40 -13.81 -17.67
N LEU A 476 11.54 -14.39 -16.84
CA LEU A 476 11.76 -15.74 -16.32
C LEU A 476 11.67 -16.79 -17.41
N MET A 477 10.67 -16.70 -18.27
CA MET A 477 10.56 -17.64 -19.38
C MET A 477 11.64 -17.45 -20.42
N SER A 478 12.09 -16.22 -20.61
CA SER A 478 13.24 -15.97 -21.47
C SER A 478 14.50 -16.59 -20.90
N GLN A 479 14.71 -16.45 -19.59
CA GLN A 479 15.84 -17.09 -18.90
C GLN A 479 15.79 -18.60 -19.02
N LYS A 480 14.60 -19.19 -18.94
CA LYS A 480 14.43 -20.63 -19.09
C LYS A 480 14.74 -21.09 -20.51
N THR A 481 14.19 -20.38 -21.51
CA THR A 481 14.43 -20.67 -22.92
C THR A 481 15.91 -20.59 -23.27
N LEU A 482 16.61 -19.60 -22.73
CA LEU A 482 18.04 -19.48 -23.00
C LEU A 482 18.87 -20.43 -22.14
N ARG A 483 18.35 -20.90 -21.01
CA ARG A 483 18.98 -22.02 -20.31
C ARG A 483 18.97 -23.28 -21.17
N TYR A 484 17.90 -23.48 -21.93
CA TYR A 484 17.84 -24.68 -22.77
C TYR A 484 18.70 -24.62 -24.02
N ILE A 485 19.46 -23.55 -24.27
CA ILE A 485 20.48 -23.54 -25.32
C ILE A 485 21.84 -23.17 -24.72
N ARG A 486 22.01 -23.50 -23.44
CA ARG A 486 23.26 -23.34 -22.66
C ARG A 486 23.74 -21.90 -22.59
N LYS A 517 20.94 -48.99 -15.47
CA LYS A 517 20.69 -48.14 -16.63
C LYS A 517 19.61 -48.74 -17.52
N ASP A 518 19.67 -50.06 -17.73
CA ASP A 518 18.70 -50.77 -18.54
C ASP A 518 17.30 -50.68 -17.95
N LEU A 519 17.19 -50.85 -16.62
CA LEU A 519 15.91 -50.77 -15.92
C LEU A 519 15.30 -49.38 -16.05
N SER A 520 16.13 -48.34 -15.91
CA SER A 520 15.67 -46.95 -16.04
C SER A 520 15.15 -46.68 -17.45
N TYR A 521 15.87 -47.16 -18.47
CA TYR A 521 15.45 -46.99 -19.86
C TYR A 521 14.14 -47.70 -20.13
N THR A 522 13.99 -48.94 -19.61
CA THR A 522 12.75 -49.69 -19.80
C THR A 522 11.57 -49.00 -19.13
N VAL A 523 11.79 -48.50 -17.90
CA VAL A 523 10.76 -47.79 -17.15
C VAL A 523 10.37 -46.51 -17.87
N MET A 524 11.37 -45.77 -18.38
CA MET A 524 11.12 -44.53 -19.10
C MET A 524 10.32 -44.78 -20.37
N THR A 525 10.68 -45.83 -21.12
CA THR A 525 9.96 -46.18 -22.35
C THR A 525 8.51 -46.54 -22.05
N ILE A 526 8.30 -47.34 -20.99
CA ILE A 526 6.97 -47.76 -20.58
C ILE A 526 6.12 -46.57 -20.11
N VAL A 527 6.74 -45.62 -19.41
CA VAL A 527 6.00 -44.50 -18.84
C VAL A 527 5.84 -43.28 -19.76
N TYR A 528 6.75 -43.05 -20.70
CA TYR A 528 6.68 -41.88 -21.56
C TYR A 528 6.01 -42.13 -22.91
N SER A 529 5.49 -43.33 -23.15
CA SER A 529 4.94 -43.69 -24.46
C SER A 529 3.76 -42.84 -24.97
N PRO A 530 2.64 -42.61 -24.22
CA PRO A 530 1.57 -41.77 -24.80
C PRO A 530 1.97 -40.31 -24.97
N PHE A 531 2.91 -39.83 -24.15
CA PHE A 531 3.40 -38.47 -24.29
C PHE A 531 4.22 -38.32 -25.56
N LEU A 532 5.06 -39.32 -25.88
CA LEU A 532 5.77 -39.36 -27.16
C LEU A 532 4.80 -39.43 -28.33
N LEU A 533 3.71 -40.19 -28.17
CA LEU A 533 2.68 -40.27 -29.21
C LEU A 533 2.02 -38.92 -29.48
N LEU A 534 1.62 -38.21 -28.42
CA LEU A 534 1.02 -36.88 -28.55
C LEU A 534 2.01 -35.87 -29.12
N ILE A 535 3.28 -35.95 -28.71
CA ILE A 535 4.34 -35.10 -29.25
C ILE A 535 4.53 -35.33 -30.74
N SER A 536 4.48 -36.59 -31.17
CA SER A 536 4.68 -36.89 -32.59
C SER A 536 3.50 -36.42 -33.45
N VAL A 537 2.26 -36.62 -32.96
CA VAL A 537 1.11 -36.18 -33.74
C VAL A 537 1.01 -34.64 -33.78
N LYS A 538 1.41 -33.97 -32.69
CA LYS A 538 1.45 -32.51 -32.68
C LYS A 538 2.56 -31.98 -33.58
N GLU A 539 3.70 -32.69 -33.64
CA GLU A 539 4.79 -32.33 -34.55
C GLU A 539 4.38 -32.45 -36.01
N THR A 540 3.59 -33.48 -36.35
CA THR A 540 3.07 -33.61 -37.71
C THR A 540 2.10 -32.48 -38.05
N ARG A 541 1.27 -32.09 -37.08
CA ARG A 541 0.38 -30.94 -37.27
C ARG A 541 1.17 -29.65 -37.47
N GLU A 542 2.27 -29.48 -36.71
CA GLU A 542 3.16 -28.33 -36.91
C GLU A 542 3.80 -28.35 -38.28
N ALA A 543 4.16 -29.54 -38.76
CA ALA A 543 4.84 -29.67 -40.06
C ALA A 543 3.90 -29.33 -41.20
N ARG A 544 2.63 -29.77 -41.11
CA ARG A 544 1.66 -29.41 -42.14
C ARG A 544 1.30 -27.93 -42.08
N ARG A 545 1.24 -27.35 -40.88
CA ARG A 545 1.05 -25.90 -40.74
C ARG A 545 2.21 -25.09 -41.35
N ILE A 546 3.45 -25.53 -41.13
CA ILE A 546 4.61 -24.86 -41.70
C ILE A 546 4.64 -25.03 -43.22
N LYS A 547 4.21 -26.20 -43.71
CA LYS A 547 4.09 -26.43 -45.15
C LYS A 547 3.06 -25.51 -45.80
N TYR A 548 1.94 -25.27 -45.11
CA TYR A 548 0.96 -24.30 -45.61
C TYR A 548 1.52 -22.89 -45.59
N ASN A 549 2.15 -22.49 -44.48
CA ASN A 549 2.68 -21.14 -44.35
C ASN A 549 3.85 -20.86 -45.28
N ARG A 550 4.54 -21.91 -45.73
CA ARG A 550 5.59 -21.77 -46.73
C ARG A 550 5.07 -21.88 -48.15
N MET A 551 3.91 -22.52 -48.36
CA MET A 551 3.25 -22.43 -49.66
C MET A 551 2.86 -21.01 -50.00
N LYS A 552 2.45 -20.23 -49.00
CA LYS A 552 2.32 -18.79 -49.14
C LYS A 552 3.63 -18.14 -48.71
N ARG A 553 3.70 -16.81 -48.82
CA ARG A 553 4.91 -16.12 -48.42
C ARG A 553 4.74 -15.59 -46.99
N LEU A 554 4.65 -16.55 -46.06
CA LEU A 554 4.46 -16.26 -44.65
C LEU A 554 5.62 -16.83 -43.85
N ASN A 555 5.65 -16.49 -42.56
CA ASN A 555 6.83 -16.64 -41.73
C ASN A 555 6.77 -17.85 -40.80
N ASP A 556 6.13 -18.94 -41.22
CA ASP A 556 6.09 -20.27 -40.62
C ASP A 556 5.29 -20.34 -39.32
N ASP A 557 4.78 -19.23 -38.80
CA ASP A 557 3.96 -19.20 -37.60
C ASP A 557 2.79 -18.25 -37.77
N ALA A 558 2.28 -18.13 -38.98
CA ALA A 558 1.32 -17.09 -39.28
C ALA A 558 -0.12 -17.52 -39.12
N ASN A 559 -0.40 -18.81 -39.16
CA ASN A 559 -1.77 -19.31 -39.12
C ASN A 559 -1.86 -20.33 -38.00
N GLU A 560 -2.07 -19.83 -36.78
CA GLU A 560 -2.14 -20.67 -35.60
C GLU A 560 -3.42 -20.53 -34.81
N TYR A 561 -4.19 -19.45 -35.02
CA TYR A 561 -5.30 -19.15 -34.13
C TYR A 561 -6.68 -19.24 -34.78
N ASP A 562 -6.78 -18.97 -36.08
CA ASP A 562 -8.03 -18.93 -36.86
C ASP A 562 -9.00 -17.91 -36.25
N THR A 563 -8.59 -16.66 -36.39
CA THR A 563 -9.21 -15.55 -35.69
C THR A 563 -10.48 -15.10 -36.42
N PRO A 564 -11.40 -14.40 -35.73
CA PRO A 564 -12.60 -13.92 -36.43
C PRO A 564 -12.40 -12.68 -37.29
N TRP A 565 -11.50 -11.77 -36.91
CA TRP A 565 -11.31 -10.54 -37.66
C TRP A 565 -10.56 -10.74 -38.97
N ASP A 566 -9.90 -11.89 -39.16
CA ASP A 566 -9.29 -12.22 -40.43
C ASP A 566 -10.09 -13.34 -41.06
N LEU A 567 -10.68 -13.08 -42.22
CA LEU A 567 -11.45 -14.09 -42.92
C LEU A 567 -10.58 -15.11 -43.65
N THR A 568 -9.28 -14.88 -43.75
CA THR A 568 -8.35 -15.80 -44.40
C THR A 568 -7.19 -16.11 -43.45
N ASP A 569 -7.39 -17.10 -42.58
CA ASP A 569 -6.39 -17.45 -41.57
C ASP A 569 -6.62 -18.87 -41.09
N GLY A 570 -5.65 -19.37 -40.35
CA GLY A 570 -5.75 -20.69 -39.76
C GLY A 570 -5.37 -21.78 -40.72
N TYR A 571 -5.45 -23.00 -40.21
CA TYR A 571 -5.15 -24.22 -40.96
C TYR A 571 -6.21 -25.25 -40.63
N LEU A 572 -6.87 -25.78 -41.68
CA LEU A 572 -7.98 -26.71 -41.48
C LEU A 572 -7.53 -28.03 -40.90
N ASP A 573 -6.40 -28.56 -41.36
CA ASP A 573 -5.93 -29.85 -40.89
C ASP A 573 -4.98 -29.69 -39.71
N ASP A 581 -3.23 -29.62 -48.79
CA ASP A 581 -3.84 -28.56 -48.00
C ASP A 581 -4.80 -27.71 -48.83
N ASN A 582 -5.75 -28.37 -49.49
CA ASN A 582 -6.73 -27.66 -50.32
C ASN A 582 -8.08 -27.51 -49.63
N ARG A 583 -8.31 -28.28 -48.56
CA ARG A 583 -9.53 -28.13 -47.76
C ARG A 583 -9.56 -26.78 -47.05
N ASN A 584 -8.38 -26.32 -46.61
CA ASN A 584 -8.27 -25.00 -46.00
C ASN A 584 -8.52 -23.88 -46.99
N SER A 585 -7.97 -24.01 -48.21
CA SER A 585 -8.23 -23.05 -49.28
C SER A 585 -9.70 -23.05 -49.69
N GLY A 586 -10.32 -24.23 -49.70
CA GLY A 586 -11.75 -24.32 -49.96
C GLY A 586 -12.58 -23.65 -48.88
N MET A 587 -12.17 -23.80 -47.61
CA MET A 587 -12.86 -23.14 -46.51
C MET A 587 -12.73 -21.63 -46.59
N ARG A 588 -11.53 -21.13 -46.94
CA ARG A 588 -11.33 -19.70 -47.11
C ARG A 588 -12.12 -19.16 -48.31
N ALA A 589 -12.20 -19.94 -49.40
CA ALA A 589 -13.04 -19.56 -50.54
C ALA A 589 -14.51 -19.51 -50.16
N THR A 590 -14.96 -20.45 -49.33
CA THR A 590 -16.33 -20.45 -48.81
C THR A 590 -16.57 -19.21 -47.94
N GLN A 591 -15.58 -18.84 -47.13
CA GLN A 591 -15.66 -17.67 -46.26
C GLN A 591 -15.79 -16.38 -47.07
N LEU A 592 -14.93 -16.21 -48.08
CA LEU A 592 -14.99 -15.02 -48.92
C LEU A 592 -16.24 -14.99 -49.79
N LYS A 593 -16.71 -16.15 -50.28
CA LYS A 593 -17.94 -16.19 -51.06
C LYS A 593 -19.17 -15.85 -50.25
N ASN A 594 -19.32 -16.44 -49.05
CA ASN A 594 -20.44 -16.12 -48.19
C ASN A 594 -20.39 -14.68 -47.71
N SER A 595 -19.19 -14.17 -47.41
CA SER A 595 -19.06 -12.80 -46.92
C SER A 595 -19.37 -11.79 -48.02
N ARG A 596 -18.82 -12.01 -49.23
CA ARG A 596 -19.06 -11.10 -50.35
C ARG A 596 -20.49 -11.17 -50.84
N SER A 597 -21.11 -12.36 -50.80
CA SER A 597 -22.50 -12.49 -51.17
C SER A 597 -23.42 -11.76 -50.20
N LEU A 598 -23.21 -11.97 -48.89
CA LEU A 598 -24.08 -11.36 -47.90
C LEU A 598 -23.82 -9.86 -47.70
N LYS A 599 -22.63 -9.36 -48.02
CA LYS A 599 -22.45 -7.90 -48.04
C LYS A 599 -23.18 -7.27 -49.22
N LEU A 600 -23.04 -7.84 -50.42
CA LEU A 600 -23.71 -7.34 -51.61
C LEU A 600 -25.18 -7.75 -51.72
N GLN A 601 -25.75 -8.38 -50.69
CA GLN A 601 -27.19 -8.66 -50.66
C GLN A 601 -28.00 -7.36 -50.62
N ARG A 602 -27.46 -6.30 -50.05
CA ARG A 602 -28.01 -4.97 -50.16
C ARG A 602 -26.89 -4.04 -50.59
N THR A 603 -27.07 -3.38 -51.74
CA THR A 603 -26.06 -2.50 -52.30
C THR A 603 -25.79 -1.27 -51.45
N ALA A 604 -26.73 -0.86 -50.60
CA ALA A 604 -26.50 0.30 -49.75
C ALA A 604 -25.54 -0.01 -48.60
N GLU A 605 -25.47 -1.26 -48.17
CA GLU A 605 -24.51 -1.67 -47.15
C GLU A 605 -23.16 -1.78 -47.83
N GLN A 606 -22.43 -0.66 -47.85
CA GLN A 606 -21.12 -0.55 -48.47
C GLN A 606 -20.40 0.61 -47.80
N GLU A 607 -19.06 0.56 -47.91
CA GLU A 607 -18.10 1.53 -47.33
C GLU A 607 -18.22 1.62 -45.83
N GLY B 26 37.96 33.70 -3.85
CA GLY B 26 37.58 34.30 -2.58
C GLY B 26 38.53 33.95 -1.47
N PHE B 27 38.91 34.95 -0.68
CA PHE B 27 39.83 34.76 0.44
C PHE B 27 39.34 35.40 1.73
N GLU B 28 38.44 36.37 1.68
CA GLU B 28 37.90 37.00 2.86
C GLU B 28 36.38 36.90 2.80
N ALA B 29 35.75 36.70 3.96
CA ALA B 29 34.31 36.46 3.98
C ALA B 29 33.57 37.78 4.13
N PRO B 30 32.41 37.95 3.50
CA PRO B 30 31.60 39.16 3.75
C PRO B 30 31.02 39.16 5.15
N THR B 31 30.46 40.30 5.52
CA THR B 31 29.94 40.46 6.86
C THR B 31 28.57 39.80 6.92
N PRO B 32 28.05 39.48 8.12
CA PRO B 32 26.72 38.85 8.21
C PRO B 32 25.56 39.65 7.63
N ARG B 33 25.58 40.98 7.68
CA ARG B 33 24.48 41.72 7.09
C ARG B 33 24.53 41.70 5.56
N GLN B 34 25.73 41.64 4.97
CA GLN B 34 25.83 41.45 3.52
C GLN B 34 25.31 40.08 3.09
N ILE B 35 25.63 39.04 3.86
CA ILE B 35 25.10 37.70 3.57
C ILE B 35 23.59 37.66 3.76
N LEU B 36 23.08 38.43 4.74
CA LEU B 36 21.64 38.62 4.91
C LEU B 36 21.01 39.30 3.70
N ARG B 37 21.69 40.30 3.12
CA ARG B 37 21.17 40.96 1.92
C ARG B 37 21.21 40.02 0.70
N VAL B 38 22.26 39.20 0.58
CA VAL B 38 22.33 38.22 -0.50
C VAL B 38 21.20 37.20 -0.36
N THR B 39 20.92 36.77 0.87
CA THR B 39 19.81 35.88 1.16
C THR B 39 18.47 36.52 0.83
N LEU B 40 18.31 37.81 1.12
CA LEU B 40 17.06 38.50 0.81
C LEU B 40 16.88 38.69 -0.69
N ASN B 41 17.96 38.98 -1.41
CA ASN B 41 17.88 39.11 -2.86
C ASN B 41 17.52 37.79 -3.50
N LEU B 42 18.06 36.68 -2.98
CA LEU B 42 17.70 35.37 -3.53
C LEU B 42 16.29 34.96 -3.15
N LYS B 43 15.83 35.30 -1.95
CA LYS B 43 14.46 35.03 -1.56
C LYS B 43 13.48 35.83 -2.41
N TYR B 44 13.80 37.10 -2.67
CA TYR B 44 13.01 37.93 -3.57
C TYR B 44 13.01 37.38 -4.99
N LEU B 45 14.17 36.92 -5.47
CA LEU B 45 14.28 36.33 -6.80
C LEU B 45 13.46 35.05 -6.92
N ILE B 46 13.45 34.21 -5.88
CA ILE B 46 12.68 32.99 -5.92
C ILE B 46 11.18 33.30 -5.80
N ASP B 47 10.81 34.33 -5.03
CA ASP B 47 9.42 34.75 -4.98
C ASP B 47 8.93 35.33 -6.30
N LYS B 48 9.80 36.01 -7.04
CA LYS B 48 9.39 36.51 -8.34
C LYS B 48 9.38 35.42 -9.41
N VAL B 49 10.36 34.52 -9.41
CA VAL B 49 10.41 33.51 -10.47
C VAL B 49 9.46 32.36 -10.16
N VAL B 50 9.21 32.06 -8.89
CA VAL B 50 8.33 30.94 -8.53
C VAL B 50 7.19 31.47 -7.66
N PRO B 51 6.19 32.14 -8.21
CA PRO B 51 5.08 32.62 -7.37
C PRO B 51 3.92 31.65 -7.20
N ILE B 52 4.02 30.41 -7.70
CA ILE B 52 2.90 29.48 -7.75
C ILE B 52 3.39 28.06 -7.51
N VAL B 53 2.44 27.15 -7.37
CA VAL B 53 2.69 25.74 -7.04
C VAL B 53 3.43 25.01 -8.16
N TYR B 54 3.25 25.48 -9.40
CA TYR B 54 3.93 24.99 -10.62
C TYR B 54 3.82 23.47 -10.86
N ILE B 66 11.40 27.03 -15.92
CA ILE B 66 11.30 27.85 -14.72
C ILE B 66 12.67 28.41 -14.41
N LEU B 67 13.58 27.52 -14.05
CA LEU B 67 14.94 27.90 -13.65
C LEU B 67 15.82 28.03 -14.90
N SER B 68 15.52 29.07 -15.68
CA SER B 68 16.18 29.39 -16.93
C SER B 68 17.63 29.83 -16.65
N PRO B 69 18.51 29.80 -17.67
CA PRO B 69 19.86 30.35 -17.46
C PRO B 69 19.91 31.85 -17.17
N LYS B 70 18.89 32.61 -17.58
CA LYS B 70 18.78 33.99 -17.13
C LYS B 70 18.49 34.07 -15.63
N VAL B 71 17.75 33.10 -15.08
CA VAL B 71 17.53 33.06 -13.62
C VAL B 71 18.83 32.71 -12.89
N VAL B 72 19.65 31.85 -13.50
CA VAL B 72 20.93 31.49 -12.92
C VAL B 72 21.90 32.67 -12.97
N LYS B 73 21.84 33.45 -14.05
CA LYS B 73 22.62 34.69 -14.12
C LYS B 73 22.12 35.72 -13.12
N LEU B 74 20.80 35.78 -12.89
CA LEU B 74 20.24 36.67 -11.88
C LEU B 74 20.66 36.29 -10.48
N ALA B 75 20.72 34.98 -10.21
CA ALA B 75 21.22 34.46 -8.94
C ALA B 75 22.69 34.82 -8.73
N TYR B 76 23.50 34.73 -9.81
CA TYR B 76 24.87 35.21 -9.73
C TYR B 76 24.94 36.72 -9.51
N GLU B 77 23.99 37.47 -10.05
CA GLU B 77 23.98 38.92 -9.89
C GLU B 77 23.33 39.35 -8.59
N ALA B 78 22.55 38.47 -7.95
CA ALA B 78 21.88 38.79 -6.69
C ALA B 78 22.85 38.99 -5.53
N CYS B 79 24.09 38.53 -5.66
CA CYS B 79 25.05 38.71 -4.59
C CYS B 79 25.66 40.11 -4.60
N GLY B 80 26.12 40.55 -5.74
CA GLY B 80 26.68 41.89 -5.88
C GLY B 80 28.16 41.84 -6.19
N GLY B 81 28.75 43.01 -6.26
CA GLY B 81 30.13 43.16 -6.66
C GLY B 81 30.24 43.78 -8.04
N ASN B 82 31.43 44.30 -8.33
CA ASN B 82 31.68 44.94 -9.62
C ASN B 82 31.82 43.88 -10.71
N PRO B 83 30.98 43.88 -11.75
CA PRO B 83 31.21 42.97 -12.89
C PRO B 83 32.50 43.26 -13.64
N LYS B 84 32.99 44.50 -13.56
CA LYS B 84 34.31 44.86 -14.09
C LYS B 84 35.42 44.11 -13.37
N ASP B 85 35.25 43.82 -12.09
CA ASP B 85 36.26 43.15 -11.29
C ASP B 85 35.98 41.64 -11.21
N LYS B 86 36.99 40.91 -10.76
CA LYS B 86 36.92 39.49 -10.40
C LYS B 86 37.80 39.33 -9.18
N ALA B 87 37.38 38.44 -8.27
CA ALA B 87 37.71 38.20 -6.85
C ALA B 87 37.00 39.20 -5.95
N ASN B 88 36.27 40.16 -6.50
CA ASN B 88 35.27 40.89 -5.75
C ASN B 88 33.87 40.42 -6.11
N LYS B 89 33.68 39.97 -7.35
CA LYS B 89 32.45 39.23 -7.67
C LYS B 89 32.46 37.87 -7.01
N ARG B 90 33.61 37.19 -7.02
CA ARG B 90 33.70 35.86 -6.40
C ARG B 90 33.60 35.93 -4.89
N LYS B 91 34.01 37.07 -4.28
CA LYS B 91 33.89 37.27 -2.84
C LYS B 91 32.44 37.22 -2.36
N TYR B 92 31.51 37.72 -3.18
CA TYR B 92 30.11 37.67 -2.79
C TYR B 92 29.36 36.54 -3.45
N GLN B 93 29.83 36.03 -4.58
CA GLN B 93 29.32 34.78 -5.14
C GLN B 93 29.82 33.56 -4.39
N SER B 94 30.71 33.70 -3.42
CA SER B 94 31.07 32.57 -2.59
C SER B 94 29.95 32.17 -1.63
N VAL B 95 29.10 33.11 -1.23
CA VAL B 95 28.05 32.80 -0.26
C VAL B 95 26.73 32.44 -0.95
N ILE B 96 26.77 32.12 -2.25
CA ILE B 96 25.55 31.87 -3.00
C ILE B 96 24.84 30.59 -2.53
N ILE B 97 25.59 29.52 -2.26
CA ILE B 97 25.00 28.26 -1.84
C ILE B 97 24.50 28.35 -0.41
N PHE B 98 25.29 28.95 0.48
CA PHE B 98 24.87 29.20 1.86
C PHE B 98 23.61 30.06 1.92
N SER B 99 23.52 31.07 1.07
CA SER B 99 22.36 31.95 1.08
C SER B 99 21.13 31.26 0.51
N LEU B 100 21.28 30.46 -0.56
CA LEU B 100 20.15 29.68 -1.05
C LEU B 100 19.68 28.63 -0.06
N LEU B 101 20.59 28.05 0.72
CA LEU B 101 20.15 27.12 1.74
C LEU B 101 19.51 27.82 2.94
N LYS B 102 19.92 29.04 3.26
CA LYS B 102 19.17 29.80 4.26
C LYS B 102 17.80 30.23 3.73
N VAL B 103 17.69 30.44 2.42
CA VAL B 103 16.39 30.66 1.78
C VAL B 103 15.51 29.43 1.91
N CYS B 104 16.09 28.23 1.73
CA CYS B 104 15.38 26.97 2.00
C CYS B 104 14.93 26.85 3.45
N GLU B 105 15.81 27.22 4.39
CA GLU B 105 15.49 27.26 5.82
C GLU B 105 14.33 28.19 6.11
N TRP B 106 14.34 29.37 5.49
CA TRP B 106 13.30 30.36 5.71
C TRP B 106 11.97 29.90 5.12
N TYR B 107 12.01 29.23 3.97
CA TYR B 107 10.77 28.69 3.41
C TYR B 107 10.22 27.53 4.22
N SER B 108 11.09 26.75 4.86
CA SER B 108 10.62 25.74 5.81
C SER B 108 9.96 26.38 7.03
N ILE B 109 10.53 27.49 7.52
CA ILE B 109 9.93 28.26 8.60
C ILE B 109 8.57 28.83 8.18
N LEU B 110 8.48 29.33 6.95
CA LEU B 110 7.23 29.86 6.39
C LEU B 110 6.16 28.78 6.28
N ALA B 111 6.52 27.61 5.77
CA ALA B 111 5.58 26.49 5.72
C ALA B 111 5.16 26.03 7.10
N THR B 112 6.05 26.16 8.10
CA THR B 112 5.64 25.89 9.48
C THR B 112 4.65 26.95 9.99
N MET B 113 4.82 28.20 9.57
CA MET B 113 3.97 29.27 10.10
C MET B 113 2.64 29.35 9.35
N GLU B 114 2.68 29.38 8.03
CA GLU B 114 1.46 29.37 7.22
C GLU B 114 1.22 27.93 6.80
N VAL B 115 0.56 27.19 7.72
CA VAL B 115 0.28 25.77 7.54
C VAL B 115 -0.63 25.53 6.35
N HIS B 116 -1.56 26.46 6.11
CA HIS B 116 -2.44 26.36 4.95
C HIS B 116 -1.69 26.58 3.64
N ASN B 117 -0.72 27.49 3.63
CA ASN B 117 0.04 27.83 2.43
C ASN B 117 1.38 27.09 2.39
N ALA B 118 1.43 25.90 2.98
CA ALA B 118 2.67 25.13 3.04
C ALA B 118 3.12 24.61 1.68
N LYS B 119 2.18 24.41 0.74
CA LYS B 119 2.56 23.84 -0.55
C LYS B 119 3.31 24.84 -1.42
N LEU B 120 2.94 26.13 -1.34
CA LEU B 120 3.66 27.17 -2.06
C LEU B 120 5.09 27.32 -1.58
N TYR B 121 5.28 27.34 -0.26
CA TYR B 121 6.63 27.47 0.27
C TYR B 121 7.44 26.20 0.13
N GLU B 122 6.80 25.02 0.15
CA GLU B 122 7.50 23.79 -0.20
C GLU B 122 7.94 23.78 -1.66
N THR B 123 7.11 24.34 -2.55
CA THR B 123 7.49 24.50 -3.95
C THR B 123 8.67 25.44 -4.10
N ARG B 124 8.62 26.60 -3.41
CA ARG B 124 9.69 27.58 -3.46
C ARG B 124 10.99 27.01 -2.88
N ASN B 125 10.88 26.24 -1.79
CA ASN B 125 12.03 25.59 -1.16
C ASN B 125 12.64 24.58 -2.12
N LEU B 126 11.80 23.78 -2.80
CA LEU B 126 12.29 22.81 -3.78
C LEU B 126 12.95 23.52 -4.96
N ALA B 127 12.38 24.64 -5.40
CA ALA B 127 12.94 25.43 -6.49
C ALA B 127 14.30 25.98 -6.12
N SER B 128 14.43 26.44 -4.87
CA SER B 128 15.70 26.94 -4.35
C SER B 128 16.73 25.81 -4.32
N GLN B 129 16.30 24.61 -3.90
CA GLN B 129 17.18 23.45 -3.87
C GLN B 129 17.66 23.06 -5.27
N GLN B 130 16.75 23.08 -6.26
CA GLN B 130 17.12 22.76 -7.63
C GLN B 130 18.05 23.81 -8.22
N LEU B 131 17.81 25.09 -7.92
CA LEU B 131 18.68 26.17 -8.38
C LEU B 131 20.06 26.02 -7.76
N CYS B 132 20.08 25.65 -6.47
CA CYS B 132 21.32 25.41 -5.75
C CYS B 132 22.08 24.24 -6.34
N LYS B 133 21.37 23.18 -6.72
CA LYS B 133 21.96 22.01 -7.37
C LYS B 133 22.58 22.38 -8.71
N LEU B 134 21.88 23.23 -9.47
CA LEU B 134 22.38 23.72 -10.76
C LEU B 134 23.66 24.51 -10.58
N LEU B 135 23.68 25.38 -9.57
CA LEU B 135 24.86 26.19 -9.26
C LEU B 135 26.05 25.35 -8.84
N ILE B 136 25.81 24.32 -8.01
CA ILE B 136 26.88 23.42 -7.58
C ILE B 136 27.44 22.63 -8.77
N GLU B 137 26.55 22.16 -9.65
CA GLU B 137 27.01 21.37 -10.79
C GLU B 137 27.68 22.23 -11.84
N ARG B 138 27.33 23.52 -11.91
CA ARG B 138 27.99 24.44 -12.82
C ARG B 138 29.38 24.79 -12.33
N GLU B 139 29.50 25.12 -11.04
CA GLU B 139 30.80 25.45 -10.49
C GLU B 139 31.71 24.25 -10.32
N GLU B 140 31.16 23.03 -10.34
CA GLU B 140 31.99 21.83 -10.41
C GLU B 140 32.78 21.78 -11.71
N THR B 141 32.14 22.18 -12.81
CA THR B 141 32.84 22.27 -14.08
C THR B 141 33.78 23.47 -14.12
N ARG B 142 33.32 24.62 -13.62
CA ARG B 142 34.13 25.85 -13.67
C ARG B 142 35.39 25.74 -12.83
N ASP B 143 35.24 25.61 -11.50
CA ASP B 143 36.42 25.56 -10.63
C ASP B 143 36.08 24.74 -9.40
N LEU B 144 36.83 23.64 -9.20
CA LEU B 144 36.45 22.64 -8.21
C LEU B 144 36.86 23.05 -6.81
N GLN B 145 38.07 23.59 -6.66
CA GLN B 145 38.56 24.04 -5.36
C GLN B 145 37.74 25.19 -4.82
N PHE B 146 37.28 26.08 -5.71
CA PHE B 146 36.42 27.18 -5.28
C PHE B 146 35.04 26.68 -4.87
N LEU B 147 34.54 25.63 -5.53
CA LEU B 147 33.30 24.99 -5.12
C LEU B 147 33.44 24.36 -3.74
N PHE B 148 34.53 23.62 -3.53
CA PHE B 148 34.67 22.86 -2.29
C PHE B 148 34.97 23.77 -1.11
N MET B 149 36.05 24.54 -1.19
CA MET B 149 36.50 25.34 -0.04
C MET B 149 35.57 26.51 0.25
N GLN B 150 35.23 27.28 -0.78
CA GLN B 150 34.52 28.53 -0.53
C GLN B 150 33.01 28.39 -0.49
N LEU B 151 32.43 27.77 -1.52
CA LEU B 151 30.97 27.61 -1.58
C LEU B 151 30.47 26.63 -0.53
N LEU B 152 30.93 25.39 -0.58
CA LEU B 152 30.32 24.36 0.26
C LEU B 152 30.86 24.38 1.68
N LEU B 153 32.18 24.41 1.85
CA LEU B 153 32.75 24.13 3.17
C LEU B 153 33.00 25.33 4.06
N ARG B 154 33.13 26.54 3.52
CA ARG B 154 33.40 27.71 4.36
C ARG B 154 32.19 28.04 5.24
N ARG B 155 32.42 28.08 6.55
CA ARG B 155 31.36 28.32 7.54
C ARG B 155 31.09 29.81 7.64
N TYR B 156 30.14 30.30 6.85
CA TYR B 156 29.79 31.70 6.89
C TYR B 156 28.90 32.01 8.09
N VAL B 157 28.79 33.30 8.39
CA VAL B 157 28.00 33.80 9.51
C VAL B 157 26.92 34.69 8.91
N ILE B 158 25.75 34.72 9.53
CA ILE B 158 24.63 35.48 8.99
C ILE B 158 23.90 36.13 10.17
N ASN B 159 23.36 37.31 9.93
CA ASN B 159 22.58 38.04 10.91
C ASN B 159 21.12 37.88 10.54
N GLU B 160 20.50 36.79 10.99
CA GLU B 160 19.08 36.56 10.72
C GLU B 160 18.21 37.58 11.43
N ASN B 161 18.44 37.77 12.71
CA ASN B 161 17.84 38.83 13.49
C ASN B 161 19.00 39.74 13.90
N ASP B 162 18.75 40.63 14.87
CA ASP B 162 19.84 41.40 15.46
C ASP B 162 20.93 40.51 16.08
N GLU B 163 20.54 39.34 16.59
CA GLU B 163 21.48 38.30 17.00
C GLU B 163 22.30 37.80 15.81
N ASP B 164 23.55 37.41 16.09
CA ASP B 164 24.45 36.82 15.12
C ASP B 164 24.41 35.30 15.24
N GLN B 165 24.31 34.62 14.11
CA GLN B 165 24.15 33.17 14.13
C GLN B 165 25.51 32.49 14.15
N GLU B 166 25.50 31.20 14.43
CA GLU B 166 26.73 30.42 14.49
C GLU B 166 27.30 30.24 13.09
N PRO B 167 28.60 29.97 12.96
CA PRO B 167 29.14 29.71 11.62
C PRO B 167 28.79 28.32 11.11
N LEU B 168 27.85 28.27 10.17
CA LEU B 168 27.48 27.05 9.49
C LEU B 168 27.95 27.13 8.05
N ASN B 169 28.22 25.98 7.45
CA ASN B 169 28.55 25.92 6.04
C ASN B 169 27.43 25.20 5.31
N ALA B 170 27.50 25.26 3.98
CA ALA B 170 26.42 24.79 3.12
C ALA B 170 26.19 23.30 3.21
N LEU B 171 27.23 22.52 3.51
CA LEU B 171 27.07 21.09 3.70
C LEU B 171 26.25 20.78 4.95
N GLU B 172 26.69 21.33 6.10
CA GLU B 172 25.96 21.16 7.36
C GLU B 172 24.56 21.74 7.29
N LEU B 173 24.40 22.85 6.58
CA LEU B 173 23.09 23.48 6.41
C LEU B 173 22.15 22.60 5.61
N ALA B 174 22.63 22.05 4.49
CA ALA B 174 21.82 21.15 3.67
C ALA B 174 21.51 19.84 4.38
N THR B 175 22.38 19.38 5.29
CA THR B 175 22.06 18.14 5.99
C THR B 175 21.10 18.32 7.14
N ASP B 176 21.17 19.43 7.88
CA ASP B 176 20.28 19.63 9.02
C ASP B 176 18.82 19.73 8.59
N MET B 177 18.56 20.45 7.50
CA MET B 177 17.20 20.56 7.00
C MET B 177 16.84 19.50 5.98
N HIS B 178 17.76 18.56 5.69
CA HIS B 178 17.59 17.45 4.75
C HIS B 178 17.23 17.92 3.35
N CYS B 179 18.14 18.68 2.75
CA CYS B 179 17.96 19.17 1.39
C CYS B 179 18.46 18.10 0.46
N THR B 180 17.57 17.18 0.09
CA THR B 180 17.99 15.97 -0.63
C THR B 180 18.30 16.24 -2.09
N THR B 181 17.74 17.29 -2.67
CA THR B 181 18.11 17.69 -4.02
C THR B 181 19.49 18.33 -4.05
N VAL B 182 19.92 18.90 -2.93
CA VAL B 182 21.25 19.45 -2.82
C VAL B 182 22.27 18.40 -2.42
N ILE B 183 21.92 17.50 -1.49
CA ILE B 183 22.82 16.43 -1.07
C ILE B 183 23.09 15.45 -2.21
N GLY B 184 22.13 15.27 -3.11
CA GLY B 184 22.35 14.43 -4.26
C GLY B 184 22.94 15.14 -5.47
N SER B 185 23.66 16.23 -5.25
CA SER B 185 24.37 16.87 -6.33
C SER B 185 25.69 16.15 -6.55
N SER B 186 26.24 16.29 -7.75
CA SER B 186 27.53 15.68 -8.01
C SER B 186 28.64 16.39 -7.25
N GLY B 187 28.55 17.71 -7.13
CA GLY B 187 29.58 18.46 -6.43
C GLY B 187 29.51 18.29 -4.93
N PHE B 188 28.30 18.25 -4.38
CA PHE B 188 28.07 17.95 -2.97
C PHE B 188 28.61 16.58 -2.60
N GLN B 189 28.28 15.56 -3.39
CA GLN B 189 28.75 14.21 -3.12
C GLN B 189 30.26 14.09 -3.33
N ARG B 190 30.81 14.82 -4.29
CA ARG B 190 32.27 14.87 -4.46
C ARG B 190 32.96 15.51 -3.28
N CYS B 191 32.37 16.60 -2.76
CA CYS B 191 32.93 17.28 -1.59
C CYS B 191 32.89 16.38 -0.37
N LEU B 192 31.79 15.65 -0.19
CA LEU B 192 31.68 14.66 0.88
C LEU B 192 32.66 13.52 0.71
N LYS B 193 32.96 13.14 -0.54
CA LYS B 193 33.94 12.09 -0.80
C LYS B 193 35.33 12.57 -0.46
N TRP B 194 35.66 13.82 -0.80
CA TRP B 194 36.97 14.39 -0.46
C TRP B 194 37.16 14.57 1.03
N ILE B 195 36.12 15.02 1.73
CA ILE B 195 36.19 15.11 3.20
C ILE B 195 36.30 13.72 3.82
N TRP B 196 35.50 12.77 3.32
CA TRP B 196 35.49 11.39 3.79
C TRP B 196 36.88 10.75 3.69
N ARG B 197 37.52 10.88 2.53
CA ARG B 197 38.87 10.38 2.33
C ARG B 197 39.94 11.20 3.03
N GLY B 198 39.61 12.31 3.68
CA GLY B 198 40.60 13.12 4.35
C GLY B 198 41.35 14.05 3.45
N TRP B 199 40.94 14.18 2.19
CA TRP B 199 41.63 15.05 1.24
C TRP B 199 41.41 16.52 1.57
N ILE B 200 40.30 16.87 2.21
CA ILE B 200 40.09 18.21 2.74
C ILE B 200 39.95 18.08 4.25
N VAL B 201 40.65 18.93 4.99
CA VAL B 201 40.71 18.85 6.43
C VAL B 201 40.46 20.24 6.99
N GLN B 202 39.89 20.29 8.18
CA GLN B 202 39.59 21.57 8.82
C GLN B 202 40.88 22.28 9.20
N ASN B 203 40.94 23.57 8.86
CA ASN B 203 42.11 24.38 9.17
C ASN B 203 42.18 24.62 10.67
N GLY B 204 43.34 24.31 11.27
CA GLY B 204 43.54 24.58 12.68
C GLY B 204 43.62 26.06 13.01
N LEU B 205 44.02 26.89 12.05
CA LEU B 205 44.14 28.32 12.29
C LEU B 205 42.78 28.98 12.42
N ASP B 206 41.89 28.70 11.46
CA ASP B 206 40.54 29.24 11.43
C ASP B 206 39.61 28.04 11.26
N PRO B 207 38.63 27.83 12.15
CA PRO B 207 37.77 26.64 12.03
C PRO B 207 36.65 26.76 11.02
N THR B 208 36.73 27.73 10.11
CA THR B 208 35.69 28.02 9.13
C THR B 208 36.23 28.00 7.70
N THR B 209 37.36 27.31 7.45
CA THR B 209 38.03 27.49 6.18
C THR B 209 38.16 26.21 5.35
N PHE B 210 38.60 25.10 5.96
CA PHE B 210 38.75 23.78 5.32
C PHE B 210 39.74 23.81 4.15
N ILE B 211 41.01 24.01 4.49
CA ILE B 211 42.08 23.94 3.50
C ILE B 211 42.30 22.49 3.05
N LYS B 212 42.74 22.32 1.81
CA LYS B 212 43.14 21.00 1.32
C LYS B 212 44.45 20.57 2.00
N ASP B 213 44.75 19.28 1.93
CA ASP B 213 46.02 18.77 2.43
C ASP B 213 46.71 17.99 1.32
N ASP B 214 48.02 17.79 1.49
CA ASP B 214 48.86 17.17 0.47
C ASP B 214 49.02 15.69 0.77
N SER B 215 48.37 14.86 -0.05
CA SER B 215 48.45 13.41 0.06
C SER B 215 49.29 12.80 -1.05
N LEU B 216 49.92 13.62 -1.89
CA LEU B 216 50.70 13.10 -3.03
C LEU B 216 51.97 12.40 -2.58
N ALA B 217 52.63 12.94 -1.54
CA ALA B 217 53.87 12.43 -0.93
C ALA B 217 55.02 12.30 -1.91
N PHE B 225 53.67 7.18 6.51
CA PHE B 225 52.90 6.62 7.62
C PHE B 225 52.56 7.70 8.64
N ASN B 226 51.83 8.71 8.19
CA ASN B 226 51.45 9.82 9.07
C ASN B 226 50.36 9.35 10.04
N PRO B 227 50.42 9.77 11.31
CA PRO B 227 49.29 9.47 12.20
C PRO B 227 48.07 10.31 11.93
N VAL B 228 48.23 11.53 11.43
CA VAL B 228 47.09 12.43 11.20
C VAL B 228 46.27 11.97 9.99
N ARG B 229 46.87 11.13 9.11
CA ARG B 229 46.12 10.47 8.04
C ARG B 229 45.08 9.51 8.59
N LEU B 230 45.36 8.92 9.76
CA LEU B 230 44.39 8.04 10.40
C LEU B 230 43.23 8.84 11.00
N LYS B 231 43.37 10.17 11.13
CA LYS B 231 42.30 11.05 11.57
C LYS B 231 41.25 11.29 10.50
N ALA B 232 41.43 10.75 9.28
CA ALA B 232 40.47 10.90 8.22
C ALA B 232 39.17 10.19 8.57
N PRO B 233 38.05 10.62 8.01
CA PRO B 233 36.77 9.94 8.27
C PRO B 233 36.69 8.49 7.78
N VAL B 234 37.39 8.12 6.70
CA VAL B 234 37.46 6.73 6.26
C VAL B 234 38.08 5.88 7.35
N TYR B 235 39.21 6.31 7.87
CA TYR B 235 39.95 5.50 8.81
C TYR B 235 39.40 5.60 10.21
N GLN B 236 38.84 6.75 10.60
CA GLN B 236 38.10 6.82 11.86
C GLN B 236 36.89 5.91 11.85
N ASN B 237 36.18 5.86 10.72
CA ASN B 237 35.03 4.97 10.56
C ASN B 237 35.45 3.50 10.60
N TYR B 238 36.51 3.16 9.87
CA TYR B 238 37.01 1.79 9.81
C TYR B 238 37.57 1.33 11.15
N LEU B 239 38.26 2.20 11.88
CA LEU B 239 38.78 1.81 13.18
C LEU B 239 37.68 1.72 14.23
N GLN B 240 36.65 2.56 14.15
CA GLN B 240 35.50 2.38 15.04
C GLN B 240 34.74 1.10 14.72
N MET B 241 34.68 0.70 13.44
CA MET B 241 34.07 -0.56 13.06
C MET B 241 34.86 -1.76 13.59
N ILE B 242 36.19 -1.72 13.42
CA ILE B 242 37.08 -2.77 13.92
C ILE B 242 37.03 -2.83 15.45
N PHE B 243 36.94 -1.68 16.10
CA PHE B 243 36.89 -1.65 17.55
C PHE B 243 35.54 -2.10 18.07
N SER B 244 34.45 -1.90 17.31
CA SER B 244 33.16 -2.44 17.71
C SER B 244 33.14 -3.95 17.60
N PHE B 245 33.71 -4.50 16.51
CA PHE B 245 33.82 -5.95 16.39
C PHE B 245 34.76 -6.54 17.44
N LEU B 246 35.81 -5.80 17.80
CA LEU B 246 36.74 -6.24 18.83
C LEU B 246 36.10 -6.19 20.22
N PHE B 247 35.33 -5.13 20.50
CA PHE B 247 34.54 -5.05 21.72
C PHE B 247 33.55 -6.20 21.83
N LEU B 248 32.92 -6.56 20.72
CA LEU B 248 32.00 -7.70 20.70
C LEU B 248 32.74 -9.02 20.94
N GLY B 249 33.91 -9.18 20.33
CA GLY B 249 34.70 -10.39 20.52
C GLY B 249 35.22 -10.55 21.94
N LEU B 250 35.67 -9.44 22.54
CA LEU B 250 36.04 -9.47 23.95
C LEU B 250 34.84 -9.69 24.85
N TYR B 251 33.66 -9.17 24.48
CA TYR B 251 32.46 -9.43 25.27
C TYR B 251 32.10 -10.91 25.28
N THR B 252 31.98 -11.52 24.09
CA THR B 252 31.59 -12.92 24.00
C THR B 252 32.66 -13.89 24.51
N LEU B 253 33.89 -13.43 24.73
CA LEU B 253 34.90 -14.26 25.38
C LEU B 253 34.91 -14.08 26.89
N VAL B 254 34.03 -13.25 27.43
CA VAL B 254 33.91 -13.02 28.86
C VAL B 254 32.67 -13.69 29.42
N VAL B 255 31.49 -13.41 28.85
CA VAL B 255 30.23 -13.98 29.31
C VAL B 255 30.18 -15.50 29.14
N ASN B 256 30.89 -16.04 28.15
CA ASN B 256 31.08 -17.47 28.02
C ASN B 256 32.33 -17.95 28.76
N GLY B 257 32.86 -17.14 29.68
CA GLY B 257 34.06 -17.50 30.40
C GLY B 257 33.79 -18.30 31.66
N LYS B 258 32.64 -18.07 32.29
CA LYS B 258 32.23 -18.77 33.50
C LYS B 258 32.09 -20.27 33.30
N ASP B 259 33.00 -21.03 33.90
CA ASP B 259 32.98 -22.49 33.85
C ASP B 259 32.77 -23.12 35.21
N SER B 260 33.30 -22.53 36.28
CA SER B 260 33.14 -23.02 37.63
C SER B 260 32.27 -22.07 38.43
N GLU B 261 31.58 -22.61 39.44
CA GLU B 261 30.71 -21.82 40.30
C GLU B 261 31.47 -20.82 41.17
N ARG B 262 32.76 -21.05 41.42
CA ARG B 262 33.58 -20.14 42.21
C ARG B 262 33.92 -18.87 41.41
N VAL B 263 34.70 -18.00 42.03
CA VAL B 263 35.15 -16.78 41.38
C VAL B 263 36.27 -17.11 40.40
N GLN B 264 36.21 -16.53 39.21
CA GLN B 264 37.10 -16.91 38.12
C GLN B 264 38.44 -16.20 38.25
N SER B 265 39.34 -16.54 37.31
CA SER B 265 40.74 -16.15 37.39
C SER B 265 41.00 -14.67 37.12
N PHE B 266 40.03 -13.94 36.54
CA PHE B 266 40.17 -12.56 36.07
C PHE B 266 41.31 -12.45 35.06
N ASP B 267 41.07 -13.08 33.90
CA ASP B 267 42.05 -13.24 32.84
C ASP B 267 42.42 -11.91 32.18
N LEU B 268 43.37 -11.98 31.25
CA LEU B 268 43.85 -10.78 30.55
C LEU B 268 42.77 -10.16 29.66
N LEU B 269 41.96 -11.01 29.02
CA LEU B 269 40.92 -10.53 28.12
C LEU B 269 39.81 -9.79 28.86
N GLU B 270 39.46 -10.28 30.06
CA GLU B 270 38.46 -9.61 30.89
C GLU B 270 38.93 -8.24 31.34
N SER B 271 40.23 -8.10 31.65
CA SER B 271 40.78 -6.81 32.03
C SER B 271 40.82 -5.85 30.85
N ILE B 272 41.22 -6.32 29.66
CA ILE B 272 41.19 -5.51 28.43
C ILE B 272 39.77 -5.06 28.12
N PHE B 273 38.81 -5.95 28.32
CA PHE B 273 37.40 -5.66 28.08
C PHE B 273 36.86 -4.57 29.02
N TYR B 274 37.10 -4.70 30.33
CA TYR B 274 36.64 -3.66 31.24
C TYR B 274 37.41 -2.35 31.08
N VAL B 275 38.67 -2.40 30.63
CA VAL B 275 39.42 -1.18 30.32
C VAL B 275 38.80 -0.45 29.12
N PHE B 276 38.46 -1.21 28.07
CA PHE B 276 37.80 -0.64 26.89
C PHE B 276 36.44 -0.06 27.24
N ASN B 277 35.67 -0.74 28.07
CA ASN B 277 34.35 -0.23 28.43
C ASN B 277 34.43 0.99 29.34
N THR B 278 35.39 1.01 30.28
CA THR B 278 35.51 2.20 31.11
C THR B 278 36.05 3.39 30.32
N GLY B 279 36.89 3.12 29.30
CA GLY B 279 37.26 4.17 28.35
C GLY B 279 36.08 4.73 27.59
N PHE B 280 35.18 3.84 27.14
CA PHE B 280 33.98 4.26 26.41
C PHE B 280 33.04 5.06 27.31
N ILE B 281 32.83 4.63 28.55
CA ILE B 281 31.90 5.35 29.42
C ILE B 281 32.49 6.69 29.85
N LEU B 282 33.81 6.79 30.06
CA LEU B 282 34.39 8.11 30.38
C LEU B 282 34.38 9.03 29.18
N ASP B 283 34.58 8.49 27.97
CA ASP B 283 34.44 9.27 26.74
C ASP B 283 33.04 9.83 26.58
N GLU B 284 32.03 8.98 26.79
CA GLU B 284 30.64 9.41 26.66
C GLU B 284 30.22 10.34 27.77
N LEU B 285 30.73 10.18 29.00
CA LEU B 285 30.37 11.11 30.06
C LEU B 285 31.10 12.45 29.94
N THR B 286 32.31 12.48 29.39
CA THR B 286 32.95 13.76 29.06
C THR B 286 32.18 14.49 27.98
N LYS B 287 31.75 13.77 26.93
CA LYS B 287 30.90 14.37 25.91
C LYS B 287 29.54 14.79 26.47
N LEU B 288 29.01 14.04 27.44
CA LEU B 288 27.73 14.37 28.05
C LEU B 288 27.81 15.63 28.91
N TYR B 289 28.87 15.76 29.72
CA TYR B 289 29.09 16.97 30.50
C TYR B 289 29.36 18.18 29.60
N TYR B 290 30.26 18.01 28.62
CA TYR B 290 30.59 19.08 27.68
C TYR B 290 29.40 19.47 26.80
N ILE B 291 28.94 18.54 25.96
CA ILE B 291 27.76 18.76 25.13
C ILE B 291 26.57 18.26 25.93
N GLY B 292 25.81 19.17 26.53
CA GLY B 292 24.72 18.81 27.39
C GLY B 292 23.40 18.94 26.67
N TYR B 293 22.63 17.83 26.65
CA TYR B 293 21.28 17.71 26.10
C TYR B 293 21.23 17.96 24.60
N ALA B 294 22.36 17.79 23.92
CA ALA B 294 22.42 17.62 22.47
C ALA B 294 23.18 16.36 22.14
N HIS B 295 23.65 15.64 23.17
CA HIS B 295 24.15 14.28 23.09
C HIS B 295 23.02 13.25 23.26
N LEU B 296 21.77 13.68 23.11
CA LEU B 296 20.60 12.85 23.39
C LEU B 296 20.09 12.11 22.16
N SER B 297 20.99 11.80 21.22
CA SER B 297 20.69 10.88 20.13
C SER B 297 20.33 9.49 20.65
N PHE B 298 19.56 8.75 19.84
CA PHE B 298 19.18 7.38 20.21
C PHE B 298 20.40 6.48 20.33
N TRP B 299 21.33 6.58 19.37
CA TRP B 299 22.50 5.73 19.39
C TRP B 299 23.44 6.08 20.53
N ASN B 300 23.48 7.35 20.91
CA ASN B 300 24.26 7.76 22.08
C ASN B 300 23.68 7.18 23.35
N LEU B 301 22.37 7.29 23.56
CA LEU B 301 21.70 6.67 24.71
C LEU B 301 21.81 5.15 24.69
N PHE B 302 21.75 4.55 23.50
CA PHE B 302 21.89 3.11 23.34
C PHE B 302 23.29 2.65 23.77
N ASN B 303 24.32 3.34 23.30
CA ASN B 303 25.68 3.04 23.73
C ASN B 303 25.89 3.33 25.20
N ASP B 304 25.28 4.41 25.72
CA ASP B 304 25.35 4.70 27.16
C ASP B 304 24.70 3.62 27.99
N THR B 305 23.60 3.04 27.48
CA THR B 305 22.96 1.92 28.17
C THR B 305 23.85 0.69 28.15
N THR B 306 24.46 0.38 26.99
CA THR B 306 25.44 -0.70 26.87
C THR B 306 26.60 -0.55 27.85
N TYR B 307 27.24 0.62 27.85
CA TYR B 307 28.41 0.82 28.69
C TYR B 307 28.03 0.94 30.15
N LEU B 308 26.85 1.48 30.46
CA LEU B 308 26.37 1.57 31.83
C LEU B 308 26.11 0.20 32.42
N ILE B 309 25.47 -0.69 31.65
CA ILE B 309 25.23 -2.08 32.09
C ILE B 309 26.56 -2.80 32.32
N ILE B 310 27.49 -2.69 31.37
CA ILE B 310 28.80 -3.35 31.53
C ILE B 310 29.57 -2.76 32.73
N THR B 311 29.45 -1.44 32.99
CA THR B 311 30.10 -0.86 34.18
C THR B 311 29.53 -1.41 35.47
N PHE B 312 28.20 -1.59 35.54
CA PHE B 312 27.60 -2.18 36.74
C PHE B 312 28.13 -3.61 36.92
N ALA B 313 28.24 -4.35 35.82
CA ALA B 313 28.77 -5.71 35.84
C ALA B 313 30.23 -5.71 36.30
N MET B 314 30.99 -4.74 35.82
CA MET B 314 32.39 -4.55 36.20
C MET B 314 32.49 -4.30 37.68
N GLY B 315 31.62 -3.42 38.21
CA GLY B 315 31.63 -3.10 39.63
C GLY B 315 31.32 -4.31 40.48
N PHE B 316 30.30 -5.11 40.09
CA PHE B 316 29.97 -6.31 40.85
C PHE B 316 31.11 -7.33 40.79
N ARG B 317 31.73 -7.50 39.61
CA ARG B 317 32.85 -8.41 39.45
C ARG B 317 34.05 -7.96 40.30
N ALA B 318 34.32 -6.66 40.30
CA ALA B 318 35.42 -6.08 41.07
C ALA B 318 35.19 -6.28 42.56
N MET B 319 33.94 -6.05 43.01
CA MET B 319 33.61 -6.25 44.42
C MET B 319 33.76 -7.73 44.79
N SER B 320 33.38 -8.64 43.88
CA SER B 320 33.54 -10.08 44.14
C SER B 320 35.02 -10.45 44.30
N VAL B 321 35.87 -9.95 43.41
CA VAL B 321 37.31 -10.23 43.43
C VAL B 321 37.96 -9.74 44.74
N THR B 322 37.49 -8.60 45.26
CA THR B 322 38.01 -8.01 46.50
C THR B 322 36.88 -7.78 47.51
N PRO B 323 36.28 -8.86 48.03
CA PRO B 323 35.13 -8.78 48.96
C PRO B 323 35.43 -8.11 50.30
N TYR B 328 27.10 -10.52 52.36
CA TYR B 328 27.93 -10.56 51.17
C TYR B 328 28.39 -11.98 50.91
N SER B 329 28.72 -12.29 49.66
CA SER B 329 29.22 -13.59 49.25
C SER B 329 29.85 -13.44 47.88
N SER B 330 31.09 -13.94 47.74
CA SER B 330 31.89 -13.71 46.53
C SER B 330 31.28 -14.39 45.31
N GLU B 331 30.83 -15.63 45.45
CA GLU B 331 30.16 -16.31 44.36
C GLU B 331 28.81 -15.68 44.04
N ASP B 332 28.13 -15.11 45.03
CA ASP B 332 26.89 -14.39 44.78
C ASP B 332 27.13 -13.12 43.98
N TRP B 333 28.18 -12.36 44.31
CA TRP B 333 28.52 -11.17 43.53
C TRP B 333 29.02 -11.53 42.14
N ASP B 334 29.77 -12.64 42.00
CA ASP B 334 30.19 -13.10 40.69
C ASP B 334 29.01 -13.52 39.82
N LYS B 335 28.04 -14.21 40.42
CA LYS B 335 26.83 -14.63 39.72
C LYS B 335 26.00 -13.42 39.27
N ILE B 336 25.77 -12.45 40.16
CA ILE B 336 24.97 -11.29 39.78
C ILE B 336 25.73 -10.43 38.76
N SER B 337 27.08 -10.45 38.80
CA SER B 337 27.89 -9.75 37.80
C SER B 337 27.72 -10.35 36.42
N TYR B 338 27.83 -11.68 36.32
CA TYR B 338 27.67 -12.32 35.02
C TYR B 338 26.23 -12.27 34.53
N ARG B 339 25.25 -12.20 35.43
CA ARG B 339 23.86 -12.08 35.01
C ARG B 339 23.57 -10.69 34.43
N VAL B 340 23.98 -9.63 35.13
CA VAL B 340 23.77 -8.29 34.59
C VAL B 340 24.66 -8.04 33.37
N LEU B 341 25.82 -8.72 33.26
CA LEU B 341 26.63 -8.60 32.05
C LEU B 341 25.97 -9.28 30.87
N SER B 342 25.37 -10.46 31.11
CA SER B 342 24.61 -11.16 30.08
C SER B 342 23.36 -10.40 29.66
N CYS B 343 22.83 -9.52 30.53
CA CYS B 343 21.77 -8.61 30.08
C CYS B 343 22.24 -7.61 29.00
N ALA B 344 23.54 -7.39 28.83
CA ALA B 344 24.05 -6.43 27.86
C ALA B 344 24.32 -7.03 26.49
N ALA B 345 24.07 -8.31 26.29
CA ALA B 345 24.33 -8.95 24.99
C ALA B 345 23.45 -8.49 23.82
N PRO B 346 22.13 -8.22 23.96
CA PRO B 346 21.42 -7.55 22.85
C PRO B 346 22.00 -6.21 22.47
N PHE B 347 22.45 -5.43 23.45
CA PHE B 347 23.05 -4.13 23.18
C PHE B 347 24.39 -4.27 22.47
N VAL B 348 25.20 -5.25 22.87
CA VAL B 348 26.51 -5.44 22.27
C VAL B 348 26.38 -5.99 20.85
N TRP B 349 25.36 -6.81 20.60
CA TRP B 349 25.17 -7.29 19.24
C TRP B 349 24.42 -6.32 18.35
N SER B 350 23.61 -5.42 18.91
CA SER B 350 22.91 -4.42 18.14
C SER B 350 23.71 -3.15 17.94
N ARG B 351 24.81 -2.97 18.69
CA ARG B 351 25.78 -1.91 18.44
C ARG B 351 26.36 -1.93 17.04
N LEU B 352 26.48 -3.11 16.43
CA LEU B 352 27.18 -3.28 15.16
C LEU B 352 26.49 -2.54 14.01
N LEU B 353 25.17 -2.37 14.07
CA LEU B 353 24.44 -1.65 13.02
C LEU B 353 24.84 -0.19 12.96
N LEU B 354 25.17 0.41 14.10
CA LEU B 354 25.68 1.78 14.13
C LEU B 354 27.03 1.89 13.45
N TYR B 355 27.94 0.99 13.75
CA TYR B 355 29.28 1.02 13.19
C TYR B 355 29.40 0.30 11.86
N LEU B 356 28.28 -0.07 11.24
CA LEU B 356 28.29 -0.55 9.86
C LEU B 356 27.36 0.26 8.97
N GLU B 357 26.97 1.47 9.41
CA GLU B 357 26.14 2.35 8.59
C GLU B 357 26.82 2.79 7.30
N SER B 358 28.16 2.82 7.27
CA SER B 358 28.88 3.10 6.04
C SER B 358 28.64 2.03 4.98
N GLN B 359 28.38 0.80 5.39
CA GLN B 359 28.01 -0.24 4.45
C GLN B 359 26.57 0.01 4.02
N ARG B 360 26.32 -0.12 2.72
CA ARG B 360 25.07 0.33 2.12
C ARG B 360 23.87 -0.49 2.60
N PHE B 361 24.05 -1.81 2.72
CA PHE B 361 22.98 -2.71 3.17
C PHE B 361 22.49 -2.35 4.57
N ILE B 362 23.42 -2.19 5.51
CA ILE B 362 23.07 -1.89 6.90
C ILE B 362 22.53 -0.48 7.03
N GLY B 363 23.09 0.46 6.28
CA GLY B 363 22.65 1.85 6.36
C GLY B 363 21.25 2.06 5.79
N ILE B 364 20.96 1.44 4.65
CA ILE B 364 19.62 1.42 4.07
C ILE B 364 18.62 0.79 5.03
N MET B 365 19.01 -0.33 5.67
CA MET B 365 18.18 -0.97 6.68
C MET B 365 17.87 -0.07 7.87
N LEU B 366 18.88 0.65 8.37
CA LEU B 366 18.61 1.53 9.51
C LEU B 366 17.82 2.77 9.14
N VAL B 367 17.98 3.26 7.91
CA VAL B 367 17.12 4.34 7.40
C VAL B 367 15.66 3.90 7.39
N ILE B 368 15.43 2.68 6.89
CA ILE B 368 14.09 2.08 6.88
C ILE B 368 13.53 1.93 8.29
N LEU B 369 14.35 1.44 9.22
CA LEU B 369 13.89 1.25 10.61
C LEU B 369 13.61 2.57 11.31
N LYS B 370 14.41 3.60 11.05
CA LYS B 370 14.16 4.93 11.60
C LYS B 370 12.81 5.47 11.15
N HIS B 371 12.50 5.34 9.86
CA HIS B 371 11.21 5.80 9.37
C HIS B 371 10.04 4.97 9.90
N MET B 372 10.23 3.66 10.05
CA MET B 372 9.16 2.82 10.58
C MET B 372 8.86 3.11 12.05
N MET B 373 9.89 3.33 12.87
CA MET B 373 9.65 3.71 14.27
C MET B 373 9.01 5.09 14.38
N LYS B 374 9.46 6.03 13.53
CA LYS B 374 8.85 7.35 13.46
C LYS B 374 7.36 7.29 13.09
N GLU B 375 6.97 6.32 12.27
CA GLU B 375 5.54 6.14 12.04
C GLU B 375 4.84 5.45 13.20
N SER B 376 5.52 4.53 13.87
CA SER B 376 4.90 3.74 14.94
C SER B 376 4.70 4.51 16.23
N ILE B 377 5.23 5.75 16.33
CA ILE B 377 4.98 6.66 17.46
C ILE B 377 3.48 6.79 17.81
N VAL B 378 2.61 6.81 16.79
CA VAL B 378 1.14 6.83 16.96
C VAL B 378 0.66 5.60 17.74
N PHE B 379 1.10 4.41 17.30
CA PHE B 379 0.73 3.16 17.96
C PHE B 379 1.21 3.13 19.39
N PHE B 380 2.44 3.57 19.62
CA PHE B 380 3.00 3.49 20.97
C PHE B 380 2.33 4.49 21.91
N PHE B 381 1.94 5.67 21.42
CA PHE B 381 1.15 6.59 22.23
C PHE B 381 -0.21 5.99 22.59
N LEU B 382 -0.93 5.47 21.59
CA LEU B 382 -2.24 4.86 21.86
C LEU B 382 -2.13 3.64 22.75
N LEU B 383 -1.06 2.87 22.60
CA LEU B 383 -0.85 1.68 23.43
C LEU B 383 -0.56 2.06 24.87
N PHE B 384 0.29 3.06 25.09
CA PHE B 384 0.54 3.55 26.44
C PHE B 384 -0.71 4.15 27.07
N LEU B 385 -1.52 4.88 26.29
CA LEU B 385 -2.74 5.47 26.83
C LEU B 385 -3.77 4.42 27.23
N ILE B 386 -4.01 3.45 26.35
CA ILE B 386 -4.95 2.36 26.63
C ILE B 386 -4.44 1.49 27.77
N MET B 387 -3.13 1.26 27.83
CA MET B 387 -2.53 0.47 28.89
C MET B 387 -2.61 1.17 30.24
N ILE B 388 -2.37 2.49 30.29
CA ILE B 388 -2.53 3.25 31.53
C ILE B 388 -3.98 3.25 31.99
N GLY B 389 -4.92 3.42 31.07
CA GLY B 389 -6.34 3.37 31.38
C GLY B 389 -6.84 2.06 31.96
N PHE B 390 -6.58 0.96 31.25
CA PHE B 390 -6.98 -0.35 31.75
C PHE B 390 -6.15 -0.80 32.94
N THR B 391 -4.90 -0.32 33.07
CA THR B 391 -4.12 -0.59 34.27
C THR B 391 -4.72 0.07 35.49
N GLN B 392 -5.11 1.34 35.38
CA GLN B 392 -5.81 2.03 36.45
C GLN B 392 -7.13 1.35 36.77
N GLY B 393 -7.81 0.81 35.75
CA GLY B 393 -9.02 0.03 35.97
C GLY B 393 -8.81 -1.23 36.79
N PHE B 394 -7.81 -2.02 36.42
CA PHE B 394 -7.54 -3.25 37.16
C PHE B 394 -6.96 -3.00 38.55
N LEU B 395 -6.11 -1.98 38.71
CA LEU B 395 -5.63 -1.64 40.05
C LEU B 395 -6.75 -1.10 40.93
N GLY B 396 -7.74 -0.44 40.34
CA GLY B 396 -8.89 -0.05 41.11
C GLY B 396 -9.77 -1.24 41.49
N LEU B 397 -9.89 -2.22 40.60
CA LEU B 397 -10.54 -3.48 40.96
C LEU B 397 -9.80 -4.22 42.06
N ASP B 398 -8.47 -4.11 42.08
CA ASP B 398 -7.69 -4.72 43.15
C ASP B 398 -7.90 -4.00 44.47
N SER B 399 -7.92 -2.67 44.46
CA SER B 399 -8.16 -1.90 45.68
C SER B 399 -9.60 -1.99 46.17
N ALA B 400 -10.54 -2.34 45.28
CA ALA B 400 -11.97 -2.30 45.58
C ALA B 400 -12.36 -3.27 46.69
N ASP B 401 -11.82 -4.50 46.66
CA ASP B 401 -12.08 -5.47 47.73
C ASP B 401 -11.51 -5.02 49.07
N GLY B 402 -10.45 -4.20 49.05
CA GLY B 402 -9.94 -3.61 50.26
C GLY B 402 -8.43 -3.62 50.36
N LYS B 403 -7.79 -4.63 49.79
CA LYS B 403 -6.34 -4.75 49.85
C LYS B 403 -5.79 -5.08 48.47
N ARG B 404 -4.61 -4.53 48.18
CA ARG B 404 -3.96 -4.73 46.90
C ARG B 404 -3.06 -5.96 47.04
N ASP B 405 -3.45 -7.06 46.42
CA ASP B 405 -2.73 -8.32 46.60
C ASP B 405 -2.14 -8.89 45.31
N ILE B 406 -2.74 -8.63 44.16
CA ILE B 406 -2.26 -9.24 42.91
C ILE B 406 -1.85 -8.16 41.93
N THR B 407 -1.33 -7.04 42.43
CA THR B 407 -0.92 -5.90 41.61
C THR B 407 0.18 -6.26 40.61
N GLY B 408 1.17 -7.03 41.06
CA GLY B 408 2.25 -7.52 40.22
C GLY B 408 1.83 -8.40 39.05
N PRO B 409 1.00 -9.43 39.31
CA PRO B 409 0.37 -10.16 38.19
C PRO B 409 -0.47 -9.31 37.24
N ILE B 410 -1.12 -8.24 37.73
CA ILE B 410 -1.87 -7.34 36.85
C ILE B 410 -0.95 -6.62 35.87
N LEU B 411 0.08 -5.92 36.40
CA LEU B 411 1.07 -5.24 35.56
C LEU B 411 1.74 -6.20 34.59
N GLY B 412 2.13 -7.38 35.07
CA GLY B 412 2.69 -8.44 34.25
C GLY B 412 1.79 -8.89 33.12
N ASN B 413 0.56 -9.33 33.42
CA ASN B 413 -0.34 -9.87 32.41
C ASN B 413 -0.77 -8.83 31.39
N LEU B 414 -1.08 -7.60 31.83
CA LEU B 414 -1.44 -6.54 30.87
C LEU B 414 -0.28 -6.14 29.98
N THR B 415 0.94 -6.12 30.51
CA THR B 415 2.08 -5.88 29.63
C THR B 415 2.26 -7.03 28.64
N ILE B 416 1.99 -8.25 29.09
CA ILE B 416 2.11 -9.45 28.26
C ILE B 416 1.11 -9.48 27.09
N THR B 417 -0.12 -8.95 27.30
CA THR B 417 -1.18 -8.91 26.27
C THR B 417 -0.78 -8.36 24.88
N VAL B 418 0.17 -7.44 24.82
CA VAL B 418 0.61 -6.91 23.53
C VAL B 418 1.39 -7.96 22.75
N LEU B 419 1.97 -8.95 23.44
CA LEU B 419 2.70 -10.02 22.79
C LEU B 419 1.77 -11.15 22.36
N GLY B 420 0.51 -11.11 22.77
CA GLY B 420 -0.45 -12.14 22.47
C GLY B 420 -0.41 -13.33 23.41
N LEU B 421 0.43 -13.28 24.44
CA LEU B 421 0.61 -14.35 25.40
C LEU B 421 -0.28 -14.22 26.63
N GLY B 422 -1.12 -13.19 26.69
CA GLY B 422 -1.97 -12.96 27.84
C GLY B 422 -2.94 -14.10 28.12
N SER B 423 -3.16 -14.36 29.41
CA SER B 423 -4.10 -15.38 29.87
C SER B 423 -5.03 -14.76 30.91
N PHE B 424 -6.30 -15.16 30.87
CA PHE B 424 -7.30 -14.68 31.80
C PHE B 424 -7.34 -15.52 33.10
N ASP B 425 -6.44 -16.50 33.22
CA ASP B 425 -6.35 -17.35 34.41
C ASP B 425 -5.99 -16.53 35.65
N VAL B 426 -5.15 -15.52 35.48
CA VAL B 426 -4.75 -14.63 36.57
C VAL B 426 -5.96 -13.87 37.13
N PHE B 427 -6.84 -13.40 36.25
CA PHE B 427 -8.01 -12.62 36.64
C PHE B 427 -9.25 -13.45 36.88
N GLU B 428 -9.18 -14.78 36.77
CA GLU B 428 -10.35 -15.62 36.96
C GLU B 428 -10.90 -15.49 38.38
N GLU B 429 -10.02 -15.54 39.38
CA GLU B 429 -10.44 -15.29 40.76
C GLU B 429 -10.21 -13.82 41.11
N PHE B 430 -10.98 -12.93 40.47
CA PHE B 430 -10.77 -11.51 40.77
C PHE B 430 -12.07 -10.77 41.03
N ALA B 431 -12.90 -10.63 40.00
CA ALA B 431 -14.17 -9.92 40.08
C ALA B 431 -15.09 -10.68 39.14
N PRO B 432 -16.37 -10.84 39.46
CA PRO B 432 -17.20 -11.79 38.69
C PRO B 432 -17.55 -11.28 37.29
N PRO B 433 -18.13 -10.02 37.06
CA PRO B 433 -18.13 -9.58 35.65
C PRO B 433 -17.06 -8.57 35.25
N TYR B 434 -16.36 -7.95 36.20
CA TYR B 434 -15.64 -6.71 35.89
C TYR B 434 -14.29 -6.99 35.25
N ALA B 435 -13.57 -7.98 35.77
CA ALA B 435 -12.25 -8.31 35.24
C ALA B 435 -12.35 -8.88 33.84
N ALA B 436 -13.38 -9.68 33.57
CA ALA B 436 -13.60 -10.24 32.23
C ALA B 436 -13.91 -9.16 31.22
N ILE B 437 -14.82 -8.24 31.56
CA ILE B 437 -15.19 -7.13 30.68
C ILE B 437 -14.00 -6.23 30.40
N LEU B 438 -13.28 -5.82 31.44
CA LEU B 438 -12.11 -4.96 31.26
C LEU B 438 -10.98 -5.66 30.50
N TYR B 439 -10.70 -6.93 30.83
CA TYR B 439 -9.60 -7.64 30.19
C TYR B 439 -9.90 -7.96 28.74
N TYR B 440 -11.14 -8.35 28.42
CA TYR B 440 -11.42 -8.66 27.03
C TYR B 440 -11.63 -7.40 26.20
N GLY B 441 -12.12 -6.31 26.78
CA GLY B 441 -12.09 -5.04 26.09
C GLY B 441 -10.68 -4.56 25.79
N TYR B 442 -9.79 -4.71 26.77
CA TYR B 442 -8.38 -4.36 26.60
C TYR B 442 -7.70 -5.23 25.56
N TYR B 443 -7.94 -6.54 25.60
CA TYR B 443 -7.37 -7.47 24.63
C TYR B 443 -7.94 -7.23 23.24
N PHE B 444 -9.19 -6.78 23.14
CA PHE B 444 -9.75 -6.39 21.85
C PHE B 444 -9.07 -5.14 21.31
N ILE B 445 -8.93 -4.12 22.15
CA ILE B 445 -8.36 -2.86 21.68
C ILE B 445 -6.87 -3.03 21.36
N VAL B 446 -6.17 -3.92 22.04
CA VAL B 446 -4.76 -4.09 21.76
C VAL B 446 -4.52 -5.05 20.61
N SER B 447 -5.11 -6.25 20.65
CA SER B 447 -4.76 -7.24 19.65
C SER B 447 -5.49 -7.04 18.34
N VAL B 448 -6.75 -6.66 18.37
CA VAL B 448 -7.52 -6.57 17.14
C VAL B 448 -7.40 -5.19 16.52
N ILE B 449 -7.44 -4.14 17.34
CA ILE B 449 -7.44 -2.79 16.82
C ILE B 449 -6.02 -2.28 16.67
N LEU B 450 -5.24 -2.25 17.76
CA LEU B 450 -4.02 -1.45 17.75
C LEU B 450 -2.84 -2.15 17.09
N LEU B 451 -2.72 -3.47 17.22
CA LEU B 451 -1.62 -4.16 16.56
C LEU B 451 -1.80 -4.19 15.05
N ASN B 452 -3.04 -4.27 14.59
CA ASN B 452 -3.31 -4.17 13.16
C ASN B 452 -3.11 -2.75 12.64
N ILE B 453 -3.39 -1.75 13.48
CA ILE B 453 -3.02 -0.38 13.17
C ILE B 453 -1.51 -0.23 13.06
N LEU B 454 -0.75 -0.92 13.92
CA LEU B 454 0.71 -0.91 13.85
C LEU B 454 1.23 -1.50 12.54
N ILE B 455 0.59 -2.58 12.08
CA ILE B 455 0.93 -3.15 10.77
C ILE B 455 0.64 -2.16 9.65
N ALA B 456 -0.47 -1.43 9.76
CA ALA B 456 -0.83 -0.39 8.78
C ALA B 456 0.22 0.74 8.73
N LEU B 457 0.64 1.21 9.90
CA LEU B 457 1.66 2.26 10.00
C LEU B 457 2.99 1.80 9.43
N TYR B 458 3.37 0.54 9.72
CA TYR B 458 4.62 0.00 9.20
C TYR B 458 4.60 -0.17 7.68
N SER B 459 3.46 -0.60 7.14
CA SER B 459 3.29 -0.75 5.69
C SER B 459 3.42 0.59 4.97
N THR B 460 2.75 1.61 5.50
CA THR B 460 2.82 2.94 4.89
C THR B 460 4.21 3.55 5.02
N ALA B 461 4.86 3.38 6.17
CA ALA B 461 6.21 3.90 6.38
C ALA B 461 7.22 3.24 5.46
N TYR B 462 7.12 1.93 5.28
CA TYR B 462 8.03 1.26 4.36
C TYR B 462 7.76 1.62 2.92
N GLN B 463 6.50 1.80 2.52
CA GLN B 463 6.21 2.24 1.16
C GLN B 463 6.68 3.66 0.90
N LYS B 464 6.69 4.50 1.91
CA LYS B 464 7.22 5.85 1.73
C LYS B 464 8.74 5.86 1.69
N VAL B 465 9.40 5.01 2.46
CA VAL B 465 10.84 5.11 2.58
C VAL B 465 11.58 4.29 1.52
N ILE B 466 10.95 3.24 0.96
CA ILE B 466 11.65 2.41 -0.02
C ILE B 466 11.82 3.15 -1.35
N ASP B 467 10.96 4.13 -1.64
CA ASP B 467 11.18 4.97 -2.81
C ASP B 467 12.34 5.93 -2.59
N ASN B 468 12.44 6.47 -1.38
CA ASN B 468 13.46 7.45 -1.01
C ASN B 468 14.56 6.84 -0.17
N ALA B 469 14.96 5.60 -0.46
CA ALA B 469 15.94 4.96 0.40
C ALA B 469 17.35 5.44 0.09
N ASP B 470 17.65 5.63 -1.19
CA ASP B 470 18.97 6.12 -1.60
C ASP B 470 19.19 7.56 -1.15
N ASP B 471 18.18 8.41 -1.27
CA ASP B 471 18.30 9.82 -0.87
C ASP B 471 18.47 9.97 0.63
N GLU B 472 17.67 9.24 1.40
CA GLU B 472 17.79 9.30 2.86
C GLU B 472 19.08 8.63 3.35
N TYR B 473 19.56 7.61 2.64
CA TYR B 473 20.86 7.03 3.00
C TYR B 473 22.01 7.98 2.65
N MET B 474 21.91 8.70 1.53
CA MET B 474 22.89 9.72 1.20
C MET B 474 22.89 10.84 2.23
N ALA B 475 21.71 11.19 2.74
CA ALA B 475 21.64 12.18 3.82
C ALA B 475 22.23 11.63 5.11
N LEU B 476 22.07 10.34 5.37
CA LEU B 476 22.68 9.70 6.55
C LEU B 476 24.20 9.68 6.46
N MET B 477 24.74 9.30 5.29
CA MET B 477 26.19 9.30 5.11
C MET B 477 26.77 10.69 5.09
N SER B 478 26.02 11.67 4.58
CA SER B 478 26.43 13.06 4.67
C SER B 478 26.49 13.53 6.10
N GLN B 479 25.47 13.18 6.91
CA GLN B 479 25.45 13.48 8.33
C GLN B 479 26.62 12.85 9.07
N LYS B 480 26.99 11.63 8.70
CA LYS B 480 28.13 10.95 9.31
C LYS B 480 29.45 11.63 8.94
N THR B 481 29.63 11.93 7.64
CA THR B 481 30.82 12.62 7.15
C THR B 481 31.00 13.98 7.82
N LEU B 482 29.91 14.72 8.01
CA LEU B 482 30.02 16.00 8.68
C LEU B 482 30.11 15.89 10.19
N ARG B 483 29.66 14.76 10.78
CA ARG B 483 29.98 14.48 12.17
C ARG B 483 31.47 14.31 12.37
N TYR B 484 32.16 13.72 11.39
CA TYR B 484 33.60 13.53 11.53
C TYR B 484 34.44 14.80 11.32
N ILE B 485 33.82 15.96 11.06
CA ILE B 485 34.55 17.23 11.08
C ILE B 485 33.87 18.19 12.06
N ARG B 486 33.21 17.62 13.07
CA ARG B 486 32.56 18.32 14.20
C ARG B 486 31.47 19.29 13.74
N LYS B 517 46.02 2.34 30.87
CA LYS B 517 46.22 3.02 29.59
C LYS B 517 47.26 2.30 28.75
N ASP B 518 48.36 1.88 29.40
CA ASP B 518 49.44 1.17 28.72
C ASP B 518 48.96 -0.16 28.15
N LEU B 519 48.16 -0.89 28.92
CA LEU B 519 47.61 -2.18 28.49
C LEU B 519 46.70 -2.02 27.28
N SER B 520 45.86 -0.98 27.30
CA SER B 520 44.96 -0.69 26.18
C SER B 520 45.74 -0.36 24.92
N TYR B 521 46.80 0.45 25.05
CA TYR B 521 47.63 0.82 23.91
C TYR B 521 48.34 -0.41 23.33
N THR B 522 48.86 -1.28 24.21
CA THR B 522 49.54 -2.49 23.76
C THR B 522 48.57 -3.43 23.04
N VAL B 523 47.36 -3.58 23.59
CA VAL B 523 46.32 -4.43 22.99
C VAL B 523 45.90 -3.87 21.64
N MET B 524 45.73 -2.54 21.57
CA MET B 524 45.34 -1.88 20.33
C MET B 524 46.40 -2.04 19.25
N THR B 525 47.68 -1.89 19.63
CA THR B 525 48.78 -2.06 18.67
C THR B 525 48.84 -3.48 18.15
N ILE B 526 48.68 -4.47 19.05
CA ILE B 526 48.69 -5.88 18.69
C ILE B 526 47.51 -6.24 17.79
N VAL B 527 46.34 -5.65 18.04
CA VAL B 527 45.14 -6.01 17.29
C VAL B 527 44.89 -5.21 16.02
N TYR B 528 45.38 -3.98 15.91
CA TYR B 528 45.13 -3.16 14.74
C TYR B 528 46.25 -3.18 13.70
N SER B 529 47.28 -4.01 13.90
CA SER B 529 48.46 -4.02 13.02
C SER B 529 48.19 -4.35 11.54
N PRO B 530 47.51 -5.46 11.15
CA PRO B 530 47.31 -5.69 9.70
C PRO B 530 46.37 -4.68 9.05
N PHE B 531 45.47 -4.10 9.83
CA PHE B 531 44.59 -3.07 9.31
C PHE B 531 45.35 -1.79 9.02
N LEU B 532 46.29 -1.42 9.90
CA LEU B 532 47.21 -0.31 9.63
C LEU B 532 48.09 -0.57 8.41
N LEU B 533 48.51 -1.83 8.23
CA LEU B 533 49.30 -2.23 7.06
C LEU B 533 48.52 -2.04 5.76
N LEU B 534 47.27 -2.53 5.74
CA LEU B 534 46.40 -2.38 4.56
C LEU B 534 46.07 -0.90 4.29
N ILE B 535 45.84 -0.12 5.36
CA ILE B 535 45.59 1.32 5.24
C ILE B 535 46.79 2.04 4.63
N SER B 536 48.01 1.66 5.05
CA SER B 536 49.21 2.31 4.53
C SER B 536 49.47 1.95 3.07
N VAL B 537 49.27 0.68 2.68
CA VAL B 537 49.49 0.31 1.29
C VAL B 537 48.41 0.90 0.37
N LYS B 538 47.17 1.03 0.87
CA LYS B 538 46.13 1.67 0.09
C LYS B 538 46.36 3.18 -0.02
N GLU B 539 46.91 3.79 1.03
CA GLU B 539 47.28 5.21 0.99
C GLU B 539 48.39 5.48 -0.03
N THR B 540 49.37 4.57 -0.13
CA THR B 540 50.40 4.72 -1.16
C THR B 540 49.82 4.58 -2.56
N ARG B 541 48.87 3.65 -2.74
CA ARG B 541 48.18 3.54 -4.03
C ARG B 541 47.39 4.80 -4.36
N GLU B 542 46.74 5.41 -3.35
CA GLU B 542 46.04 6.69 -3.53
C GLU B 542 47.01 7.79 -3.90
N ALA B 543 48.20 7.79 -3.30
CA ALA B 543 49.20 8.82 -3.55
C ALA B 543 49.75 8.74 -4.97
N ARG B 544 50.00 7.52 -5.45
CA ARG B 544 50.45 7.35 -6.83
C ARG B 544 49.35 7.68 -7.84
N ARG B 545 48.10 7.36 -7.50
CA ARG B 545 46.96 7.77 -8.33
C ARG B 545 46.80 9.28 -8.40
N ILE B 546 46.97 9.97 -7.27
CA ILE B 546 46.88 11.44 -7.25
C ILE B 546 48.06 12.06 -7.99
N LYS B 547 49.24 11.45 -7.90
CA LYS B 547 50.40 11.89 -8.67
C LYS B 547 50.19 11.76 -10.17
N TYR B 548 49.54 10.66 -10.60
CA TYR B 548 49.20 10.54 -12.01
C TYR B 548 48.16 11.56 -12.44
N ASN B 549 47.11 11.75 -11.64
CA ASN B 549 46.04 12.68 -11.97
C ASN B 549 46.49 14.13 -11.93
N ARG B 550 47.56 14.43 -11.19
CA ARG B 550 48.15 15.76 -11.18
C ARG B 550 49.21 15.94 -12.25
N MET B 551 49.82 14.84 -12.74
CA MET B 551 50.67 14.92 -13.92
C MET B 551 49.86 15.39 -15.14
N LYS B 552 48.61 14.95 -15.25
CA LYS B 552 47.68 15.52 -16.20
C LYS B 552 46.92 16.65 -15.51
N ARG B 553 46.04 17.31 -16.24
CA ARG B 553 45.25 18.40 -15.66
C ARG B 553 43.88 17.85 -15.23
N LEU B 554 43.92 16.97 -14.25
CA LEU B 554 42.74 16.31 -13.72
C LEU B 554 42.59 16.62 -12.24
N ASN B 555 41.45 16.21 -11.68
CA ASN B 555 40.98 16.71 -10.39
C ASN B 555 41.21 15.74 -9.24
N ASP B 556 42.29 14.95 -9.29
CA ASP B 556 42.82 14.08 -8.23
C ASP B 556 41.97 12.85 -7.96
N ASP B 557 40.81 12.70 -8.59
CA ASP B 557 39.96 11.53 -8.42
C ASP B 557 39.39 11.09 -9.76
N ALA B 558 40.14 11.28 -10.83
CA ALA B 558 39.60 11.10 -12.16
C ALA B 558 39.80 9.70 -12.71
N ASN B 559 40.76 8.95 -12.21
CA ASN B 559 41.09 7.64 -12.76
C ASN B 559 41.04 6.64 -11.61
N GLU B 560 39.85 6.14 -11.33
CA GLU B 560 39.62 5.21 -10.24
C GLU B 560 38.98 3.90 -10.67
N TYR B 561 38.35 3.86 -11.84
CA TYR B 561 37.52 2.71 -12.19
C TYR B 561 38.03 1.88 -13.36
N ASP B 562 38.75 2.49 -14.31
CA ASP B 562 39.25 1.87 -15.54
C ASP B 562 38.10 1.28 -16.36
N THR B 563 37.28 2.19 -16.87
CA THR B 563 36.01 1.87 -17.46
C THR B 563 36.20 1.39 -18.90
N PRO B 564 35.21 0.65 -19.46
CA PRO B 564 35.35 0.23 -20.85
C PRO B 564 35.05 1.29 -21.90
N TRP B 565 34.14 2.22 -21.62
CA TRP B 565 33.78 3.23 -22.61
C TRP B 565 34.84 4.32 -22.77
N ASP B 566 35.78 4.43 -21.85
CA ASP B 566 36.90 5.34 -22.01
C ASP B 566 38.15 4.50 -22.25
N LEU B 567 38.76 4.67 -23.42
CA LEU B 567 39.98 3.94 -23.73
C LEU B 567 41.22 4.51 -23.06
N THR B 568 41.12 5.68 -22.43
CA THR B 568 42.24 6.31 -21.72
C THR B 568 41.81 6.67 -20.29
N ASP B 569 41.91 5.69 -19.39
CA ASP B 569 41.46 5.89 -18.02
C ASP B 569 42.15 4.88 -17.11
N GLY B 570 41.99 5.11 -15.81
CA GLY B 570 42.52 4.21 -14.82
C GLY B 570 43.99 4.46 -14.52
N TYR B 571 44.51 3.64 -13.62
CA TYR B 571 45.90 3.70 -13.21
C TYR B 571 46.42 2.28 -13.11
N LEU B 572 47.53 2.00 -13.80
CA LEU B 572 48.05 0.64 -13.88
C LEU B 572 48.61 0.16 -12.54
N ASP B 573 49.31 1.03 -11.83
CA ASP B 573 49.91 0.64 -10.56
C ASP B 573 48.97 0.93 -9.39
N ASP B 581 55.24 6.37 -13.49
CA ASP B 581 53.92 6.00 -14.01
C ASP B 581 53.88 5.97 -15.54
N ASN B 582 54.81 5.24 -16.13
CA ASN B 582 54.88 5.13 -17.58
C ASN B 582 54.29 3.82 -18.10
N ARG B 583 54.10 2.83 -17.23
CA ARG B 583 53.44 1.59 -17.61
C ARG B 583 51.98 1.83 -17.96
N ASN B 584 51.34 2.76 -17.24
CA ASN B 584 49.96 3.14 -17.54
C ASN B 584 49.85 3.86 -18.88
N SER B 585 50.80 4.77 -19.16
CA SER B 585 50.84 5.46 -20.45
C SER B 585 51.13 4.48 -21.59
N GLY B 586 51.98 3.49 -21.33
CA GLY B 586 52.22 2.45 -22.31
C GLY B 586 51.00 1.59 -22.58
N MET B 587 50.23 1.30 -21.52
CA MET B 587 48.98 0.55 -21.68
C MET B 587 47.95 1.33 -22.48
N ARG B 588 47.84 2.64 -22.21
CA ARG B 588 46.93 3.49 -22.97
C ARG B 588 47.37 3.63 -24.43
N ALA B 589 48.68 3.71 -24.67
CA ALA B 589 49.20 3.73 -26.03
C ALA B 589 48.90 2.43 -26.76
N THR B 590 49.02 1.29 -26.05
CA THR B 590 48.64 -0.01 -26.60
C THR B 590 47.15 -0.07 -26.93
N GLN B 591 46.32 0.52 -26.05
CA GLN B 591 44.88 0.58 -26.26
C GLN B 591 44.51 1.38 -27.50
N LEU B 592 45.08 2.58 -27.64
CA LEU B 592 44.82 3.41 -28.81
C LEU B 592 45.40 2.82 -30.08
N LYS B 593 46.57 2.18 -30.01
CA LYS B 593 47.15 1.54 -31.19
C LYS B 593 46.33 0.36 -31.67
N ASN B 594 45.93 -0.54 -30.76
CA ASN B 594 45.10 -1.68 -31.15
C ASN B 594 43.73 -1.23 -31.64
N SER B 595 43.15 -0.20 -31.00
CA SER B 595 41.83 0.27 -31.40
C SER B 595 41.88 0.95 -32.76
N ARG B 596 42.87 1.82 -32.98
CA ARG B 596 42.99 2.52 -34.25
C ARG B 596 43.39 1.58 -35.38
N SER B 597 44.21 0.57 -35.09
CA SER B 597 44.56 -0.42 -36.09
C SER B 597 43.36 -1.26 -36.50
N LEU B 598 42.60 -1.77 -35.53
CA LEU B 598 41.47 -2.63 -35.83
C LEU B 598 40.26 -1.87 -36.38
N LYS B 599 40.12 -0.58 -36.10
CA LYS B 599 39.09 0.19 -36.80
C LYS B 599 39.45 0.40 -38.26
N LEU B 600 40.69 0.81 -38.54
CA LEU B 600 41.16 1.03 -39.91
C LEU B 600 41.54 -0.26 -40.64
N GLN B 601 41.26 -1.44 -40.07
CA GLN B 601 41.45 -2.70 -40.79
C GLN B 601 40.49 -2.81 -41.98
N ARG B 602 39.33 -2.17 -41.90
CA ARG B 602 38.44 -2.00 -43.03
C ARG B 602 38.08 -0.52 -43.09
N THR B 603 38.40 0.13 -44.21
CA THR B 603 38.16 1.56 -44.39
C THR B 603 36.68 1.92 -44.42
N ALA B 604 35.79 0.97 -44.74
CA ALA B 604 34.38 1.27 -44.75
C ALA B 604 33.80 1.38 -43.35
N GLU B 605 34.40 0.71 -42.36
CA GLU B 605 33.98 0.84 -40.97
C GLU B 605 34.53 2.16 -40.46
N GLN B 606 33.74 3.22 -40.64
CA GLN B 606 34.09 4.58 -40.25
C GLN B 606 32.79 5.35 -40.05
N GLU B 607 32.89 6.43 -39.26
CA GLU B 607 31.82 7.35 -38.87
C GLU B 607 30.69 6.62 -38.14
N GLY C 26 -21.49 46.07 2.78
CA GLY C 26 -22.79 45.48 2.94
C GLY C 26 -23.32 45.59 4.35
N PHE C 27 -24.59 45.97 4.48
CA PHE C 27 -25.21 46.10 5.78
C PHE C 27 -26.57 45.44 5.88
N GLU C 28 -27.24 45.17 4.76
CA GLU C 28 -28.52 44.48 4.75
C GLU C 28 -28.41 43.27 3.84
N ALA C 29 -29.07 42.18 4.22
CA ALA C 29 -28.92 40.93 3.47
C ALA C 29 -29.98 40.85 2.38
N PRO C 30 -29.66 40.29 1.22
CA PRO C 30 -30.70 40.06 0.21
C PRO C 30 -31.68 38.98 0.64
N THR C 31 -32.76 38.86 -0.12
CA THR C 31 -33.81 37.95 0.23
C THR C 31 -33.37 36.54 -0.21
N PRO C 32 -33.98 35.47 0.33
CA PRO C 32 -33.59 34.12 -0.11
C PRO C 32 -33.77 33.80 -1.58
N ARG C 33 -34.76 34.36 -2.26
CA ARG C 33 -34.89 34.08 -3.68
C ARG C 33 -33.81 34.79 -4.52
N GLN C 34 -33.35 35.96 -4.07
CA GLN C 34 -32.22 36.59 -4.73
C GLN C 34 -30.93 35.79 -4.56
N ILE C 35 -30.71 35.25 -3.35
CA ILE C 35 -29.55 34.39 -3.10
C ILE C 35 -29.66 33.09 -3.91
N LEU C 36 -30.89 32.60 -4.08
CA LEU C 36 -31.15 31.46 -4.98
C LEU C 36 -30.80 31.80 -6.42
N ARG C 37 -31.12 33.01 -6.88
CA ARG C 37 -30.76 33.41 -8.24
C ARG C 37 -29.24 33.59 -8.40
N VAL C 38 -28.56 34.11 -7.38
CA VAL C 38 -27.10 34.22 -7.41
C VAL C 38 -26.47 32.84 -7.47
N THR C 39 -27.02 31.89 -6.71
CA THR C 39 -26.58 30.51 -6.74
C THR C 39 -26.82 29.86 -8.10
N LEU C 40 -27.95 30.15 -8.73
CA LEU C 40 -28.23 29.62 -10.05
C LEU C 40 -27.33 30.21 -11.13
N ASN C 41 -27.03 31.51 -11.03
CA ASN C 41 -26.12 32.14 -11.97
C ASN C 41 -24.72 31.58 -11.84
N LEU C 42 -24.29 31.30 -10.60
CA LEU C 42 -22.96 30.70 -10.42
C LEU C 42 -22.93 29.24 -10.85
N LYS C 43 -24.01 28.49 -10.63
CA LYS C 43 -24.09 27.12 -11.12
C LYS C 43 -24.08 27.07 -12.63
N TYR C 44 -24.81 27.98 -13.28
CA TYR C 44 -24.79 28.11 -14.73
C TYR C 44 -23.41 28.50 -15.24
N LEU C 45 -22.75 29.43 -14.55
CA LEU C 45 -21.39 29.85 -14.91
C LEU C 45 -20.39 28.71 -14.79
N ILE C 46 -20.51 27.89 -13.74
CA ILE C 46 -19.60 26.76 -13.57
C ILE C 46 -19.91 25.67 -14.59
N ASP C 47 -21.19 25.48 -14.94
CA ASP C 47 -21.55 24.54 -16.00
C ASP C 47 -21.03 24.98 -17.37
N LYS C 48 -21.01 26.28 -17.63
CA LYS C 48 -20.46 26.76 -18.90
C LYS C 48 -18.94 26.75 -18.92
N VAL C 49 -18.29 27.14 -17.82
CA VAL C 49 -16.83 27.21 -17.84
C VAL C 49 -16.22 25.83 -17.62
N VAL C 50 -16.88 24.94 -16.89
CA VAL C 50 -16.33 23.61 -16.61
C VAL C 50 -17.32 22.55 -17.11
N PRO C 51 -17.43 22.29 -18.41
CA PRO C 51 -18.36 21.25 -18.87
C PRO C 51 -17.77 19.85 -18.96
N ILE C 52 -16.53 19.63 -18.51
CA ILE C 52 -15.84 18.36 -18.72
C ILE C 52 -14.98 18.04 -17.50
N VAL C 53 -14.42 16.82 -17.51
CA VAL C 53 -13.65 16.27 -16.40
C VAL C 53 -12.35 17.04 -16.18
N TYR C 54 -11.81 17.65 -17.25
CA TYR C 54 -10.61 18.51 -17.25
C TYR C 54 -9.35 17.88 -16.64
N ILE C 66 -8.38 27.61 -16.79
CA ILE C 66 -9.80 27.35 -16.61
C ILE C 66 -10.41 28.53 -15.91
N LEU C 67 -10.02 28.72 -14.64
CA LEU C 67 -10.56 29.78 -13.79
C LEU C 67 -9.79 31.08 -14.04
N SER C 68 -10.00 31.62 -15.23
CA SER C 68 -9.36 32.84 -15.70
C SER C 68 -9.87 34.05 -14.91
N PRO C 69 -9.14 35.17 -14.92
CA PRO C 69 -9.68 36.39 -14.27
C PRO C 69 -10.94 36.94 -14.90
N LYS C 70 -11.22 36.64 -16.17
CA LYS C 70 -12.52 36.94 -16.73
C LYS C 70 -13.62 36.10 -16.09
N VAL C 71 -13.32 34.85 -15.71
CA VAL C 71 -14.28 34.01 -15.01
C VAL C 71 -14.54 34.57 -13.60
N VAL C 72 -13.50 35.11 -12.97
CA VAL C 72 -13.64 35.72 -11.65
C VAL C 72 -14.46 37.00 -11.73
N LYS C 73 -14.27 37.77 -12.81
CA LYS C 73 -15.10 38.95 -13.05
C LYS C 73 -16.54 38.56 -13.34
N LEU C 74 -16.74 37.44 -14.05
CA LEU C 74 -18.09 36.93 -14.32
C LEU C 74 -18.78 36.48 -13.04
N ALA C 75 -18.03 35.84 -12.14
CA ALA C 75 -18.54 35.47 -10.83
C ALA C 75 -18.94 36.69 -10.01
N TYR C 76 -18.13 37.75 -10.08
CA TYR C 76 -18.51 39.01 -9.45
C TYR C 76 -19.76 39.62 -10.10
N GLU C 77 -19.93 39.43 -11.40
CA GLU C 77 -21.08 39.97 -12.10
C GLU C 77 -22.30 39.07 -11.99
N ALA C 78 -22.11 37.79 -11.64
CA ALA C 78 -23.22 36.85 -11.51
C ALA C 78 -24.17 37.18 -10.37
N CYS C 79 -23.74 38.02 -9.42
CA CYS C 79 -24.61 38.39 -8.32
C CYS C 79 -25.61 39.46 -8.72
N GLY C 80 -25.13 40.53 -9.32
CA GLY C 80 -25.99 41.60 -9.79
C GLY C 80 -25.73 42.89 -9.03
N GLY C 81 -26.54 43.88 -9.35
CA GLY C 81 -26.36 45.21 -8.80
C GLY C 81 -25.85 46.17 -9.86
N ASN C 82 -26.02 47.46 -9.59
CA ASN C 82 -25.58 48.50 -10.51
C ASN C 82 -24.07 48.64 -10.46
N PRO C 83 -23.34 48.43 -11.57
CA PRO C 83 -21.90 48.73 -11.58
C PRO C 83 -21.58 50.20 -11.37
N LYS C 84 -22.52 51.09 -11.70
CA LYS C 84 -22.40 52.50 -11.39
C LYS C 84 -22.37 52.76 -9.88
N ASP C 85 -23.05 51.93 -9.09
CA ASP C 85 -23.11 52.08 -7.65
C ASP C 85 -22.09 51.17 -6.96
N LYS C 86 -21.87 51.45 -5.68
CA LYS C 86 -21.10 50.64 -4.76
C LYS C 86 -21.84 50.72 -3.42
N ALA C 87 -21.83 49.61 -2.68
CA ALA C 87 -22.63 49.14 -1.53
C ALA C 87 -23.99 48.62 -2.01
N ASN C 88 -24.29 48.69 -3.30
CA ASN C 88 -25.34 47.88 -3.89
C ASN C 88 -24.76 46.74 -4.71
N LYS C 89 -23.58 46.94 -5.28
CA LYS C 89 -22.82 45.81 -5.80
C LYS C 89 -22.30 44.94 -4.68
N ARG C 90 -21.80 45.55 -3.60
CA ARG C 90 -21.28 44.78 -2.47
C ARG C 90 -22.38 44.07 -1.71
N LYS C 91 -23.62 44.60 -1.74
CA LYS C 91 -24.77 43.96 -1.10
C LYS C 91 -25.05 42.58 -1.70
N TYR C 92 -24.85 42.43 -3.00
CA TYR C 92 -25.10 41.14 -3.62
C TYR C 92 -23.82 40.34 -3.84
N GLN C 93 -22.67 41.00 -3.91
CA GLN C 93 -21.39 40.31 -3.86
C GLN C 93 -21.03 39.84 -2.46
N SER C 94 -21.81 40.18 -1.44
CA SER C 94 -21.56 39.61 -0.12
C SER C 94 -21.94 38.13 -0.06
N VAL C 95 -22.91 37.68 -0.87
CA VAL C 95 -23.36 36.30 -0.80
C VAL C 95 -22.62 35.40 -1.79
N ILE C 96 -21.49 35.88 -2.34
CA ILE C 96 -20.79 35.15 -3.38
C ILE C 96 -20.20 33.82 -2.85
N ILE C 97 -19.62 33.84 -1.64
CA ILE C 97 -19.00 32.65 -1.08
C ILE C 97 -20.06 31.66 -0.63
N PHE C 98 -21.11 32.15 0.03
CA PHE C 98 -22.24 31.32 0.42
C PHE C 98 -22.91 30.67 -0.78
N SER C 99 -23.04 31.40 -1.88
CA SER C 99 -23.69 30.87 -3.07
C SER C 99 -22.81 29.85 -3.77
N LEU C 100 -21.49 30.09 -3.84
CA LEU C 100 -20.58 29.09 -4.40
C LEU C 100 -20.52 27.83 -3.54
N LEU C 101 -20.64 27.96 -2.23
CA LEU C 101 -20.68 26.75 -1.41
C LEU C 101 -22.01 26.02 -1.50
N LYS C 102 -23.12 26.72 -1.74
CA LYS C 102 -24.36 26.01 -2.05
C LYS C 102 -24.30 25.36 -3.43
N VAL C 103 -23.54 25.94 -4.35
CA VAL C 103 -23.26 25.30 -5.64
C VAL C 103 -22.47 24.00 -5.43
N CYS C 104 -21.49 24.03 -4.53
CA CYS C 104 -20.76 22.82 -4.13
C CYS C 104 -21.69 21.77 -3.51
N GLU C 105 -22.60 22.21 -2.63
CA GLU C 105 -23.62 21.35 -2.04
C GLU C 105 -24.50 20.70 -3.10
N TRP C 106 -24.93 21.49 -4.09
CA TRP C 106 -25.79 20.98 -5.15
C TRP C 106 -25.05 20.02 -6.05
N TYR C 107 -23.76 20.26 -6.31
CA TYR C 107 -23.00 19.30 -7.10
C TYR C 107 -22.73 18.00 -6.34
N SER C 108 -22.61 18.08 -5.02
CA SER C 108 -22.54 16.86 -4.22
C SER C 108 -23.85 16.08 -4.28
N ILE C 109 -24.98 16.79 -4.25
CA ILE C 109 -26.30 16.17 -4.43
C ILE C 109 -26.42 15.53 -5.82
N LEU C 110 -25.92 16.21 -6.84
CA LEU C 110 -25.92 15.70 -8.22
C LEU C 110 -25.08 14.44 -8.37
N ALA C 111 -23.86 14.44 -7.79
CA ALA C 111 -23.03 13.25 -7.78
C ALA C 111 -23.66 12.11 -6.99
N THR C 112 -24.44 12.41 -5.96
CA THR C 112 -25.22 11.38 -5.28
C THR C 112 -26.32 10.83 -6.18
N MET C 113 -26.94 11.68 -6.99
CA MET C 113 -28.07 11.24 -7.80
C MET C 113 -27.62 10.56 -9.09
N GLU C 114 -26.72 11.19 -9.83
CA GLU C 114 -26.15 10.58 -11.04
C GLU C 114 -24.83 9.94 -10.64
N VAL C 115 -24.94 8.71 -10.12
CA VAL C 115 -23.80 7.95 -9.62
C VAL C 115 -22.80 7.66 -10.73
N HIS C 116 -23.30 7.43 -11.95
CA HIS C 116 -22.43 7.20 -13.09
C HIS C 116 -21.67 8.47 -13.48
N ASN C 117 -22.31 9.63 -13.39
CA ASN C 117 -21.73 10.90 -13.80
C ASN C 117 -21.17 11.66 -12.59
N ALA C 118 -20.71 10.93 -11.57
CA ALA C 118 -20.21 11.56 -10.35
C ALA C 118 -18.88 12.27 -10.56
N LYS C 119 -18.09 11.87 -11.56
CA LYS C 119 -16.79 12.49 -11.76
C LYS C 119 -16.89 13.90 -12.33
N LEU C 120 -17.87 14.12 -13.21
CA LEU C 120 -18.12 15.45 -13.76
C LEU C 120 -18.57 16.43 -12.69
N TYR C 121 -19.49 16.01 -11.83
CA TYR C 121 -19.96 16.90 -10.77
C TYR C 121 -18.94 17.05 -9.65
N GLU C 122 -18.10 16.03 -9.40
CA GLU C 122 -16.97 16.21 -8.48
C GLU C 122 -15.96 17.19 -9.04
N THR C 123 -15.74 17.18 -10.37
CA THR C 123 -14.88 18.16 -11.02
C THR C 123 -15.46 19.57 -10.88
N ARG C 124 -16.76 19.72 -11.16
CA ARG C 124 -17.44 21.01 -11.05
C ARG C 124 -17.42 21.53 -9.62
N ASN C 125 -17.62 20.63 -8.65
CA ASN C 125 -17.59 20.98 -7.23
C ASN C 125 -16.19 21.45 -6.84
N LEU C 126 -15.15 20.75 -7.31
CA LEU C 126 -13.77 21.15 -7.05
C LEU C 126 -13.46 22.49 -7.69
N ALA C 127 -13.96 22.71 -8.91
CA ALA C 127 -13.76 23.98 -9.61
C ALA C 127 -14.42 25.13 -8.86
N SER C 128 -15.62 24.87 -8.33
CA SER C 128 -16.33 25.85 -7.52
C SER C 128 -15.54 26.17 -6.26
N GLN C 129 -14.97 25.14 -5.62
CA GLN C 129 -14.15 25.32 -4.42
C GLN C 129 -12.90 26.14 -4.72
N GLN C 130 -12.23 25.86 -5.84
CA GLN C 130 -11.04 26.63 -6.22
C GLN C 130 -11.38 28.08 -6.56
N LEU C 131 -12.52 28.30 -7.23
CA LEU C 131 -12.97 29.66 -7.54
C LEU C 131 -13.29 30.41 -6.26
N CYS C 132 -13.92 29.70 -5.32
CA CYS C 132 -14.25 30.24 -4.01
C CYS C 132 -12.99 30.61 -3.24
N LYS C 133 -11.96 29.76 -3.31
CA LYS C 133 -10.67 30.01 -2.69
C LYS C 133 -10.01 31.24 -3.27
N LEU C 134 -10.09 31.39 -4.60
CA LEU C 134 -9.55 32.57 -5.29
C LEU C 134 -10.24 33.84 -4.84
N LEU C 135 -11.57 33.78 -4.71
CA LEU C 135 -12.36 34.92 -4.27
C LEU C 135 -12.04 35.31 -2.83
N ILE C 136 -11.88 34.32 -1.94
CA ILE C 136 -11.52 34.58 -0.55
C ILE C 136 -10.14 35.20 -0.45
N GLU C 137 -9.18 34.70 -1.23
CA GLU C 137 -7.82 35.22 -1.17
C GLU C 137 -7.71 36.60 -1.83
N ARG C 138 -8.59 36.89 -2.79
CA ARG C 138 -8.60 38.21 -3.40
C ARG C 138 -9.21 39.24 -2.46
N GLU C 139 -10.33 38.90 -1.83
CA GLU C 139 -10.96 39.83 -0.90
C GLU C 139 -10.20 39.95 0.41
N GLU C 140 -9.31 39.01 0.73
CA GLU C 140 -8.41 39.18 1.85
C GLU C 140 -7.46 40.35 1.62
N THR C 141 -6.99 40.51 0.39
CA THR C 141 -6.16 41.66 0.05
C THR C 141 -7.00 42.92 -0.05
N ARG C 142 -8.18 42.84 -0.68
CA ARG C 142 -9.03 44.02 -0.88
C ARG C 142 -9.53 44.59 0.45
N ASP C 143 -10.36 43.84 1.17
CA ASP C 143 -10.91 44.37 2.42
C ASP C 143 -11.18 43.21 3.37
N LEU C 144 -10.53 43.24 4.54
CA LEU C 144 -10.50 42.07 5.41
C LEU C 144 -11.77 41.95 6.24
N GLN C 145 -12.26 43.08 6.77
CA GLN C 145 -13.48 43.07 7.57
C GLN C 145 -14.69 42.69 6.73
N PHE C 146 -14.72 43.09 5.46
CA PHE C 146 -15.80 42.70 4.57
C PHE C 146 -15.73 41.21 4.23
N LEU C 147 -14.52 40.67 4.12
CA LEU C 147 -14.34 39.23 3.94
C LEU C 147 -14.85 38.46 5.15
N PHE C 148 -14.46 38.91 6.35
CA PHE C 148 -14.78 38.15 7.56
C PHE C 148 -16.25 38.26 7.91
N MET C 149 -16.75 39.48 8.12
CA MET C 149 -18.12 39.66 8.61
C MET C 149 -19.16 39.31 7.56
N GLN C 150 -19.00 39.82 6.35
CA GLN C 150 -20.08 39.69 5.37
C GLN C 150 -20.01 38.41 4.54
N LEU C 151 -18.85 38.15 3.94
CA LEU C 151 -18.70 36.96 3.09
C LEU C 151 -18.73 35.68 3.91
N LEU C 152 -17.79 35.53 4.84
CA LEU C 152 -17.64 34.23 5.50
C LEU C 152 -18.63 34.05 6.64
N LEU C 153 -18.78 35.03 7.53
CA LEU C 153 -19.49 34.77 8.79
C LEU C 153 -20.97 35.09 8.79
N ARG C 154 -21.46 35.95 7.90
CA ARG C 154 -22.89 36.29 7.89
C ARG C 154 -23.73 35.09 7.49
N ARG C 155 -24.67 34.71 8.35
CA ARG C 155 -25.55 33.55 8.13
C ARG C 155 -26.69 33.93 7.20
N TYR C 156 -26.48 33.74 5.90
CA TYR C 156 -27.53 34.04 4.94
C TYR C 156 -28.58 32.94 4.90
N VAL C 157 -29.72 33.28 4.31
CA VAL C 157 -30.87 32.38 4.18
C VAL C 157 -31.09 32.18 2.69
N ILE C 158 -31.54 30.99 2.31
CA ILE C 158 -31.72 30.67 0.90
C ILE C 158 -33.00 29.86 0.77
N ASN C 159 -33.68 30.05 -0.36
CA ASN C 159 -34.90 29.31 -0.67
C ASN C 159 -34.53 28.25 -1.70
N GLU C 160 -34.06 27.10 -1.23
CA GLU C 160 -33.71 26.00 -2.13
C GLU C 160 -34.95 25.44 -2.82
N ASN C 161 -35.97 25.13 -2.06
CA ASN C 161 -37.27 24.78 -2.56
C ASN C 161 -38.21 25.90 -2.11
N ASP C 162 -39.52 25.66 -2.20
CA ASP C 162 -40.49 26.58 -1.60
C ASP C 162 -40.27 26.78 -0.10
N GLU C 163 -39.79 25.76 0.59
CA GLU C 163 -39.33 25.87 1.97
C GLU C 163 -38.13 26.82 2.08
N ASP C 164 -38.04 27.51 3.21
CA ASP C 164 -36.93 28.41 3.54
C ASP C 164 -35.93 27.67 4.40
N GLN C 165 -34.66 27.78 4.08
CA GLN C 165 -33.63 27.03 4.78
C GLN C 165 -33.16 27.81 6.01
N GLU C 166 -32.41 27.12 6.86
CA GLU C 166 -31.90 27.72 8.08
C GLU C 166 -30.79 28.71 7.73
N PRO C 167 -30.50 29.69 8.61
CA PRO C 167 -29.38 30.59 8.32
C PRO C 167 -28.04 29.94 8.58
N LEU C 168 -27.34 29.60 7.49
CA LEU C 168 -25.99 29.09 7.54
C LEU C 168 -25.05 30.13 6.97
N ASN C 169 -23.80 30.10 7.42
CA ASN C 169 -22.78 30.96 6.85
C ASN C 169 -21.76 30.10 6.15
N ALA C 170 -20.88 30.77 5.40
CA ALA C 170 -19.95 30.09 4.50
C ALA C 170 -18.93 29.23 5.23
N LEU C 171 -18.58 29.58 6.46
CA LEU C 171 -17.69 28.75 7.26
C LEU C 171 -18.34 27.43 7.63
N GLU C 172 -19.52 27.49 8.24
CA GLU C 172 -20.28 26.29 8.61
C GLU C 172 -20.66 25.47 7.39
N LEU C 173 -20.96 26.13 6.27
CA LEU C 173 -21.30 25.46 5.04
C LEU C 173 -20.10 24.69 4.48
N ALA C 174 -18.93 25.33 4.44
CA ALA C 174 -17.73 24.65 3.98
C ALA C 174 -17.28 23.53 4.91
N THR C 175 -17.57 23.63 6.20
CA THR C 175 -17.17 22.53 7.08
C THR C 175 -18.10 21.34 7.04
N ASP C 176 -19.41 21.56 6.90
CA ASP C 176 -20.34 20.43 6.89
C ASP C 176 -20.13 19.52 5.69
N MET C 177 -19.88 20.10 4.52
CA MET C 177 -19.63 19.30 3.34
C MET C 177 -18.15 19.01 3.12
N HIS C 178 -17.28 19.45 4.03
CA HIS C 178 -15.82 19.26 4.00
C HIS C 178 -15.19 19.80 2.72
N CYS C 179 -15.32 21.10 2.53
CA CYS C 179 -14.73 21.78 1.38
C CYS C 179 -13.30 22.12 1.74
N THR C 180 -12.38 21.19 1.49
CA THR C 180 -11.03 21.32 2.00
C THR C 180 -10.19 22.32 1.21
N THR C 181 -10.55 22.58 -0.05
CA THR C 181 -9.90 23.64 -0.79
C THR C 181 -10.34 25.01 -0.31
N VAL C 182 -11.52 25.10 0.28
CA VAL C 182 -12.00 26.35 0.86
C VAL C 182 -11.51 26.52 2.29
N ILE C 183 -11.51 25.44 3.09
CA ILE C 183 -11.03 25.50 4.46
C ILE C 183 -9.53 25.81 4.51
N GLY C 184 -8.79 25.37 3.51
CA GLY C 184 -7.38 25.69 3.45
C GLY C 184 -7.04 26.98 2.75
N SER C 185 -7.98 27.92 2.72
CA SER C 185 -7.68 29.25 2.19
C SER C 185 -7.03 30.07 3.27
N SER C 186 -6.28 31.09 2.85
CA SER C 186 -5.66 31.97 3.83
C SER C 186 -6.69 32.81 4.56
N GLY C 187 -7.73 33.25 3.85
CA GLY C 187 -8.75 34.08 4.48
C GLY C 187 -9.67 33.29 5.38
N PHE C 188 -10.02 32.07 4.97
CA PHE C 188 -10.79 31.14 5.80
C PHE C 188 -10.07 30.81 7.09
N GLN C 189 -8.77 30.47 6.98
CA GLN C 189 -7.99 30.14 8.16
C GLN C 189 -7.76 31.36 9.04
N ARG C 190 -7.61 32.55 8.43
CA ARG C 190 -7.52 33.79 9.21
C ARG C 190 -8.82 34.08 9.95
N CYS C 191 -9.96 33.86 9.29
CA CYS C 191 -11.25 34.07 9.93
C CYS C 191 -11.45 33.12 11.09
N LEU C 192 -11.06 31.87 10.92
CA LEU C 192 -11.09 30.88 12.00
C LEU C 192 -10.14 31.24 13.13
N LYS C 193 -9.00 31.84 12.81
CA LYS C 193 -8.07 32.29 13.83
C LYS C 193 -8.65 33.45 14.63
N TRP C 194 -9.30 34.39 13.95
CA TRP C 194 -9.94 35.52 14.64
C TRP C 194 -11.11 35.08 15.50
N ILE C 195 -11.92 34.15 15.02
CA ILE C 195 -13.00 33.60 15.84
C ILE C 195 -12.44 32.82 17.02
N TRP C 196 -11.41 32.00 16.77
CA TRP C 196 -10.74 31.19 17.78
C TRP C 196 -10.20 32.05 18.92
N ARG C 197 -9.50 33.13 18.60
CA ARG C 197 -9.00 34.06 19.59
C ARG C 197 -10.07 34.95 20.21
N GLY C 198 -11.32 34.87 19.75
CA GLY C 198 -12.36 35.71 20.30
C GLY C 198 -12.40 37.11 19.74
N TRP C 199 -11.62 37.38 18.70
CA TRP C 199 -11.59 38.72 18.11
C TRP C 199 -12.88 39.05 17.36
N ILE C 200 -13.58 38.03 16.86
CA ILE C 200 -14.91 38.20 16.29
C ILE C 200 -15.86 37.37 17.14
N VAL C 201 -16.98 37.96 17.52
CA VAL C 201 -17.94 37.35 18.43
C VAL C 201 -19.32 37.48 17.82
N GLN C 202 -20.19 36.54 18.13
CA GLN C 202 -21.55 36.57 17.61
C GLN C 202 -22.33 37.72 18.22
N ASN C 203 -23.01 38.47 17.37
CA ASN C 203 -23.81 39.60 17.81
C ASN C 203 -25.03 39.10 18.59
N GLY C 204 -25.21 39.62 19.81
CA GLY C 204 -26.38 39.27 20.58
C GLY C 204 -27.68 39.82 20.02
N LEU C 205 -27.61 40.92 19.26
CA LEU C 205 -28.81 41.52 18.69
C LEU C 205 -29.37 40.67 17.57
N ASP C 206 -28.50 40.28 16.62
CA ASP C 206 -28.88 39.45 15.48
C ASP C 206 -27.90 38.28 15.48
N PRO C 207 -28.38 37.03 15.49
CA PRO C 207 -27.44 35.89 15.54
C PRO C 207 -26.81 35.52 14.21
N THR C 208 -26.88 36.39 13.21
CA THR C 208 -26.42 36.13 11.85
C THR C 208 -25.41 37.17 11.39
N THR C 209 -24.74 37.87 12.31
CA THR C 209 -23.98 39.05 11.92
C THR C 209 -22.48 38.97 12.21
N PHE C 210 -22.10 38.57 13.43
CA PHE C 210 -20.72 38.40 13.90
C PHE C 210 -19.92 39.71 13.82
N ILE C 211 -20.29 40.65 14.69
CA ILE C 211 -19.56 41.90 14.81
C ILE C 211 -18.20 41.64 15.48
N LYS C 212 -17.21 42.47 15.15
CA LYS C 212 -15.93 42.43 15.83
C LYS C 212 -16.08 42.97 17.26
N ASP C 213 -15.10 42.68 18.11
CA ASP C 213 -15.08 43.24 19.45
C ASP C 213 -13.74 43.95 19.68
N ASP C 214 -13.72 44.82 20.69
CA ASP C 214 -12.56 45.66 20.96
C ASP C 214 -11.71 45.03 22.04
N SER C 215 -10.54 44.52 21.64
CA SER C 215 -9.57 43.92 22.54
C SER C 215 -8.35 44.80 22.76
N LEU C 216 -8.36 46.02 22.21
CA LEU C 216 -7.20 46.92 22.33
C LEU C 216 -7.00 47.42 23.75
N ALA C 217 -8.11 47.71 24.46
CA ALA C 217 -8.17 48.19 25.85
C ALA C 217 -7.38 49.49 26.08
N PHE C 225 -9.55 42.50 32.81
CA PHE C 225 -9.92 41.18 33.28
C PHE C 225 -11.41 40.92 33.06
N ASN C 226 -11.83 40.97 31.80
CA ASN C 226 -13.23 40.76 31.47
C ASN C 226 -13.57 39.27 31.60
N PRO C 227 -14.76 38.93 32.13
CA PRO C 227 -15.17 37.53 32.11
C PRO C 227 -15.58 37.04 30.73
N VAL C 228 -16.12 37.92 29.88
CA VAL C 228 -16.60 37.51 28.57
C VAL C 228 -15.43 37.20 27.62
N ARG C 229 -14.23 37.70 27.95
CA ARG C 229 -13.00 37.30 27.23
C ARG C 229 -12.71 35.83 27.45
N LEU C 230 -13.08 35.27 28.60
CA LEU C 230 -12.91 33.84 28.84
C LEU C 230 -13.89 33.01 28.04
N LYS C 231 -14.94 33.64 27.47
CA LYS C 231 -15.88 32.97 26.58
C LYS C 231 -15.31 32.73 25.19
N ALA C 232 -14.09 33.17 24.91
CA ALA C 232 -13.45 32.95 23.62
C ALA C 232 -13.19 31.46 23.42
N PRO C 233 -13.11 31.01 22.17
CA PRO C 233 -12.80 29.60 21.91
C PRO C 233 -11.43 29.14 22.37
N VAL C 234 -10.41 30.00 22.39
CA VAL C 234 -9.09 29.65 22.95
C VAL C 234 -9.24 29.28 24.41
N TYR C 235 -9.91 30.14 25.17
CA TYR C 235 -9.98 29.96 26.60
C TYR C 235 -11.03 28.95 27.00
N GLN C 236 -12.13 28.82 26.24
CA GLN C 236 -13.05 27.72 26.47
C GLN C 236 -12.39 26.38 26.21
N ASN C 237 -11.58 26.29 25.16
CA ASN C 237 -10.83 25.09 24.85
C ASN C 237 -9.80 24.77 25.94
N TYR C 238 -9.04 25.78 26.36
CA TYR C 238 -8.01 25.60 27.38
C TYR C 238 -8.62 25.25 28.73
N LEU C 239 -9.75 25.86 29.10
CA LEU C 239 -10.36 25.53 30.37
C LEU C 239 -11.04 24.16 30.35
N GLN C 240 -11.59 23.74 29.20
CA GLN C 240 -12.07 22.36 29.10
C GLN C 240 -10.93 21.36 29.16
N MET C 241 -9.76 21.70 28.60
CA MET C 241 -8.58 20.85 28.70
C MET C 241 -8.09 20.73 30.14
N ILE C 242 -8.00 21.87 30.84
CA ILE C 242 -7.59 21.89 32.25
C ILE C 242 -8.60 21.15 33.11
N PHE C 243 -9.89 21.30 32.80
CA PHE C 243 -10.92 20.62 33.58
C PHE C 243 -10.95 19.13 33.30
N SER C 244 -10.58 18.70 32.08
CA SER C 244 -10.47 17.28 31.81
C SER C 244 -9.30 16.66 32.56
N PHE C 245 -8.15 17.34 32.58
CA PHE C 245 -7.03 16.86 33.38
C PHE C 245 -7.33 16.90 34.88
N LEU C 246 -8.11 17.88 35.33
CA LEU C 246 -8.51 17.97 36.72
C LEU C 246 -9.51 16.88 37.10
N PHE C 247 -10.47 16.60 36.21
CA PHE C 247 -11.37 15.47 36.36
C PHE C 247 -10.63 14.15 36.44
N LEU C 248 -9.59 13.99 35.62
CA LEU C 248 -8.76 12.78 35.66
C LEU C 248 -7.98 12.69 36.97
N GLY C 249 -7.44 13.82 37.44
CA GLY C 249 -6.70 13.84 38.70
C GLY C 249 -7.58 13.56 39.91
N LEU C 250 -8.78 14.12 39.92
CA LEU C 250 -9.74 13.78 40.97
C LEU C 250 -10.21 12.33 40.86
N TYR C 251 -10.33 11.79 39.65
CA TYR C 251 -10.70 10.38 39.49
C TYR C 251 -9.64 9.47 40.08
N THR C 252 -8.37 9.63 39.66
CA THR C 252 -7.31 8.76 40.14
C THR C 252 -6.95 8.96 41.62
N LEU C 253 -7.44 10.02 42.26
CA LEU C 253 -7.29 10.18 43.69
C LEU C 253 -8.46 9.60 44.46
N VAL C 254 -9.44 9.03 43.76
CA VAL C 254 -10.60 8.41 44.38
C VAL C 254 -10.51 6.88 44.30
N VAL C 255 -10.32 6.34 43.10
CA VAL C 255 -10.23 4.89 42.90
C VAL C 255 -9.02 4.28 43.60
N ASN C 256 -7.94 5.03 43.76
CA ASN C 256 -6.82 4.63 44.60
C ASN C 256 -6.98 5.09 46.05
N GLY C 257 -8.20 5.44 46.46
CA GLY C 257 -8.44 5.92 47.80
C GLY C 257 -8.75 4.81 48.78
N LYS C 258 -9.35 3.72 48.31
CA LYS C 258 -9.69 2.56 49.13
C LYS C 258 -8.48 1.89 49.75
N ASP C 259 -8.33 2.02 51.06
CA ASP C 259 -7.26 1.41 51.82
C ASP C 259 -7.75 0.37 52.81
N SER C 260 -8.91 0.56 53.41
CA SER C 260 -9.49 -0.37 54.36
C SER C 260 -10.75 -1.00 53.75
N GLU C 261 -11.05 -2.22 54.20
CA GLU C 261 -12.23 -2.94 53.71
C GLU C 261 -13.55 -2.29 54.13
N ARG C 262 -13.54 -1.49 55.19
CA ARG C 262 -14.74 -0.81 55.65
C ARG C 262 -15.10 0.36 54.71
N VAL C 263 -16.16 1.07 55.07
CA VAL C 263 -16.59 2.24 54.31
C VAL C 263 -15.67 3.41 54.63
N GLN C 264 -15.26 4.14 53.60
CA GLN C 264 -14.23 5.16 53.73
C GLN C 264 -14.82 6.47 54.24
N SER C 265 -13.93 7.45 54.45
CA SER C 265 -14.26 8.68 55.15
C SER C 265 -15.13 9.64 54.34
N PHE C 266 -15.26 9.45 53.02
CA PHE C 266 -15.92 10.35 52.07
C PHE C 266 -15.29 11.75 52.15
N ASP C 267 -14.04 11.79 51.69
CA ASP C 267 -13.18 12.96 51.77
C ASP C 267 -13.68 14.12 50.90
N LEU C 268 -12.98 15.25 50.99
CA LEU C 268 -13.35 16.45 50.24
C LEU C 268 -13.19 16.26 48.74
N LEU C 269 -12.15 15.54 48.33
CA LEU C 269 -11.86 15.32 46.91
C LEU C 269 -12.90 14.43 46.25
N GLU C 270 -13.38 13.42 46.99
CA GLU C 270 -14.45 12.55 46.48
C GLU C 270 -15.74 13.32 46.27
N SER C 271 -16.05 14.26 47.17
CA SER C 271 -17.24 15.09 47.02
C SER C 271 -17.12 16.05 45.85
N ILE C 272 -15.95 16.68 45.67
CA ILE C 272 -15.69 17.55 44.53
C ILE C 272 -15.79 16.76 43.22
N PHE C 273 -15.30 15.52 43.23
CA PHE C 273 -15.35 14.64 42.07
C PHE C 273 -16.78 14.28 41.68
N TYR C 274 -17.60 13.84 42.64
CA TYR C 274 -18.98 13.52 42.31
C TYR C 274 -19.81 14.76 41.97
N VAL C 275 -19.46 15.93 42.52
CA VAL C 275 -20.12 17.18 42.13
C VAL C 275 -19.81 17.53 40.68
N PHE C 276 -18.53 17.42 40.28
CA PHE C 276 -18.13 17.65 38.90
C PHE C 276 -18.79 16.67 37.93
N ASN C 277 -18.88 15.40 38.31
CA ASN C 277 -19.50 14.43 37.42
C ASN C 277 -21.01 14.61 37.34
N THR C 278 -21.68 14.96 38.44
CA THR C 278 -23.11 15.20 38.33
C THR C 278 -23.41 16.49 37.57
N GLY C 279 -22.51 17.47 37.64
CA GLY C 279 -22.60 18.64 36.77
C GLY C 279 -22.48 18.29 35.30
N PHE C 280 -21.53 17.41 34.98
CA PHE C 280 -21.33 16.95 33.60
C PHE C 280 -22.53 16.16 33.09
N ILE C 281 -23.08 15.26 33.90
CA ILE C 281 -24.21 14.46 33.43
C ILE C 281 -25.48 15.30 33.31
N LEU C 282 -25.69 16.31 34.18
CA LEU C 282 -26.85 17.17 34.00
C LEU C 282 -26.68 18.10 32.80
N ASP C 283 -25.45 18.55 32.54
CA ASP C 283 -25.17 19.33 31.33
C ASP C 283 -25.46 18.52 30.07
N GLU C 284 -25.00 17.27 30.04
CA GLU C 284 -25.22 16.42 28.88
C GLU C 284 -26.67 15.99 28.73
N LEU C 285 -27.39 15.79 29.84
CA LEU C 285 -28.80 15.44 29.71
C LEU C 285 -29.68 16.64 29.35
N THR C 286 -29.32 17.85 29.78
CA THR C 286 -30.01 19.05 29.28
C THR C 286 -29.79 19.24 27.79
N LYS C 287 -28.54 19.05 27.33
CA LYS C 287 -28.26 19.08 25.90
C LYS C 287 -28.96 17.95 25.15
N LEU C 288 -29.10 16.78 25.79
CA LEU C 288 -29.76 15.64 25.16
C LEU C 288 -31.27 15.87 25.02
N TYR C 289 -31.92 16.40 26.06
CA TYR C 289 -33.33 16.76 25.96
C TYR C 289 -33.57 17.88 24.97
N TYR C 290 -32.77 18.96 25.05
CA TYR C 290 -32.88 20.09 24.13
C TYR C 290 -32.55 19.70 22.69
N ILE C 291 -31.31 19.30 22.44
CA ILE C 291 -30.89 18.84 21.12
C ILE C 291 -31.08 17.33 21.12
N GLY C 292 -32.16 16.87 20.50
CA GLY C 292 -32.51 15.47 20.51
C GLY C 292 -32.10 14.80 19.21
N TYR C 293 -31.30 13.74 19.34
CA TYR C 293 -30.83 12.86 18.26
C TYR C 293 -29.97 13.59 17.24
N ALA C 294 -29.37 14.71 17.64
CA ALA C 294 -28.24 15.32 16.95
C ALA C 294 -27.10 15.52 17.92
N HIS C 295 -27.29 15.13 19.19
CA HIS C 295 -26.26 14.97 20.19
C HIS C 295 -25.65 13.57 20.15
N LEU C 296 -25.85 12.83 19.06
CA LEU C 296 -25.45 11.43 18.96
C LEU C 296 -24.06 11.26 18.35
N SER C 297 -23.18 12.23 18.53
CA SER C 297 -21.77 12.10 18.23
C SER C 297 -21.13 10.99 19.06
N PHE C 298 -20.04 10.41 18.54
CA PHE C 298 -19.31 9.38 19.26
C PHE C 298 -18.73 9.89 20.57
N TRP C 299 -18.15 11.09 20.54
CA TRP C 299 -17.54 11.65 21.74
C TRP C 299 -18.58 12.02 22.78
N ASN C 300 -19.77 12.43 22.32
CA ASN C 300 -20.86 12.71 23.24
C ASN C 300 -21.34 11.44 23.93
N LEU C 301 -21.56 10.36 23.17
CA LEU C 301 -21.92 9.07 23.76
C LEU C 301 -20.80 8.51 24.64
N PHE C 302 -19.55 8.73 24.26
CA PHE C 302 -18.40 8.29 25.05
C PHE C 302 -18.37 8.99 26.39
N ASN C 303 -18.53 10.32 26.38
CA ASN C 303 -18.61 11.08 27.63
C ASN C 303 -19.84 10.71 28.44
N ASP C 304 -20.98 10.46 27.77
CA ASP C 304 -22.19 10.01 28.48
C ASP C 304 -21.98 8.66 29.13
N THR C 305 -21.23 7.78 28.49
CA THR C 305 -20.90 6.50 29.09
C THR C 305 -20.00 6.67 30.30
N THR C 306 -18.97 7.53 30.19
CA THR C 306 -18.10 7.90 31.31
C THR C 306 -18.89 8.44 32.50
N TYR C 307 -19.73 9.45 32.25
CA TYR C 307 -20.45 10.09 33.34
C TYR C 307 -21.56 9.20 33.87
N LEU C 308 -22.16 8.36 33.02
CA LEU C 308 -23.18 7.41 33.46
C LEU C 308 -22.60 6.36 34.39
N ILE C 309 -21.43 5.80 34.05
CA ILE C 309 -20.75 4.84 34.90
C ILE C 309 -20.37 5.47 36.25
N ILE C 310 -19.79 6.67 36.22
CA ILE C 310 -19.42 7.35 37.47
C ILE C 310 -20.67 7.68 38.31
N THR C 311 -21.82 8.03 37.67
CA THR C 311 -23.05 8.28 38.42
C THR C 311 -23.55 7.02 39.11
N PHE C 312 -23.48 5.85 38.42
CA PHE C 312 -23.88 4.60 39.06
C PHE C 312 -22.98 4.33 40.26
N ALA C 313 -21.68 4.58 40.11
CA ALA C 313 -20.72 4.40 41.19
C ALA C 313 -21.03 5.35 42.35
N MET C 314 -21.41 6.59 42.02
CA MET C 314 -21.79 7.60 42.99
C MET C 314 -23.01 7.14 43.76
N GLY C 315 -24.00 6.59 43.05
CA GLY C 315 -25.22 6.11 43.68
C GLY C 315 -24.95 4.96 44.64
N PHE C 316 -24.10 4.00 44.22
CA PHE C 316 -23.76 2.88 45.11
C PHE C 316 -22.99 3.37 46.33
N ARG C 317 -22.06 4.31 46.14
CA ARG C 317 -21.28 4.87 47.23
C ARG C 317 -22.18 5.63 48.20
N ALA C 318 -23.13 6.41 47.66
CA ALA C 318 -24.07 7.18 48.46
C ALA C 318 -24.97 6.26 49.27
N MET C 319 -25.44 5.17 48.64
CA MET C 319 -26.27 4.20 49.35
C MET C 319 -25.47 3.52 50.45
N SER C 320 -24.18 3.24 50.20
CA SER C 320 -23.33 2.63 51.24
C SER C 320 -23.17 3.56 52.44
N VAL C 321 -22.91 4.85 52.18
CA VAL C 321 -22.73 5.84 53.23
C VAL C 321 -23.98 5.99 54.11
N THR C 322 -25.16 5.88 53.50
CA THR C 322 -26.44 6.00 54.20
C THR C 322 -27.31 4.77 53.94
N PRO C 323 -26.90 3.59 54.46
CA PRO C 323 -27.60 2.32 54.25
C PRO C 323 -29.02 2.24 54.83
N TYR C 328 -28.74 -6.26 52.18
CA TYR C 328 -27.88 -5.10 52.03
C TYR C 328 -26.68 -5.23 52.95
N SER C 329 -25.58 -4.55 52.60
CA SER C 329 -24.36 -4.54 53.40
C SER C 329 -23.52 -3.37 52.92
N SER C 330 -23.06 -2.55 53.88
CA SER C 330 -22.39 -1.29 53.56
C SER C 330 -21.05 -1.51 52.86
N GLU C 331 -20.26 -2.48 53.35
CA GLU C 331 -19.01 -2.81 52.68
C GLU C 331 -19.23 -3.45 51.32
N ASP C 332 -20.33 -4.19 51.15
CA ASP C 332 -20.70 -4.74 49.85
C ASP C 332 -21.04 -3.66 48.85
N TRP C 333 -21.82 -2.65 49.27
CA TRP C 333 -22.14 -1.52 48.40
C TRP C 333 -20.91 -0.67 48.11
N ASP C 334 -20.01 -0.50 49.09
CA ASP C 334 -18.77 0.22 48.86
C ASP C 334 -17.86 -0.51 47.87
N LYS C 335 -17.79 -1.84 47.99
CA LYS C 335 -17.02 -2.67 47.07
C LYS C 335 -17.55 -2.60 45.65
N ILE C 336 -18.88 -2.75 45.48
CA ILE C 336 -19.45 -2.71 44.14
C ILE C 336 -19.37 -1.30 43.55
N SER C 337 -19.38 -0.27 44.41
CA SER C 337 -19.19 1.12 43.97
C SER C 337 -17.79 1.34 43.41
N TYR C 338 -16.77 0.90 44.15
CA TYR C 338 -15.40 1.07 43.66
C TYR C 338 -15.10 0.17 42.46
N ARG C 339 -15.78 -0.97 42.34
CA ARG C 339 -15.59 -1.83 41.17
C ARG C 339 -16.17 -1.20 39.91
N VAL C 340 -17.42 -0.74 39.99
CA VAL C 340 -18.01 -0.09 38.82
C VAL C 340 -17.34 1.26 38.53
N LEU C 341 -16.77 1.92 39.55
CA LEU C 341 -16.01 3.15 39.30
C LEU C 341 -14.71 2.85 38.60
N SER C 342 -14.03 1.78 39.00
CA SER C 342 -12.82 1.34 38.33
C SER C 342 -13.08 0.86 36.91
N CYS C 343 -14.30 0.44 36.60
CA CYS C 343 -14.66 0.20 35.19
C CYS C 343 -14.62 1.46 34.33
N ALA C 344 -14.66 2.66 34.91
CA ALA C 344 -14.68 3.90 34.14
C ALA C 344 -13.28 4.46 33.86
N ALA C 345 -12.23 3.80 34.29
CA ALA C 345 -10.88 4.30 34.08
C ALA C 345 -10.39 4.33 32.61
N PRO C 346 -10.69 3.34 31.72
CA PRO C 346 -10.39 3.57 30.30
C PRO C 346 -11.10 4.76 29.69
N PHE C 347 -12.34 5.02 30.11
CA PHE C 347 -13.08 6.17 29.61
C PHE C 347 -12.47 7.47 30.11
N VAL C 348 -12.06 7.52 31.38
CA VAL C 348 -11.50 8.74 31.94
C VAL C 348 -10.12 9.01 31.36
N TRP C 349 -9.36 7.97 31.03
CA TRP C 349 -8.06 8.23 30.41
C TRP C 349 -8.15 8.43 28.91
N SER C 350 -9.18 7.94 28.25
CA SER C 350 -9.37 8.16 26.82
C SER C 350 -10.14 9.43 26.51
N ARG C 351 -10.79 10.03 27.52
CA ARG C 351 -11.38 11.36 27.39
C ARG C 351 -10.39 12.43 26.97
N LEU C 352 -9.11 12.29 27.34
CA LEU C 352 -8.10 13.32 27.12
C LEU C 352 -7.85 13.61 25.66
N LEU C 353 -8.02 12.61 24.79
CA LEU C 353 -7.81 12.81 23.36
C LEU C 353 -8.81 13.78 22.77
N LEU C 354 -10.04 13.79 23.28
CA LEU C 354 -11.04 14.76 22.87
C LEU C 354 -10.65 16.18 23.24
N TYR C 355 -10.21 16.37 24.47
CA TYR C 355 -9.84 17.70 24.96
C TYR C 355 -8.39 18.07 24.68
N LEU C 356 -7.69 17.30 23.85
CA LEU C 356 -6.40 17.72 23.32
C LEU C 356 -6.36 17.73 21.80
N GLU C 357 -7.53 17.74 21.15
CA GLU C 357 -7.59 17.83 19.69
C GLU C 357 -7.02 19.12 19.14
N SER C 358 -7.02 20.19 19.93
CA SER C 358 -6.36 21.42 19.51
C SER C 358 -4.86 21.25 19.35
N GLN C 359 -4.26 20.32 20.09
CA GLN C 359 -2.86 20.01 19.89
C GLN C 359 -2.75 19.18 18.64
N ARG C 360 -1.74 19.49 17.81
CA ARG C 360 -1.67 18.96 16.46
C ARG C 360 -1.40 17.46 16.44
N PHE C 361 -0.54 16.98 17.33
CA PHE C 361 -0.21 15.56 17.44
C PHE C 361 -1.43 14.70 17.72
N ILE C 362 -2.20 15.08 18.74
CA ILE C 362 -3.38 14.33 19.16
C ILE C 362 -4.50 14.45 18.12
N GLY C 363 -4.65 15.64 17.53
CA GLY C 363 -5.70 15.84 16.55
C GLY C 363 -5.47 15.08 15.25
N ILE C 364 -4.22 15.09 14.76
CA ILE C 364 -3.82 14.28 13.61
C ILE C 364 -4.03 12.79 13.90
N MET C 365 -3.67 12.35 15.10
CA MET C 365 -3.91 10.96 15.52
C MET C 365 -5.38 10.58 15.52
N LEU C 366 -6.25 11.46 16.02
CA LEU C 366 -7.67 11.13 16.03
C LEU C 366 -8.31 11.20 14.65
N VAL C 367 -7.81 12.08 13.78
CA VAL C 367 -8.23 12.10 12.38
C VAL C 367 -7.91 10.76 11.71
N ILE C 368 -6.69 10.26 11.95
CA ILE C 368 -6.25 8.96 11.45
C ILE C 368 -7.13 7.83 11.98
N LEU C 369 -7.41 7.85 13.29
CA LEU C 369 -8.25 6.81 13.90
C LEU C 369 -9.69 6.84 13.41
N LYS C 370 -10.24 8.03 13.19
CA LYS C 370 -11.58 8.15 12.62
C LYS C 370 -11.67 7.53 11.23
N HIS C 371 -10.67 7.79 10.39
CA HIS C 371 -10.67 7.19 9.05
C HIS C 371 -10.45 5.69 9.09
N MET C 372 -9.61 5.20 10.01
CA MET C 372 -9.37 3.77 10.12
C MET C 372 -10.59 3.00 10.61
N MET C 373 -11.33 3.56 11.58
CA MET C 373 -12.57 2.90 12.03
C MET C 373 -13.65 2.95 10.95
N LYS C 374 -13.72 4.07 10.22
CA LYS C 374 -14.63 4.19 9.08
C LYS C 374 -14.33 3.16 7.99
N GLU C 375 -13.07 2.79 7.81
CA GLU C 375 -12.79 1.70 6.90
C GLU C 375 -13.09 0.33 7.51
N SER C 376 -12.89 0.17 8.81
CA SER C 376 -13.07 -1.13 9.45
C SER C 376 -14.53 -1.52 9.66
N ILE C 377 -15.48 -0.62 9.35
CA ILE C 377 -16.92 -0.93 9.35
C ILE C 377 -17.26 -2.19 8.55
N VAL C 378 -16.57 -2.42 7.42
CA VAL C 378 -16.71 -3.64 6.61
C VAL C 378 -16.37 -4.89 7.42
N PHE C 379 -15.20 -4.88 8.10
CA PHE C 379 -14.76 -5.99 8.94
C PHE C 379 -15.74 -6.26 10.06
N PHE C 380 -16.21 -5.20 10.70
CA PHE C 380 -17.09 -5.39 11.85
C PHE C 380 -18.46 -5.90 11.44
N PHE C 381 -18.97 -5.48 10.27
CA PHE C 381 -20.19 -6.08 9.75
C PHE C 381 -20.02 -7.55 9.43
N LEU C 382 -18.95 -7.91 8.72
CA LEU C 382 -18.70 -9.32 8.39
C LEU C 382 -18.44 -10.16 9.63
N LEU C 383 -17.78 -9.58 10.63
CA LEU C 383 -17.50 -10.28 11.87
C LEU C 383 -18.77 -10.53 12.66
N PHE C 384 -19.65 -9.52 12.76
CA PHE C 384 -20.93 -9.71 13.41
C PHE C 384 -21.81 -10.72 12.67
N LEU C 385 -21.79 -10.71 11.34
CA LEU C 385 -22.60 -11.65 10.57
C LEU C 385 -22.12 -13.09 10.74
N ILE C 386 -20.81 -13.31 10.61
CA ILE C 386 -20.23 -14.63 10.80
C ILE C 386 -20.39 -15.11 12.23
N MET C 387 -20.25 -14.20 13.20
CA MET C 387 -20.42 -14.54 14.60
C MET C 387 -21.87 -14.90 14.94
N ILE C 388 -22.85 -14.17 14.39
CA ILE C 388 -24.26 -14.51 14.58
C ILE C 388 -24.60 -15.85 13.95
N GLY C 389 -24.07 -16.12 12.75
CA GLY C 389 -24.26 -17.39 12.08
C GLY C 389 -23.71 -18.60 12.83
N PHE C 390 -22.43 -18.57 13.18
CA PHE C 390 -21.83 -19.66 13.92
C PHE C 390 -22.33 -19.72 15.37
N THR C 391 -22.77 -18.59 15.95
CA THR C 391 -23.40 -18.62 17.27
C THR C 391 -24.73 -19.35 17.23
N GLN C 392 -25.56 -19.06 16.22
CA GLN C 392 -26.80 -19.79 16.02
C GLN C 392 -26.54 -21.27 15.77
N GLY C 393 -25.45 -21.57 15.06
CA GLY C 393 -25.05 -22.96 14.87
C GLY C 393 -24.71 -23.69 16.15
N PHE C 394 -23.89 -23.08 16.99
CA PHE C 394 -23.51 -23.73 18.25
C PHE C 394 -24.66 -23.77 19.25
N LEU C 395 -25.49 -22.74 19.31
CA LEU C 395 -26.66 -22.81 20.19
C LEU C 395 -27.67 -23.85 19.70
N GLY C 396 -27.75 -24.09 18.40
CA GLY C 396 -28.56 -25.17 17.91
C GLY C 396 -27.97 -26.53 18.23
N LEU C 397 -26.64 -26.66 18.19
CA LEU C 397 -25.98 -27.87 18.68
C LEU C 397 -26.21 -28.09 20.17
N ASP C 398 -26.32 -27.00 20.94
CA ASP C 398 -26.61 -27.12 22.36
C ASP C 398 -28.06 -27.57 22.59
N SER C 399 -29.00 -27.00 21.85
CA SER C 399 -30.40 -27.40 21.97
C SER C 399 -30.67 -28.79 21.41
N ALA C 400 -29.80 -29.29 20.52
CA ALA C 400 -30.06 -30.54 19.79
C ALA C 400 -30.13 -31.75 20.71
N ASP C 401 -29.22 -31.85 21.69
CA ASP C 401 -29.27 -32.93 22.67
C ASP C 401 -30.52 -32.87 23.53
N GLY C 402 -31.09 -31.69 23.74
CA GLY C 402 -32.36 -31.57 24.42
C GLY C 402 -32.41 -30.42 25.40
N LYS C 403 -31.28 -30.10 26.03
CA LYS C 403 -31.25 -29.02 27.01
C LYS C 403 -30.05 -28.13 26.75
N ARG C 404 -30.24 -26.84 27.01
CA ARG C 404 -29.19 -25.85 26.80
C ARG C 404 -28.42 -25.73 28.11
N ASP C 405 -27.19 -26.23 28.11
CA ASP C 405 -26.40 -26.29 29.34
C ASP C 405 -25.10 -25.49 29.28
N ILE C 406 -24.49 -25.35 28.11
CA ILE C 406 -23.19 -24.69 28.03
C ILE C 406 -23.27 -23.46 27.13
N THR C 407 -24.43 -22.79 27.13
CA THR C 407 -24.68 -21.61 26.29
C THR C 407 -23.71 -20.47 26.61
N GLY C 408 -23.48 -20.21 27.89
CA GLY C 408 -22.53 -19.20 28.35
C GLY C 408 -21.10 -19.39 27.90
N PRO C 409 -20.53 -20.60 28.10
CA PRO C 409 -19.24 -20.91 27.48
C PRO C 409 -19.19 -20.80 25.96
N ILE C 410 -20.30 -21.07 25.25
CA ILE C 410 -20.34 -20.89 23.79
C ILE C 410 -20.17 -19.42 23.42
N LEU C 411 -21.05 -18.54 23.97
CA LEU C 411 -20.94 -17.10 23.73
C LEU C 411 -19.57 -16.56 24.11
N GLY C 412 -19.06 -16.97 25.27
CA GLY C 412 -17.74 -16.62 25.72
C GLY C 412 -16.62 -17.02 24.78
N ASN C 413 -16.52 -18.31 24.44
CA ASN C 413 -15.42 -18.80 23.60
C ASN C 413 -15.46 -18.24 22.18
N LEU C 414 -16.66 -18.17 21.56
CA LEU C 414 -16.77 -17.57 20.23
C LEU C 414 -16.42 -16.09 20.22
N THR C 415 -16.80 -15.34 21.25
CA THR C 415 -16.37 -13.95 21.33
C THR C 415 -14.85 -13.86 21.50
N ILE C 416 -14.27 -14.80 22.26
CA ILE C 416 -12.83 -14.86 22.52
C ILE C 416 -12.01 -15.15 21.26
N THR C 417 -12.54 -15.97 20.32
CA THR C 417 -11.85 -16.34 19.06
C THR C 417 -11.29 -15.19 18.22
N VAL C 418 -11.91 -14.00 18.27
CA VAL C 418 -11.39 -12.86 17.52
C VAL C 418 -10.09 -12.36 18.14
N LEU C 419 -9.86 -12.63 19.42
CA LEU C 419 -8.63 -12.23 20.08
C LEU C 419 -7.52 -13.25 19.89
N GLY C 420 -7.84 -14.41 19.32
CA GLY C 420 -6.89 -15.48 19.13
C GLY C 420 -6.69 -16.36 20.33
N LEU C 421 -7.43 -16.13 21.40
CA LEU C 421 -7.34 -16.88 22.65
C LEU C 421 -8.28 -18.07 22.72
N GLY C 422 -9.06 -18.32 21.67
CA GLY C 422 -10.04 -19.40 21.69
C GLY C 422 -9.41 -20.78 21.86
N SER C 423 -10.12 -21.63 22.60
CA SER C 423 -9.72 -23.01 22.85
C SER C 423 -10.88 -23.94 22.52
N PHE C 424 -10.56 -25.10 21.95
CA PHE C 424 -11.57 -26.08 21.59
C PHE C 424 -11.87 -27.05 22.76
N ASP C 425 -11.23 -26.82 23.92
CA ASP C 425 -11.45 -27.63 25.12
C ASP C 425 -12.89 -27.55 25.60
N VAL C 426 -13.51 -26.37 25.47
CA VAL C 426 -14.90 -26.15 25.84
C VAL C 426 -15.84 -27.03 25.00
N PHE C 427 -15.58 -27.12 23.70
CA PHE C 427 -16.42 -27.89 22.79
C PHE C 427 -15.98 -29.33 22.60
N GLU C 428 -14.95 -29.79 23.31
CA GLU C 428 -14.47 -31.16 23.16
C GLU C 428 -15.56 -32.17 23.56
N GLU C 429 -16.22 -31.95 24.69
CA GLU C 429 -17.35 -32.79 25.08
C GLU C 429 -18.66 -32.12 24.62
N PHE C 430 -18.86 -32.05 23.30
CA PHE C 430 -20.08 -31.42 22.82
C PHE C 430 -20.80 -32.24 21.75
N ALA C 431 -20.19 -32.37 20.59
CA ALA C 431 -20.75 -33.11 19.48
C ALA C 431 -19.56 -33.74 18.78
N PRO C 432 -19.67 -34.97 18.27
CA PRO C 432 -18.46 -35.68 17.83
C PRO C 432 -17.86 -35.14 16.54
N PRO C 433 -18.61 -34.94 15.37
CA PRO C 433 -17.95 -34.14 14.32
C PRO C 433 -18.38 -32.68 14.21
N TYR C 434 -19.49 -32.28 14.83
CA TYR C 434 -20.16 -31.04 14.43
C TYR C 434 -19.52 -29.81 15.04
N ALA C 435 -19.16 -29.90 16.33
CA ALA C 435 -18.55 -28.77 17.02
C ALA C 435 -17.16 -28.47 16.47
N ALA C 436 -16.40 -29.51 16.12
CA ALA C 436 -15.08 -29.33 15.54
C ALA C 436 -15.14 -28.67 14.17
N ILE C 437 -16.05 -29.15 13.31
CA ILE C 437 -16.24 -28.57 11.97
C ILE C 437 -16.68 -27.12 12.06
N LEU C 438 -17.71 -26.83 12.87
CA LEU C 438 -18.19 -25.46 13.02
C LEU C 438 -17.16 -24.55 13.66
N TYR C 439 -16.48 -25.00 14.72
CA TYR C 439 -15.52 -24.17 15.42
C TYR C 439 -14.28 -23.90 14.57
N TYR C 440 -13.78 -24.89 13.85
CA TYR C 440 -12.60 -24.64 13.06
C TYR C 440 -12.91 -23.90 11.77
N GLY C 441 -14.11 -24.07 11.21
CA GLY C 441 -14.54 -23.20 10.13
C GLY C 441 -14.68 -21.75 10.57
N TYR C 442 -15.24 -21.54 11.76
CA TYR C 442 -15.37 -20.20 12.33
C TYR C 442 -14.03 -19.58 12.64
N TYR C 443 -13.11 -20.36 13.23
CA TYR C 443 -11.77 -19.88 13.54
C TYR C 443 -10.99 -19.61 12.27
N PHE C 444 -11.24 -20.36 11.20
CA PHE C 444 -10.62 -20.06 9.91
C PHE C 444 -11.15 -18.76 9.33
N ILE C 445 -12.46 -18.58 9.33
CA ILE C 445 -13.04 -17.38 8.74
C ILE C 445 -12.70 -16.14 9.56
N VAL C 446 -12.52 -16.27 10.87
CA VAL C 446 -12.21 -15.10 11.67
C VAL C 446 -10.71 -14.83 11.68
N SER C 447 -9.88 -15.82 12.00
CA SER C 447 -8.47 -15.53 12.19
C SER C 447 -7.70 -15.44 10.89
N VAL C 448 -8.00 -16.28 9.92
CA VAL C 448 -7.21 -16.30 8.70
C VAL C 448 -7.78 -15.34 7.67
N ILE C 449 -9.10 -15.29 7.54
CA ILE C 449 -9.71 -14.48 6.50
C ILE C 449 -9.97 -13.07 7.01
N LEU C 450 -10.75 -12.93 8.08
CA LEU C 450 -11.31 -11.62 8.40
C LEU C 450 -10.35 -10.70 9.13
N LEU C 451 -9.50 -11.23 10.01
CA LEU C 451 -8.52 -10.37 10.69
C LEU C 451 -7.45 -9.85 9.74
N ASN C 452 -7.08 -10.66 8.75
CA ASN C 452 -6.16 -10.20 7.72
C ASN C 452 -6.82 -9.20 6.78
N ILE C 453 -8.13 -9.36 6.53
CA ILE C 453 -8.91 -8.35 5.83
C ILE C 453 -8.92 -7.05 6.62
N LEU C 454 -9.03 -7.12 7.95
CA LEU C 454 -8.98 -5.94 8.80
C LEU C 454 -7.65 -5.21 8.70
N ILE C 455 -6.55 -5.97 8.63
CA ILE C 455 -5.23 -5.37 8.41
C ILE C 455 -5.16 -4.68 7.05
N ALA C 456 -5.77 -5.29 6.02
CA ALA C 456 -5.84 -4.69 4.70
C ALA C 456 -6.61 -3.37 4.69
N LEU C 457 -7.77 -3.35 5.35
CA LEU C 457 -8.58 -2.14 5.47
C LEU C 457 -7.85 -1.03 6.22
N TYR C 458 -7.15 -1.39 7.30
CA TYR C 458 -6.40 -0.42 8.07
C TYR C 458 -5.22 0.16 7.29
N SER C 459 -4.53 -0.69 6.51
CA SER C 459 -3.42 -0.23 5.67
C SER C 459 -3.89 0.76 4.61
N THR C 460 -4.99 0.45 3.93
CA THR C 460 -5.52 1.34 2.91
C THR C 460 -6.05 2.64 3.50
N ALA C 461 -6.72 2.56 4.65
CA ALA C 461 -7.24 3.75 5.32
C ALA C 461 -6.13 4.67 5.78
N TYR C 462 -5.05 4.11 6.33
CA TYR C 462 -3.93 4.94 6.74
C TYR C 462 -3.19 5.54 5.55
N GLN C 463 -3.04 4.78 4.45
CA GLN C 463 -2.41 5.34 3.26
C GLN C 463 -3.25 6.44 2.63
N LYS C 464 -4.57 6.37 2.75
CA LYS C 464 -5.40 7.45 2.23
C LYS C 464 -5.39 8.66 3.13
N VAL C 465 -5.31 8.47 4.45
CA VAL C 465 -5.45 9.60 5.35
C VAL C 465 -4.13 10.29 5.65
N ILE C 466 -2.99 9.60 5.53
CA ILE C 466 -1.71 10.23 5.84
C ILE C 466 -1.32 11.27 4.79
N ASP C 467 -1.81 11.14 3.56
CA ASP C 467 -1.60 12.19 2.56
C ASP C 467 -2.46 13.41 2.88
N ASN C 468 -3.68 13.20 3.34
CA ASN C 468 -4.63 14.26 3.64
C ASN C 468 -4.78 14.48 5.13
N ALA C 469 -3.69 14.40 5.89
CA ALA C 469 -3.81 14.52 7.33
C ALA C 469 -3.95 15.96 7.77
N ASP C 470 -3.20 16.86 7.11
CA ASP C 470 -3.27 18.29 7.42
C ASP C 470 -4.61 18.88 7.05
N ASP C 471 -5.14 18.50 5.87
CA ASP C 471 -6.42 19.02 5.41
C ASP C 471 -7.57 18.56 6.28
N GLU C 472 -7.59 17.27 6.64
CA GLU C 472 -8.64 16.76 7.49
C GLU C 472 -8.50 17.26 8.93
N TYR C 473 -7.28 17.52 9.39
CA TYR C 473 -7.10 18.14 10.70
C TYR C 473 -7.55 19.59 10.70
N MET C 474 -7.27 20.33 9.61
CA MET C 474 -7.79 21.69 9.46
C MET C 474 -9.31 21.71 9.43
N ALA C 475 -9.92 20.71 8.81
CA ALA C 475 -11.37 20.59 8.84
C ALA C 475 -11.88 20.27 10.24
N LEU C 476 -11.13 19.46 11.00
CA LEU C 476 -11.49 19.16 12.38
C LEU C 476 -11.39 20.38 13.28
N MET C 477 -10.32 21.16 13.16
CA MET C 477 -10.18 22.37 13.94
C MET C 477 -11.17 23.44 13.53
N SER C 478 -11.52 23.49 12.24
CA SER C 478 -12.57 24.38 11.79
C SER C 478 -13.92 23.99 12.38
N GLN C 479 -14.22 22.68 12.40
CA GLN C 479 -15.44 22.17 13.04
C GLN C 479 -15.49 22.50 14.52
N LYS C 480 -14.35 22.42 15.20
CA LYS C 480 -14.28 22.77 16.62
C LYS C 480 -14.51 24.25 16.85
N THR C 481 -13.83 25.11 16.06
CA THR C 481 -13.98 26.56 16.14
C THR C 481 -15.42 26.99 15.89
N LEU C 482 -16.09 26.36 14.93
CA LEU C 482 -17.48 26.70 14.67
C LEU C 482 -18.44 26.05 15.65
N ARG C 483 -18.03 24.96 16.32
CA ARG C 483 -18.80 24.47 17.46
C ARG C 483 -18.82 25.49 18.59
N TYR C 484 -17.71 26.22 18.77
CA TYR C 484 -17.67 27.20 19.85
C TYR C 484 -18.43 28.49 19.55
N ILE C 485 -19.08 28.62 18.40
CA ILE C 485 -20.02 29.73 18.16
C ILE C 485 -21.38 29.18 17.76
N ARG C 486 -21.68 27.97 18.25
CA ARG C 486 -22.97 27.26 18.11
C ARG C 486 -23.35 27.02 16.65
N LYS C 517 -23.01 23.65 44.60
CA LYS C 517 -22.61 24.67 43.62
C LYS C 517 -21.51 25.55 44.17
N ASP C 518 -21.66 25.94 45.45
CA ASP C 518 -20.67 26.79 46.12
C ASP C 518 -19.32 26.10 46.22
N LEU C 519 -19.33 24.80 46.57
CA LEU C 519 -18.09 24.02 46.69
C LEU C 519 -17.38 23.91 45.35
N SER C 520 -18.15 23.68 44.28
CA SER C 520 -17.58 23.58 42.93
C SER C 520 -16.94 24.89 42.51
N TYR C 521 -17.61 26.02 42.80
CA TYR C 521 -17.07 27.34 42.47
C TYR C 521 -15.79 27.63 43.23
N THR C 522 -15.77 27.28 44.53
CA THR C 522 -14.58 27.48 45.35
C THR C 522 -13.41 26.65 44.85
N VAL C 523 -13.69 25.38 44.52
CA VAL C 523 -12.67 24.46 44.00
C VAL C 523 -12.14 24.96 42.67
N MET C 524 -13.05 25.44 41.80
CA MET C 524 -12.65 25.96 40.48
C MET C 524 -11.78 27.20 40.61
N THR C 525 -12.16 28.11 41.54
CA THR C 525 -11.37 29.32 41.76
C THR C 525 -9.97 28.99 42.28
N ILE C 526 -9.90 28.04 43.22
CA ILE C 526 -8.64 27.60 43.79
C ILE C 526 -7.74 26.92 42.76
N VAL C 527 -8.35 26.13 41.86
CA VAL C 527 -7.58 25.35 40.89
C VAL C 527 -7.27 26.08 39.58
N TYR C 528 -8.08 27.04 39.15
CA TYR C 528 -7.86 27.71 37.88
C TYR C 528 -7.11 29.04 38.00
N SER C 529 -6.66 29.41 39.19
CA SER C 529 -6.03 30.73 39.42
C SER C 529 -4.76 31.02 38.60
N PRO C 530 -3.70 30.17 38.56
CA PRO C 530 -2.52 30.56 37.74
C PRO C 530 -2.81 30.55 36.25
N PHE C 531 -3.77 29.73 35.81
CA PHE C 531 -4.16 29.71 34.41
C PHE C 531 -4.87 31.00 34.02
N LEU C 532 -5.75 31.51 34.89
CA LEU C 532 -6.35 32.83 34.70
C LEU C 532 -5.31 33.94 34.69
N LEU C 533 -4.28 33.81 35.54
CA LEU C 533 -3.18 34.79 35.57
C LEU C 533 -2.41 34.82 34.25
N LEU C 534 -2.05 33.64 33.74
CA LEU C 534 -1.36 33.54 32.45
C LEU C 534 -2.22 34.02 31.29
N ILE C 535 -3.52 33.71 31.32
CA ILE C 535 -4.47 34.19 30.32
C ILE C 535 -4.56 35.71 30.33
N SER C 536 -4.58 36.32 31.51
CA SER C 536 -4.68 37.77 31.60
C SER C 536 -3.41 38.47 31.13
N VAL C 537 -2.24 37.95 31.49
CA VAL C 537 -0.99 38.58 31.03
C VAL C 537 -0.80 38.38 29.53
N LYS C 538 -1.22 37.24 28.98
CA LYS C 538 -1.15 37.03 27.53
C LYS C 538 -2.16 37.90 26.80
N GLU C 539 -3.33 38.15 27.39
CA GLU C 539 -4.32 39.07 26.82
C GLU C 539 -3.81 40.49 26.79
N THR C 540 -3.08 40.92 27.82
CA THR C 540 -2.47 42.26 27.79
C THR C 540 -1.39 42.36 26.72
N ARG C 541 -0.60 41.29 26.54
CA ARG C 541 0.36 41.27 25.44
C ARG C 541 -0.31 41.34 24.07
N GLU C 542 -1.45 40.63 23.92
CA GLU C 542 -2.24 40.72 22.69
C GLU C 542 -2.78 42.12 22.47
N ALA C 543 -3.19 42.79 23.56
CA ALA C 543 -3.76 44.13 23.45
C ALA C 543 -2.72 45.16 23.03
N ARG C 544 -1.50 45.04 23.58
CA ARG C 544 -0.42 45.93 23.16
C ARG C 544 0.04 45.66 21.73
N ARG C 545 0.03 44.38 21.33
CA ARG C 545 0.31 44.02 19.93
C ARG C 545 -0.73 44.59 18.97
N ILE C 546 -2.01 44.51 19.34
CA ILE C 546 -3.08 45.05 18.50
C ILE C 546 -3.01 46.58 18.45
N LYS C 547 -2.62 47.21 19.58
CA LYS C 547 -2.41 48.66 19.61
C LYS C 547 -1.27 49.09 18.70
N TYR C 548 -0.18 48.31 18.65
CA TYR C 548 0.88 48.60 17.70
C TYR C 548 0.44 48.41 16.26
N ASN C 549 -0.26 47.30 15.97
CA ASN C 549 -0.70 47.01 14.61
C ASN C 549 -1.77 47.97 14.12
N ARG C 550 -2.49 48.62 15.03
CA ARG C 550 -3.46 49.65 14.68
C ARG C 550 -2.84 51.04 14.63
N MET C 551 -1.71 51.26 15.32
CA MET C 551 -0.94 52.48 15.13
C MET C 551 -0.44 52.59 13.69
N LYS C 552 -0.05 51.47 13.10
CA LYS C 552 0.20 51.39 11.67
C LYS C 552 -1.09 50.97 10.97
N ARG C 553 -1.07 50.88 9.65
CA ARG C 553 -2.25 50.46 8.92
C ARG C 553 -2.16 48.97 8.61
N LEU C 554 -2.21 48.19 9.69
CA LEU C 554 -2.10 46.73 9.61
C LEU C 554 -3.35 46.09 10.19
N ASN C 555 -3.45 44.79 10.03
CA ASN C 555 -4.71 44.06 10.20
C ASN C 555 -4.81 43.31 11.52
N ASP C 556 -4.21 43.84 12.59
CA ASP C 556 -4.31 43.43 13.99
C ASP C 556 -3.62 42.10 14.30
N ASP C 557 -3.07 41.41 13.31
CA ASP C 557 -2.35 40.16 13.52
C ASP C 557 -1.11 40.10 12.65
N ALA C 558 -0.49 41.26 12.40
CA ALA C 558 0.56 41.35 11.41
C ALA C 558 1.94 41.15 11.98
N ASN C 559 2.14 41.36 13.28
CA ASN C 559 3.46 41.30 13.88
C ASN C 559 3.39 40.33 15.04
N GLU C 560 3.54 39.04 14.73
CA GLU C 560 3.46 37.99 15.72
C GLU C 560 4.70 37.11 15.79
N TYR C 561 5.55 37.11 14.78
CA TYR C 561 6.61 36.12 14.68
C TYR C 561 8.01 36.67 14.79
N ASP C 562 8.24 37.92 14.36
CA ASP C 562 9.55 38.60 14.31
C ASP C 562 10.53 37.79 13.46
N THR C 563 10.23 37.77 12.18
CA THR C 563 10.87 36.88 11.23
C THR C 563 12.21 37.46 10.79
N PRO C 564 13.13 36.62 10.26
CA PRO C 564 14.40 37.16 9.79
C PRO C 564 14.36 37.85 8.44
N TRP C 565 13.50 37.40 7.52
CA TRP C 565 13.46 37.98 6.18
C TRP C 565 12.79 39.36 6.15
N ASP C 566 12.07 39.75 7.19
CA ASP C 566 11.54 41.09 7.30
C ASP C 566 12.31 41.82 8.39
N LEU C 567 13.00 42.89 8.01
CA LEU C 567 13.75 43.69 8.98
C LEU C 567 12.87 44.60 9.82
N THR C 568 11.58 44.74 9.47
CA THR C 568 10.64 45.58 10.21
C THR C 568 9.40 44.77 10.56
N ASP C 569 9.47 44.03 11.67
CA ASP C 569 8.37 43.15 12.07
C ASP C 569 8.47 42.86 13.56
N GLY C 570 7.41 42.26 14.08
CA GLY C 570 7.37 41.86 15.47
C GLY C 570 6.99 43.00 16.39
N TYR C 571 6.94 42.66 17.67
CA TYR C 571 6.63 43.59 18.74
C TYR C 571 7.58 43.35 19.89
N LEU C 572 8.26 44.40 20.33
CA LEU C 572 9.30 44.27 21.36
C LEU C 572 8.71 43.91 22.70
N ASP C 573 7.60 44.52 23.08
CA ASP C 573 7.00 44.27 24.38
C ASP C 573 5.97 43.14 24.30
N ASP C 581 4.94 52.22 22.86
CA ASP C 581 5.55 51.25 21.96
C ASP C 581 6.63 51.88 21.09
N ASN C 582 7.57 52.57 21.72
CA ASN C 582 8.66 53.22 21.00
C ASN C 582 9.96 52.43 21.05
N ARG C 583 10.06 51.47 21.97
CA ARG C 583 11.22 50.57 22.02
C ARG C 583 11.29 49.69 20.79
N ASN C 584 10.13 49.26 20.30
CA ASN C 584 10.05 48.47 19.07
C ASN C 584 10.46 49.28 17.85
N SER C 585 10.00 50.54 17.78
CA SER C 585 10.40 51.44 16.70
C SER C 585 11.89 51.75 16.76
N GLY C 586 12.43 51.89 17.98
CA GLY C 586 13.87 52.05 18.13
C GLY C 586 14.66 50.84 17.70
N MET C 587 14.14 49.64 17.99
CA MET C 587 14.79 48.41 17.54
C MET C 587 14.77 48.28 16.02
N ARG C 588 13.64 48.63 15.39
CA ARG C 588 13.56 48.62 13.93
C ARG C 588 14.47 49.67 13.30
N ALA C 589 14.58 50.86 13.93
CA ALA C 589 15.52 51.87 13.47
C ALA C 589 16.96 51.40 13.58
N THR C 590 17.28 50.68 14.67
CA THR C 590 18.60 50.08 14.84
C THR C 590 18.87 49.03 13.76
N GLN C 591 17.84 48.23 13.42
CA GLN C 591 17.93 47.21 12.39
C GLN C 591 18.23 47.81 11.03
N LEU C 592 17.45 48.84 10.65
CA LEU C 592 17.67 49.50 9.35
C LEU C 592 18.97 50.28 9.31
N LYS C 593 19.39 50.88 10.43
CA LYS C 593 20.67 51.59 10.46
C LYS C 593 21.86 50.65 10.33
N ASN C 594 21.86 49.55 11.09
CA ASN C 594 22.95 48.57 10.98
C ASN C 594 22.96 47.90 9.62
N SER C 595 21.79 47.60 9.06
CA SER C 595 21.71 46.94 7.77
C SER C 595 22.16 47.87 6.65
N ARG C 596 21.70 49.12 6.65
CA ARG C 596 22.08 50.08 5.62
C ARG C 596 23.55 50.49 5.74
N SER C 597 24.06 50.58 6.97
CA SER C 597 25.49 50.87 7.16
C SER C 597 26.37 49.74 6.64
N LEU C 598 26.05 48.50 7.01
CA LEU C 598 26.89 47.38 6.61
C LEU C 598 26.72 46.98 5.14
N LYS C 599 25.59 47.31 4.49
CA LYS C 599 25.51 47.13 3.05
C LYS C 599 26.37 48.15 2.33
N LEU C 600 26.28 49.42 2.71
CA LEU C 600 27.07 50.50 2.10
C LEU C 600 28.52 50.56 2.62
N GLN C 601 28.96 49.59 3.42
CA GLN C 601 30.37 49.51 3.81
C GLN C 601 31.27 49.24 2.61
N ARG C 602 30.75 48.56 1.59
CA ARG C 602 31.42 48.44 0.31
C ARG C 602 30.39 48.80 -0.76
N THR C 603 30.71 49.83 -1.55
CA THR C 603 29.80 50.34 -2.59
C THR C 603 29.56 49.34 -3.71
N ALA C 604 30.45 48.37 -3.91
CA ALA C 604 30.24 47.39 -4.96
C ALA C 604 29.19 46.37 -4.58
N GLU C 605 28.99 46.12 -3.28
CA GLU C 605 27.92 45.23 -2.82
C GLU C 605 26.62 46.00 -2.91
N GLN C 606 25.99 45.91 -4.08
CA GLN C 606 24.74 46.59 -4.38
C GLN C 606 24.04 45.82 -5.49
N GLU C 607 22.73 46.02 -5.56
CA GLU C 607 21.79 45.38 -6.51
C GLU C 607 21.79 43.86 -6.39
N GLY D 26 -35.15 1.62 -36.78
CA GLY D 26 -34.83 0.26 -37.18
C GLY D 26 -35.90 -0.73 -36.75
N PHE D 27 -36.26 -1.63 -37.67
CA PHE D 27 -37.27 -2.63 -37.39
C PHE D 27 -36.85 -4.03 -37.81
N GLU D 28 -35.89 -4.18 -38.71
CA GLU D 28 -35.39 -5.48 -39.13
C GLU D 28 -33.89 -5.50 -38.91
N ALA D 29 -33.36 -6.66 -38.51
CA ALA D 29 -31.94 -6.75 -38.16
C ALA D 29 -31.13 -7.14 -39.39
N PRO D 30 -29.92 -6.62 -39.55
CA PRO D 30 -29.06 -7.08 -40.64
C PRO D 30 -28.58 -8.52 -40.40
N THR D 31 -27.98 -9.07 -41.43
CA THR D 31 -27.56 -10.46 -41.38
C THR D 31 -26.24 -10.52 -40.60
N PRO D 32 -25.84 -11.69 -40.08
CA PRO D 32 -24.57 -11.77 -39.34
C PRO D 32 -23.32 -11.40 -40.12
N ARG D 33 -23.25 -11.65 -41.43
CA ARG D 33 -22.05 -11.23 -42.15
C ARG D 33 -21.99 -9.72 -42.36
N GLN D 34 -23.15 -9.04 -42.46
CA GLN D 34 -23.14 -7.58 -42.49
C GLN D 34 -22.68 -7.00 -41.16
N ILE D 35 -23.12 -7.58 -40.04
CA ILE D 35 -22.67 -7.15 -38.72
C ILE D 35 -21.18 -7.44 -38.53
N LEU D 36 -20.70 -8.54 -39.11
CA LEU D 36 -19.27 -8.83 -39.17
C LEU D 36 -18.50 -7.77 -39.96
N ARG D 37 -19.06 -7.31 -41.08
CA ARG D 37 -18.41 -6.25 -41.84
C ARG D 37 -18.41 -4.92 -41.10
N VAL D 38 -19.51 -4.60 -40.39
CA VAL D 38 -19.57 -3.39 -39.56
C VAL D 38 -18.52 -3.45 -38.45
N THR D 39 -18.36 -4.63 -37.85
CA THR D 39 -17.34 -4.87 -36.83
C THR D 39 -15.93 -4.73 -37.39
N LEU D 40 -15.72 -5.22 -38.62
CA LEU D 40 -14.40 -5.08 -39.24
C LEU D 40 -14.09 -3.65 -39.63
N ASN D 41 -15.09 -2.91 -40.10
CA ASN D 41 -14.90 -1.50 -40.42
C ASN D 41 -14.57 -0.69 -39.16
N LEU D 42 -15.22 -1.01 -38.05
CA LEU D 42 -14.91 -0.31 -36.81
C LEU D 42 -13.56 -0.72 -36.23
N LYS D 43 -13.19 -1.99 -36.36
CA LYS D 43 -11.87 -2.43 -35.95
C LYS D 43 -10.77 -1.77 -36.77
N TYR D 44 -10.98 -1.67 -38.09
CA TYR D 44 -10.07 -0.95 -38.97
C TYR D 44 -9.99 0.53 -38.62
N LEU D 45 -11.14 1.14 -38.31
CA LEU D 45 -11.19 2.55 -37.93
C LEU D 45 -10.45 2.79 -36.62
N ILE D 46 -10.59 1.88 -35.65
CA ILE D 46 -9.89 2.04 -34.38
C ILE D 46 -8.40 1.79 -34.55
N ASP D 47 -8.01 0.85 -35.43
CA ASP D 47 -6.60 0.63 -35.74
C ASP D 47 -5.97 1.82 -36.45
N LYS D 48 -6.74 2.52 -37.29
CA LYS D 48 -6.20 3.72 -37.93
C LYS D 48 -6.17 4.92 -37.00
N VAL D 49 -7.20 5.12 -36.19
CA VAL D 49 -7.24 6.30 -35.34
C VAL D 49 -6.40 6.11 -34.08
N VAL D 50 -6.27 4.88 -33.59
CA VAL D 50 -5.49 4.62 -32.37
C VAL D 50 -4.40 3.59 -32.69
N PRO D 51 -3.31 3.97 -33.35
CA PRO D 51 -2.24 3.00 -33.61
C PRO D 51 -1.17 2.90 -32.54
N ILE D 52 -1.32 3.58 -31.40
CA ILE D 52 -0.26 3.67 -30.40
C ILE D 52 -0.87 3.67 -29.00
N VAL D 53 0.01 3.61 -28.00
CA VAL D 53 -0.36 3.48 -26.59
C VAL D 53 -1.06 4.75 -26.08
N TYR D 54 -0.75 5.90 -26.69
CA TYR D 54 -1.36 7.22 -26.42
C TYR D 54 -1.35 7.66 -24.96
N ILE D 66 -8.24 12.67 -29.76
CA ILE D 66 -8.18 11.37 -30.39
C ILE D 66 -9.52 11.07 -31.02
N LEU D 67 -10.53 10.90 -30.16
CA LEU D 67 -11.88 10.55 -30.58
C LEU D 67 -12.65 11.83 -30.95
N SER D 68 -12.21 12.42 -32.06
CA SER D 68 -12.75 13.67 -32.59
C SER D 68 -14.18 13.43 -33.11
N PRO D 69 -14.98 14.49 -33.29
CA PRO D 69 -16.31 14.30 -33.91
C PRO D 69 -16.27 13.81 -35.35
N LYS D 70 -15.18 14.03 -36.08
CA LYS D 70 -15.01 13.38 -37.38
C LYS D 70 -14.84 11.87 -37.23
N VAL D 71 -14.21 11.41 -36.14
CA VAL D 71 -14.10 9.97 -35.87
C VAL D 71 -15.47 9.39 -35.53
N VAL D 72 -16.30 10.16 -34.84
CA VAL D 72 -17.65 9.73 -34.50
C VAL D 72 -18.53 9.67 -35.75
N LYS D 73 -18.33 10.63 -36.67
CA LYS D 73 -19.01 10.58 -37.96
C LYS D 73 -18.54 9.41 -38.81
N LEU D 74 -17.24 9.09 -38.72
CA LEU D 74 -16.69 7.93 -39.42
C LEU D 74 -17.25 6.63 -38.88
N ALA D 75 -17.41 6.55 -37.55
CA ALA D 75 -18.05 5.40 -36.92
C ALA D 75 -19.50 5.26 -37.36
N TYR D 76 -20.22 6.37 -37.47
CA TYR D 76 -21.57 6.33 -38.05
C TYR D 76 -21.56 5.91 -39.51
N GLU D 77 -20.51 6.27 -40.25
CA GLU D 77 -20.42 5.90 -41.66
C GLU D 77 -19.85 4.51 -41.86
N ALA D 78 -19.17 3.94 -40.84
CA ALA D 78 -18.59 2.60 -40.94
C ALA D 78 -19.62 1.51 -41.05
N CYS D 79 -20.88 1.77 -40.72
CA CYS D 79 -21.92 0.76 -40.82
C CYS D 79 -22.42 0.61 -42.25
N GLY D 80 -22.77 1.72 -42.89
CA GLY D 80 -23.21 1.70 -44.26
C GLY D 80 -24.67 2.12 -44.37
N GLY D 81 -25.17 2.06 -45.58
CA GLY D 81 -26.50 2.52 -45.90
C GLY D 81 -26.46 3.80 -46.71
N ASN D 82 -27.57 4.09 -47.35
CA ASN D 82 -27.68 5.30 -48.18
C ASN D 82 -27.81 6.53 -47.30
N PRO D 83 -26.89 7.50 -47.37
CA PRO D 83 -27.10 8.78 -46.65
C PRO D 83 -28.30 9.57 -47.14
N LYS D 84 -28.71 9.34 -48.39
CA LYS D 84 -29.94 9.91 -48.91
C LYS D 84 -31.17 9.39 -48.16
N ASP D 85 -31.12 8.14 -47.69
CA ASP D 85 -32.24 7.52 -46.99
C ASP D 85 -32.05 7.64 -45.47
N LYS D 86 -33.14 7.36 -44.76
CA LYS D 86 -33.20 7.20 -43.32
C LYS D 86 -34.19 6.08 -43.06
N ALA D 87 -33.89 5.28 -42.02
CA ALA D 87 -34.37 3.94 -41.62
C ALA D 87 -33.66 2.86 -42.43
N ASN D 88 -32.82 3.22 -43.39
CA ASN D 88 -31.83 2.31 -43.93
C ASN D 88 -30.44 2.62 -43.42
N LYS D 89 -30.18 3.91 -43.12
CA LYS D 89 -29.00 4.24 -42.34
C LYS D 89 -29.15 3.78 -40.90
N ARG D 90 -30.34 3.97 -40.32
CA ARG D 90 -30.57 3.55 -38.94
C ARG D 90 -30.58 2.03 -38.80
N LYS D 91 -30.95 1.31 -39.86
CA LYS D 91 -30.94 -0.15 -39.85
C LYS D 91 -29.54 -0.71 -39.62
N TYR D 92 -28.51 -0.05 -40.15
CA TYR D 92 -27.15 -0.51 -39.95
C TYR D 92 -26.44 0.24 -38.85
N GLN D 93 -26.85 1.47 -38.55
CA GLN D 93 -26.39 2.16 -37.35
C GLN D 93 -27.01 1.62 -36.08
N SER D 94 -27.98 0.70 -36.16
CA SER D 94 -28.48 0.06 -34.96
C SER D 94 -27.46 -0.89 -34.34
N VAL D 95 -26.58 -1.49 -35.16
CA VAL D 95 -25.63 -2.47 -34.62
C VAL D 95 -24.30 -1.84 -34.26
N ILE D 96 -24.26 -0.50 -34.13
CA ILE D 96 -22.99 0.20 -33.89
C ILE D 96 -22.42 -0.13 -32.51
N ILE D 97 -23.26 -0.21 -31.48
CA ILE D 97 -22.79 -0.47 -30.12
C ILE D 97 -22.39 -1.93 -29.97
N PHE D 98 -23.21 -2.84 -30.51
CA PHE D 98 -22.88 -4.27 -30.53
C PHE D 98 -21.58 -4.53 -31.27
N SER D 99 -21.36 -3.84 -32.39
CA SER D 99 -20.14 -4.06 -33.16
C SER D 99 -18.91 -3.48 -32.47
N LEU D 100 -19.04 -2.31 -31.83
CA LEU D 100 -17.93 -1.79 -31.03
C LEU D 100 -17.62 -2.65 -29.82
N LEU D 101 -18.62 -3.28 -29.22
CA LEU D 101 -18.33 -4.17 -28.12
C LEU D 101 -17.73 -5.51 -28.60
N LYS D 102 -18.09 -5.97 -29.80
CA LYS D 102 -17.37 -7.12 -30.36
C LYS D 102 -15.93 -6.74 -30.75
N VAL D 103 -15.71 -5.49 -31.12
CA VAL D 103 -14.35 -4.97 -31.33
C VAL D 103 -13.57 -5.00 -30.02
N CYS D 104 -14.21 -4.61 -28.91
CA CYS D 104 -13.61 -4.74 -27.57
C CYS D 104 -13.28 -6.19 -27.21
N GLU D 105 -14.22 -7.11 -27.52
CA GLU D 105 -14.00 -8.54 -27.34
C GLU D 105 -12.81 -9.05 -28.14
N TRP D 106 -12.69 -8.60 -29.39
CA TRP D 106 -11.60 -9.03 -30.24
C TRP D 106 -10.27 -8.47 -29.77
N TYR D 107 -10.26 -7.24 -29.25
CA TYR D 107 -9.02 -6.70 -28.71
C TYR D 107 -8.62 -7.37 -27.42
N SER D 108 -9.59 -7.84 -26.63
CA SER D 108 -9.26 -8.65 -25.47
C SER D 108 -8.65 -9.99 -25.88
N ILE D 109 -9.19 -10.60 -26.95
CA ILE D 109 -8.62 -11.82 -27.51
C ILE D 109 -7.20 -11.57 -28.02
N LEU D 110 -6.98 -10.43 -28.68
CA LEU D 110 -5.66 -10.05 -29.19
C LEU D 110 -4.65 -9.85 -28.06
N ALA D 111 -5.05 -9.16 -26.99
CA ALA D 111 -4.19 -9.01 -25.83
C ALA D 111 -3.92 -10.35 -25.14
N THR D 112 -4.86 -11.29 -25.20
CA THR D 112 -4.58 -12.64 -24.72
C THR D 112 -3.57 -13.36 -25.62
N MET D 113 -3.62 -13.11 -26.93
CA MET D 113 -2.74 -13.84 -27.84
C MET D 113 -1.36 -13.21 -27.93
N GLU D 114 -1.29 -11.90 -28.14
CA GLU D 114 -0.02 -11.18 -28.14
C GLU D 114 0.17 -10.59 -26.75
N VAL D 115 0.70 -11.43 -25.85
CA VAL D 115 0.90 -11.08 -24.44
C VAL D 115 1.88 -9.93 -24.31
N HIS D 116 2.88 -9.88 -25.18
CA HIS D 116 3.84 -8.79 -25.17
C HIS D 116 3.21 -7.48 -25.61
N ASN D 117 2.31 -7.53 -26.59
CA ASN D 117 1.67 -6.34 -27.15
C ASN D 117 0.29 -6.10 -26.54
N ALA D 118 0.11 -6.51 -25.28
CA ALA D 118 -1.18 -6.38 -24.61
C ALA D 118 -1.55 -4.94 -24.32
N LYS D 119 -0.56 -4.04 -24.18
CA LYS D 119 -0.87 -2.66 -23.82
C LYS D 119 -1.48 -1.89 -24.99
N LEU D 120 -1.03 -2.18 -26.21
CA LEU D 120 -1.62 -1.56 -27.40
C LEU D 120 -3.07 -1.96 -27.60
N TYR D 121 -3.36 -3.25 -27.45
CA TYR D 121 -4.74 -3.71 -27.62
C TYR D 121 -5.62 -3.33 -26.44
N GLU D 122 -5.06 -3.22 -25.23
CA GLU D 122 -5.82 -2.66 -24.11
C GLU D 122 -6.14 -1.18 -24.33
N THR D 123 -5.21 -0.45 -24.94
CA THR D 123 -5.47 0.94 -25.33
C THR D 123 -6.56 1.03 -26.36
N ARG D 124 -6.49 0.20 -27.40
CA ARG D 124 -7.49 0.17 -28.47
C ARG D 124 -8.86 -0.23 -27.92
N ASN D 125 -8.89 -1.21 -27.01
CA ASN D 125 -10.12 -1.66 -26.38
C ASN D 125 -10.73 -0.52 -25.55
N LEU D 126 -9.89 0.20 -24.80
CA LEU D 126 -10.37 1.35 -24.02
C LEU D 126 -10.88 2.45 -24.92
N ALA D 127 -10.20 2.69 -26.04
CA ALA D 127 -10.62 3.70 -27.01
C ALA D 127 -11.96 3.34 -27.61
N SER D 128 -12.16 2.05 -27.91
CA SER D 128 -13.43 1.56 -28.42
C SER D 128 -14.53 1.76 -27.39
N GLN D 129 -14.23 1.48 -26.12
CA GLN D 129 -15.18 1.68 -25.03
C GLN D 129 -15.57 3.15 -24.88
N GLN D 130 -14.58 4.06 -24.95
CA GLN D 130 -14.87 5.49 -24.85
C GLN D 130 -15.68 5.98 -26.05
N LEU D 131 -15.37 5.49 -27.25
CA LEU D 131 -16.13 5.86 -28.45
C LEU D 131 -17.57 5.35 -28.32
N CYS D 132 -17.71 4.14 -27.78
CA CYS D 132 -19.02 3.53 -27.55
C CYS D 132 -19.81 4.34 -26.53
N LYS D 133 -19.14 4.82 -25.49
CA LYS D 133 -19.76 5.66 -24.46
C LYS D 133 -20.25 6.97 -25.07
N LEU D 134 -19.43 7.56 -25.95
CA LEU D 134 -19.79 8.80 -26.65
C LEU D 134 -21.03 8.59 -27.51
N LEU D 135 -21.07 7.48 -28.23
CA LEU D 135 -22.20 7.14 -29.08
C LEU D 135 -23.49 6.92 -28.28
N ILE D 136 -23.38 6.24 -27.13
CA ILE D 136 -24.54 6.01 -26.27
C ILE D 136 -25.05 7.32 -25.70
N GLU D 137 -24.14 8.20 -25.28
CA GLU D 137 -24.55 9.48 -24.69
C GLU D 137 -25.08 10.44 -25.75
N ARG D 138 -24.64 10.30 -26.99
CA ARG D 138 -25.15 11.12 -28.08
C ARG D 138 -26.56 10.67 -28.47
N GLU D 139 -26.76 9.36 -28.62
CA GLU D 139 -28.07 8.86 -28.98
C GLU D 139 -29.07 8.93 -27.84
N GLU D 140 -28.60 9.07 -26.59
CA GLU D 140 -29.51 9.38 -25.49
C GLU D 140 -30.19 10.72 -25.67
N THR D 141 -29.44 11.71 -26.18
CA THR D 141 -30.03 13.00 -26.49
C THR D 141 -30.88 12.93 -27.75
N ARG D 142 -30.38 12.25 -28.79
CA ARG D 142 -31.10 12.18 -30.07
C ARG D 142 -32.43 11.43 -29.94
N ASP D 143 -32.40 10.14 -29.63
CA ASP D 143 -33.64 9.37 -29.55
C ASP D 143 -33.47 8.25 -28.53
N LEU D 144 -34.29 8.25 -27.50
CA LEU D 144 -34.06 7.39 -26.35
C LEU D 144 -34.55 5.98 -26.58
N GLN D 145 -35.73 5.84 -27.20
CA GLN D 145 -36.28 4.53 -27.49
C GLN D 145 -35.44 3.77 -28.50
N PHE D 146 -34.85 4.48 -29.46
CA PHE D 146 -33.95 3.86 -30.42
C PHE D 146 -32.65 3.43 -29.76
N LEU D 147 -32.16 4.20 -28.78
CA LEU D 147 -31.01 3.80 -27.99
C LEU D 147 -31.30 2.54 -27.19
N PHE D 148 -32.45 2.51 -26.52
CA PHE D 148 -32.74 1.40 -25.60
C PHE D 148 -33.06 0.13 -26.37
N MET D 149 -34.09 0.16 -27.23
CA MET D 149 -34.57 -1.06 -27.89
C MET D 149 -33.58 -1.56 -28.94
N GLN D 150 -33.11 -0.69 -29.82
CA GLN D 150 -32.35 -1.15 -30.96
C GLN D 150 -30.86 -1.27 -30.69
N LEU D 151 -30.23 -0.21 -30.17
CA LEU D 151 -28.80 -0.23 -29.91
C LEU D 151 -28.44 -1.17 -28.77
N LEU D 152 -28.98 -0.90 -27.58
CA LEU D 152 -28.51 -1.63 -26.40
C LEU D 152 -29.16 -2.99 -26.27
N LEU D 153 -30.49 -3.09 -26.39
CA LEU D 153 -31.17 -4.31 -25.97
C LEU D 153 -31.41 -5.35 -27.06
N ARG D 154 -31.41 -4.97 -28.34
CA ARG D 154 -31.67 -5.95 -29.39
C ARG D 154 -30.51 -6.95 -29.50
N ARG D 155 -30.84 -8.23 -29.38
CA ARG D 155 -29.85 -9.31 -29.40
C ARG D 155 -29.48 -9.64 -30.85
N TYR D 156 -28.45 -9.00 -31.35
CA TYR D 156 -28.00 -9.26 -32.70
C TYR D 156 -27.19 -10.55 -32.77
N VAL D 157 -27.01 -11.03 -33.99
CA VAL D 157 -26.29 -12.26 -34.28
C VAL D 157 -25.10 -11.87 -35.16
N ILE D 158 -23.99 -12.57 -35.01
CA ILE D 158 -22.78 -12.21 -35.75
C ILE D 158 -22.11 -13.51 -36.17
N ASN D 159 -21.47 -13.49 -37.33
CA ASN D 159 -20.72 -14.62 -37.85
C ASN D 159 -19.24 -14.32 -37.64
N GLU D 160 -18.74 -14.66 -36.45
CA GLU D 160 -17.33 -14.46 -36.14
C GLU D 160 -16.44 -15.37 -36.99
N ASN D 161 -16.76 -16.64 -37.02
CA ASN D 161 -16.16 -17.60 -37.92
C ASN D 161 -17.27 -18.06 -38.84
N ASP D 162 -17.04 -19.15 -39.57
CA ASP D 162 -18.12 -19.78 -40.34
C ASP D 162 -19.31 -20.18 -39.46
N GLU D 163 -19.05 -20.55 -38.20
CA GLU D 163 -20.09 -20.74 -37.20
C GLU D 163 -20.84 -19.45 -36.92
N ASP D 164 -22.13 -19.58 -36.60
CA ASP D 164 -22.99 -18.46 -36.22
C ASP D 164 -23.06 -18.38 -34.71
N GLN D 165 -22.92 -17.18 -34.16
CA GLN D 165 -22.86 -17.01 -32.73
C GLN D 165 -24.27 -16.83 -32.17
N GLU D 166 -24.37 -16.92 -30.85
CA GLU D 166 -25.64 -16.80 -30.17
C GLU D 166 -26.11 -15.35 -30.23
N PRO D 167 -27.42 -15.09 -30.07
CA PRO D 167 -27.87 -13.69 -30.05
C PRO D 167 -27.57 -13.02 -28.71
N LEU D 168 -26.57 -12.14 -28.72
CA LEU D 168 -26.23 -11.31 -27.58
C LEU D 168 -26.58 -9.87 -27.90
N ASN D 169 -26.87 -9.10 -26.85
CA ASN D 169 -27.09 -7.69 -27.02
C ASN D 169 -25.98 -6.94 -26.32
N ALA D 170 -25.94 -5.63 -26.57
CA ALA D 170 -24.83 -4.78 -26.13
C ALA D 170 -24.71 -4.68 -24.63
N LEU D 171 -25.83 -4.80 -23.90
CA LEU D 171 -25.78 -4.79 -22.45
C LEU D 171 -25.08 -6.04 -21.91
N GLU D 172 -25.56 -7.22 -22.33
CA GLU D 172 -24.95 -8.50 -21.93
C GLU D 172 -23.51 -8.60 -22.40
N LEU D 173 -23.22 -8.06 -23.58
CA LEU D 173 -21.87 -8.07 -24.13
C LEU D 173 -20.93 -7.22 -23.30
N ALA D 174 -21.35 -6.01 -22.94
CA ALA D 174 -20.54 -5.13 -22.10
C ALA D 174 -20.38 -5.67 -20.68
N THR D 175 -21.35 -6.44 -20.17
CA THR D 175 -21.18 -6.98 -18.83
C THR D 175 -20.29 -8.21 -18.77
N ASP D 176 -20.35 -9.08 -19.79
CA ASP D 176 -19.54 -10.30 -19.75
C ASP D 176 -18.05 -9.99 -19.80
N MET D 177 -17.66 -9.04 -20.63
CA MET D 177 -16.25 -8.66 -20.70
C MET D 177 -15.89 -7.51 -19.76
N HIS D 178 -16.85 -7.04 -18.95
CA HIS D 178 -16.68 -5.96 -17.96
C HIS D 178 -16.18 -4.66 -18.59
N CYS D 179 -16.98 -4.13 -19.49
CA CYS D 179 -16.67 -2.86 -20.15
C CYS D 179 -17.16 -1.74 -19.25
N THR D 180 -16.31 -1.32 -18.33
CA THR D 180 -16.75 -0.41 -17.27
C THR D 180 -16.93 1.01 -17.76
N THR D 181 -16.24 1.40 -18.84
CA THR D 181 -16.48 2.71 -19.44
C THR D 181 -17.81 2.74 -20.18
N VAL D 182 -18.29 1.58 -20.62
CA VAL D 182 -19.59 1.48 -21.26
C VAL D 182 -20.70 1.31 -20.25
N ILE D 183 -20.48 0.50 -19.21
CA ILE D 183 -21.48 0.29 -18.16
C ILE D 183 -21.73 1.57 -17.38
N GLY D 184 -20.73 2.43 -17.25
CA GLY D 184 -20.91 3.70 -16.59
C GLY D 184 -21.34 4.83 -17.50
N SER D 185 -22.00 4.51 -18.60
CA SER D 185 -22.58 5.54 -19.43
C SER D 185 -23.93 5.94 -18.86
N SER D 186 -24.37 7.13 -19.20
CA SER D 186 -25.68 7.58 -18.73
C SER D 186 -26.80 6.80 -19.42
N GLY D 187 -26.63 6.48 -20.71
CA GLY D 187 -27.65 5.76 -21.42
C GLY D 187 -27.72 4.29 -21.05
N PHE D 188 -26.55 3.68 -20.83
CA PHE D 188 -26.46 2.30 -20.33
C PHE D 188 -27.12 2.17 -18.97
N GLN D 189 -26.79 3.08 -18.05
CA GLN D 189 -27.38 3.04 -16.72
C GLN D 189 -28.86 3.36 -16.75
N ARG D 190 -29.30 4.24 -17.64
CA ARG D 190 -30.72 4.51 -17.81
C ARG D 190 -31.45 3.30 -18.36
N CYS D 191 -30.84 2.59 -19.31
CA CYS D 191 -31.44 1.38 -19.86
C CYS D 191 -31.57 0.30 -18.81
N LEU D 192 -30.54 0.15 -17.98
CA LEU D 192 -30.58 -0.78 -16.85
C LEU D 192 -31.62 -0.38 -15.82
N LYS D 193 -31.83 0.92 -15.64
CA LYS D 193 -32.86 1.40 -14.72
C LYS D 193 -34.25 1.09 -15.25
N TRP D 194 -34.46 1.27 -16.56
CA TRP D 194 -35.74 0.96 -17.17
C TRP D 194 -36.04 -0.54 -17.17
N ILE D 195 -35.03 -1.38 -17.43
CA ILE D 195 -35.21 -2.83 -17.32
C ILE D 195 -35.47 -3.23 -15.89
N TRP D 196 -34.70 -2.66 -14.95
CA TRP D 196 -34.82 -2.92 -13.52
C TRP D 196 -36.23 -2.64 -13.01
N ARG D 197 -36.78 -1.47 -13.35
CA ARG D 197 -38.13 -1.12 -12.98
C ARG D 197 -39.20 -1.85 -13.78
N GLY D 198 -38.84 -2.67 -14.76
CA GLY D 198 -39.83 -3.38 -15.55
C GLY D 198 -40.44 -2.56 -16.65
N TRP D 199 -39.92 -1.36 -16.92
CA TRP D 199 -40.47 -0.51 -17.96
C TRP D 199 -40.18 -1.06 -19.35
N ILE D 200 -39.11 -1.82 -19.53
CA ILE D 200 -38.83 -2.54 -20.76
C ILE D 200 -38.83 -4.02 -20.41
N VAL D 201 -39.53 -4.83 -21.21
CA VAL D 201 -39.71 -6.24 -20.94
C VAL D 201 -39.40 -7.00 -22.22
N GLN D 202 -38.93 -8.23 -22.06
CA GLN D 202 -38.60 -9.06 -23.21
C GLN D 202 -39.86 -9.45 -23.97
N ASN D 203 -39.80 -9.28 -25.28
CA ASN D 203 -40.92 -9.63 -26.14
C ASN D 203 -41.11 -11.14 -26.17
N GLY D 204 -42.32 -11.60 -25.87
CA GLY D 204 -42.62 -13.02 -25.96
C GLY D 204 -42.63 -13.56 -27.39
N LEU D 205 -42.88 -12.70 -28.37
CA LEU D 205 -42.94 -13.13 -29.76
C LEU D 205 -41.54 -13.44 -30.28
N ASP D 206 -40.60 -12.52 -30.07
CA ASP D 206 -39.22 -12.66 -30.51
C ASP D 206 -38.37 -12.39 -29.27
N PRO D 207 -37.47 -13.30 -28.86
CA PRO D 207 -36.70 -13.07 -27.64
C PRO D 207 -35.49 -12.16 -27.79
N THR D 208 -35.43 -11.40 -28.90
CA THR D 208 -34.30 -10.54 -29.23
C THR D 208 -34.73 -9.10 -29.45
N THR D 209 -35.87 -8.67 -28.89
CA THR D 209 -36.44 -7.39 -29.29
C THR D 209 -36.58 -6.39 -28.15
N PHE D 210 -37.15 -6.80 -27.01
CA PHE D 210 -37.34 -5.98 -25.80
C PHE D 210 -38.22 -4.74 -26.07
N ILE D 211 -39.50 -5.03 -26.31
CA ILE D 211 -40.48 -3.97 -26.47
C ILE D 211 -40.78 -3.31 -25.12
N LYS D 212 -41.12 -2.02 -25.15
CA LYS D 212 -41.58 -1.33 -23.94
C LYS D 212 -42.95 -1.85 -23.53
N ASP D 213 -43.34 -1.57 -22.28
CA ASP D 213 -44.66 -1.91 -21.81
C ASP D 213 -45.33 -0.66 -21.25
N ASP D 214 -46.65 -0.70 -21.14
CA ASP D 214 -47.46 0.45 -20.74
C ASP D 214 -47.74 0.37 -19.23
N SER D 215 -47.09 1.25 -18.47
CA SER D 215 -47.28 1.35 -17.04
C SER D 215 -48.06 2.60 -16.64
N LEU D 216 -48.57 3.36 -17.62
CA LEU D 216 -49.28 4.60 -17.33
C LEU D 216 -50.63 4.34 -16.68
N ALA D 217 -51.33 3.29 -17.11
CA ALA D 217 -52.65 2.84 -16.63
C ALA D 217 -53.73 3.91 -16.72
N PHE D 225 -53.39 -3.78 -10.41
CA PHE D 225 -52.77 -4.85 -9.66
C PHE D 225 -52.43 -6.03 -10.55
N ASN D 226 -51.59 -5.79 -11.56
CA ASN D 226 -51.21 -6.83 -12.49
C ASN D 226 -50.24 -7.80 -11.82
N PRO D 227 -50.36 -9.10 -12.06
CA PRO D 227 -49.33 -10.03 -11.56
C PRO D 227 -48.03 -9.96 -12.33
N VAL D 228 -48.08 -9.62 -13.62
CA VAL D 228 -46.87 -9.60 -14.45
C VAL D 228 -45.98 -8.39 -14.09
N ARG D 229 -46.57 -7.37 -13.43
CA ARG D 229 -45.79 -6.27 -12.87
C ARG D 229 -44.87 -6.76 -11.76
N LEU D 230 -45.27 -7.80 -11.03
CA LEU D 230 -44.41 -8.38 -10.01
C LEU D 230 -43.26 -9.17 -10.62
N LYS D 231 -43.32 -9.47 -11.93
CA LYS D 231 -42.22 -10.10 -12.66
C LYS D 231 -41.08 -9.15 -12.96
N ALA D 232 -41.20 -7.86 -12.61
CA ALA D 232 -40.15 -6.89 -12.82
C ALA D 232 -38.94 -7.23 -11.96
N PRO D 233 -37.74 -6.81 -12.39
CA PRO D 233 -36.54 -7.06 -11.58
C PRO D 233 -36.52 -6.38 -10.21
N VAL D 234 -37.16 -5.20 -10.05
CA VAL D 234 -37.28 -4.58 -8.73
C VAL D 234 -38.04 -5.49 -7.79
N TYR D 235 -39.18 -5.98 -8.24
CA TYR D 235 -40.05 -6.75 -7.36
C TYR D 235 -39.61 -8.19 -7.23
N GLN D 236 -38.99 -8.77 -8.27
CA GLN D 236 -38.36 -10.08 -8.12
C GLN D 236 -37.21 -10.02 -7.11
N ASN D 237 -36.42 -8.94 -7.17
CA ASN D 237 -35.34 -8.73 -6.22
C ASN D 237 -35.85 -8.53 -4.80
N TYR D 238 -36.88 -7.69 -4.64
CA TYR D 238 -37.46 -7.42 -3.33
C TYR D 238 -38.14 -8.64 -2.74
N LEU D 239 -38.83 -9.42 -3.56
CA LEU D 239 -39.48 -10.62 -3.03
C LEU D 239 -38.48 -11.72 -2.72
N GLN D 240 -37.38 -11.83 -3.49
CA GLN D 240 -36.33 -12.76 -3.09
C GLN D 240 -35.63 -12.32 -1.80
N MET D 241 -35.50 -11.00 -1.59
CA MET D 241 -34.96 -10.48 -0.34
C MET D 241 -35.86 -10.78 0.85
N ILE D 242 -37.16 -10.53 0.69
CA ILE D 242 -38.15 -10.83 1.72
C ILE D 242 -38.23 -12.32 1.99
N PHE D 243 -38.12 -13.14 0.94
CA PHE D 243 -38.18 -14.58 1.13
C PHE D 243 -36.90 -15.13 1.75
N SER D 244 -35.75 -14.47 1.52
CA SER D 244 -34.53 -14.87 2.21
C SER D 244 -34.61 -14.55 3.70
N PHE D 245 -35.12 -13.36 4.04
CA PHE D 245 -35.33 -13.03 5.46
C PHE D 245 -36.38 -13.92 6.10
N LEU D 246 -37.41 -14.31 5.34
CA LEU D 246 -38.44 -15.21 5.84
C LEU D 246 -37.91 -16.62 6.03
N PHE D 247 -37.11 -17.11 5.09
CA PHE D 247 -36.40 -18.37 5.22
C PHE D 247 -35.50 -18.39 6.46
N LEU D 248 -34.81 -17.27 6.71
CA LEU D 248 -33.98 -17.17 7.91
C LEU D 248 -34.81 -17.17 9.18
N GLY D 249 -35.95 -16.45 9.17
CA GLY D 249 -36.82 -16.43 10.32
C GLY D 249 -37.48 -17.76 10.63
N LEU D 250 -37.89 -18.49 9.59
CA LEU D 250 -38.37 -19.85 9.79
C LEU D 250 -37.26 -20.79 10.22
N TYR D 251 -36.03 -20.58 9.76
CA TYR D 251 -34.91 -21.41 10.20
C TYR D 251 -34.64 -21.22 11.69
N THR D 252 -34.48 -19.97 12.14
CA THR D 252 -34.18 -19.72 13.55
C THR D 252 -35.35 -20.00 14.50
N LEU D 253 -36.56 -20.21 13.98
CA LEU D 253 -37.67 -20.67 14.79
C LEU D 253 -37.79 -22.17 14.83
N VAL D 254 -36.90 -22.89 14.14
CA VAL D 254 -36.89 -24.34 14.12
C VAL D 254 -35.73 -24.89 14.96
N VAL D 255 -34.50 -24.43 14.70
CA VAL D 255 -33.31 -24.89 15.43
C VAL D 255 -33.36 -24.51 16.91
N ASN D 256 -34.01 -23.41 17.25
CA ASN D 256 -34.31 -23.08 18.63
C ASN D 256 -35.63 -23.65 19.11
N GLY D 257 -36.18 -24.63 18.40
CA GLY D 257 -37.45 -25.22 18.76
C GLY D 257 -37.34 -26.37 19.73
N LYS D 258 -36.22 -27.10 19.68
CA LYS D 258 -35.97 -28.23 20.57
C LYS D 258 -35.91 -27.83 22.04
N ASP D 259 -36.92 -28.25 22.80
CA ASP D 259 -36.99 -27.99 24.22
C ASP D 259 -36.93 -29.26 25.06
N SER D 260 -37.50 -30.36 24.57
CA SER D 260 -37.49 -31.64 25.26
C SER D 260 -36.62 -32.63 24.49
N GLU D 261 -36.05 -33.59 25.22
CA GLU D 261 -35.19 -34.61 24.62
C GLU D 261 -35.95 -35.56 23.69
N ARG D 262 -37.27 -35.67 23.85
CA ARG D 262 -38.08 -36.54 23.00
C ARG D 262 -38.27 -35.91 21.62
N VAL D 263 -39.04 -36.59 20.77
CA VAL D 263 -39.35 -36.09 19.44
C VAL D 263 -40.41 -35.01 19.56
N GLN D 264 -40.22 -33.91 18.83
CA GLN D 264 -41.04 -32.73 18.98
C GLN D 264 -42.35 -32.85 18.19
N SER D 265 -43.18 -31.83 18.32
CA SER D 265 -44.56 -31.85 17.84
C SER D 265 -44.70 -31.78 16.32
N PHE D 266 -43.63 -31.38 15.60
CA PHE D 266 -43.63 -31.10 14.15
C PHE D 266 -44.68 -30.04 13.82
N ASP D 267 -44.40 -28.82 14.31
CA ASP D 267 -45.30 -27.67 14.25
C ASP D 267 -45.52 -27.21 12.81
N LEU D 268 -46.41 -26.20 12.67
CA LEU D 268 -46.75 -25.64 11.37
C LEU D 268 -45.57 -24.94 10.72
N LEU D 269 -44.75 -24.24 11.53
CA LEU D 269 -43.62 -23.48 11.00
C LEU D 269 -42.53 -24.40 10.48
N GLU D 270 -42.31 -25.53 11.14
CA GLU D 270 -41.33 -26.52 10.69
C GLU D 270 -41.75 -27.13 9.35
N SER D 271 -43.05 -27.35 9.15
CA SER D 271 -43.53 -27.88 7.88
C SER D 271 -43.42 -26.84 6.77
N ILE D 272 -43.75 -25.58 7.05
CA ILE D 272 -43.58 -24.49 6.07
C ILE D 272 -42.11 -24.33 5.70
N PHE D 273 -41.22 -24.48 6.70
CA PHE D 273 -39.78 -24.39 6.48
C PHE D 273 -39.25 -25.48 5.57
N TYR D 274 -39.60 -26.75 5.86
CA TYR D 274 -39.14 -27.83 4.99
C TYR D 274 -39.80 -27.80 3.61
N VAL D 275 -41.03 -27.26 3.51
CA VAL D 275 -41.67 -27.08 2.20
C VAL D 275 -40.90 -26.05 1.38
N PHE D 276 -40.54 -24.92 2.00
CA PHE D 276 -39.75 -23.88 1.33
C PHE D 276 -38.38 -24.40 0.89
N ASN D 277 -37.73 -25.19 1.76
CA ASN D 277 -36.41 -25.70 1.41
C ASN D 277 -36.48 -26.77 0.32
N THR D 278 -37.51 -27.63 0.34
CA THR D 278 -37.60 -28.61 -0.73
C THR D 278 -38.00 -27.96 -2.05
N GLY D 279 -38.77 -26.85 -1.99
CA GLY D 279 -39.00 -26.05 -3.18
C GLY D 279 -37.72 -25.44 -3.74
N PHE D 280 -36.86 -24.93 -2.86
CA PHE D 280 -35.58 -24.37 -3.27
C PHE D 280 -34.65 -25.43 -3.87
N ILE D 281 -34.58 -26.61 -3.25
CA ILE D 281 -33.67 -27.63 -3.77
C ILE D 281 -34.20 -28.21 -5.10
N LEU D 282 -35.52 -28.34 -5.27
CA LEU D 282 -36.03 -28.80 -6.57
C LEU D 282 -35.86 -27.74 -7.64
N ASP D 283 -36.01 -26.45 -7.29
CA ASP D 283 -35.72 -25.37 -8.22
C ASP D 283 -34.27 -25.38 -8.68
N GLU D 284 -33.35 -25.54 -7.73
CA GLU D 284 -31.92 -25.56 -8.06
C GLU D 284 -31.53 -26.83 -8.80
N LEU D 285 -32.15 -27.97 -8.52
CA LEU D 285 -31.81 -29.18 -9.26
C LEU D 285 -32.43 -29.21 -10.65
N THR D 286 -33.59 -28.58 -10.85
CA THR D 286 -34.11 -28.40 -12.21
C THR D 286 -33.21 -27.48 -13.03
N LYS D 287 -32.75 -26.38 -12.43
CA LYS D 287 -31.78 -25.51 -13.09
C LYS D 287 -30.45 -26.22 -13.32
N LEU D 288 -30.06 -27.11 -12.41
CA LEU D 288 -28.80 -27.84 -12.56
C LEU D 288 -28.86 -28.87 -13.68
N TYR D 289 -29.97 -29.61 -13.78
CA TYR D 289 -30.17 -30.54 -14.90
C TYR D 289 -30.30 -29.80 -16.23
N TYR D 290 -31.11 -28.75 -16.28
CA TYR D 290 -31.29 -27.94 -17.48
C TYR D 290 -30.01 -27.22 -17.88
N ILE D 291 -29.55 -26.29 -17.04
CA ILE D 291 -28.30 -25.58 -17.28
C ILE D 291 -27.21 -26.38 -16.58
N GLY D 292 -26.44 -27.15 -17.35
CA GLY D 292 -25.45 -28.03 -16.79
C GLY D 292 -24.07 -27.41 -16.91
N TYR D 293 -23.39 -27.31 -15.76
CA TYR D 293 -22.01 -26.83 -15.60
C TYR D 293 -21.81 -25.38 -16.06
N ALA D 294 -22.90 -24.61 -16.07
CA ALA D 294 -22.86 -23.16 -16.10
C ALA D 294 -23.68 -22.60 -14.96
N HIS D 295 -24.27 -23.47 -14.15
CA HIS D 295 -24.86 -23.17 -12.85
C HIS D 295 -23.81 -23.27 -11.73
N LEU D 296 -22.53 -23.28 -12.07
CA LEU D 296 -21.46 -23.51 -11.11
C LEU D 296 -20.91 -22.23 -10.52
N SER D 297 -21.73 -21.19 -10.41
CA SER D 297 -21.41 -20.00 -9.63
C SER D 297 -21.19 -20.34 -8.16
N PHE D 298 -20.41 -19.50 -7.47
CA PHE D 298 -20.16 -19.69 -6.04
C PHE D 298 -21.44 -19.59 -5.24
N TRP D 299 -22.28 -18.60 -5.54
CA TRP D 299 -23.51 -18.42 -4.78
C TRP D 299 -24.50 -19.53 -5.05
N ASN D 300 -24.49 -20.09 -6.25
CA ASN D 300 -25.33 -21.24 -6.56
C ASN D 300 -24.90 -22.47 -5.78
N LEU D 301 -23.59 -22.76 -5.76
CA LEU D 301 -23.07 -23.86 -4.93
C LEU D 301 -23.28 -23.62 -3.44
N PHE D 302 -23.17 -22.36 -3.00
CA PHE D 302 -23.39 -22.00 -1.61
C PHE D 302 -24.84 -22.25 -1.21
N ASN D 303 -25.79 -21.82 -2.04
CA ASN D 303 -27.19 -22.11 -1.79
C ASN D 303 -27.50 -23.59 -1.89
N ASP D 304 -26.86 -24.31 -2.84
CA ASP D 304 -27.03 -25.75 -2.93
C ASP D 304 -26.51 -26.47 -1.70
N THR D 305 -25.42 -25.96 -1.11
CA THR D 305 -24.92 -26.52 0.13
C THR D 305 -25.88 -26.26 1.28
N THR D 306 -26.42 -25.04 1.38
CA THR D 306 -27.46 -24.69 2.35
C THR D 306 -28.68 -25.61 2.24
N TYR D 307 -29.23 -25.73 1.04
CA TYR D 307 -30.45 -26.51 0.86
C TYR D 307 -30.18 -27.99 0.98
N LEU D 308 -28.99 -28.45 0.58
CA LEU D 308 -28.61 -29.85 0.72
C LEU D 308 -28.50 -30.26 2.17
N ILE D 309 -27.87 -29.42 2.99
CA ILE D 309 -27.76 -29.68 4.44
C ILE D 309 -29.14 -29.71 5.08
N ILE D 310 -29.99 -28.71 4.78
CA ILE D 310 -31.35 -28.69 5.34
C ILE D 310 -32.17 -29.91 4.86
N THR D 311 -31.98 -30.37 3.61
CA THR D 311 -32.69 -31.58 3.14
C THR D 311 -32.25 -32.81 3.91
N PHE D 312 -30.95 -32.95 4.19
CA PHE D 312 -30.49 -34.08 5.00
C PHE D 312 -31.12 -34.02 6.39
N ALA D 313 -31.19 -32.82 6.96
CA ALA D 313 -31.82 -32.63 8.25
C ALA D 313 -33.29 -32.97 8.21
N MET D 314 -33.95 -32.59 7.12
CA MET D 314 -35.36 -32.89 6.88
C MET D 314 -35.57 -34.39 6.83
N GLY D 315 -34.69 -35.09 6.10
CA GLY D 315 -34.77 -36.53 5.98
C GLY D 315 -34.62 -37.23 7.32
N PHE D 316 -33.63 -36.81 8.12
CA PHE D 316 -33.45 -37.40 9.45
C PHE D 316 -34.64 -37.13 10.34
N ARG D 317 -35.17 -35.90 10.30
CA ARG D 317 -36.35 -35.54 11.10
C ARG D 317 -37.57 -36.34 10.69
N ALA D 318 -37.76 -36.51 9.36
CA ALA D 318 -38.86 -37.28 8.81
C ALA D 318 -38.77 -38.74 9.23
N MET D 319 -37.55 -39.29 9.17
CA MET D 319 -37.34 -40.68 9.59
C MET D 319 -37.62 -40.84 11.08
N SER D 320 -37.24 -39.82 11.89
CA SER D 320 -37.51 -39.88 13.33
C SER D 320 -39.01 -39.89 13.61
N VAL D 321 -39.76 -39.01 12.92
CA VAL D 321 -41.22 -38.90 13.09
C VAL D 321 -41.92 -40.22 12.74
N THR D 322 -41.43 -40.93 11.72
CA THR D 322 -42.01 -42.20 11.26
C THR D 322 -40.95 -43.29 11.26
N PRO D 323 -40.45 -43.70 12.44
CA PRO D 323 -39.39 -44.70 12.58
C PRO D 323 -39.75 -46.11 12.08
N TYR D 328 -31.78 -48.37 15.39
CA TYR D 328 -32.52 -47.13 15.20
C TYR D 328 -33.05 -46.64 16.54
N SER D 329 -33.30 -45.35 16.64
CA SER D 329 -33.86 -44.72 17.83
C SER D 329 -34.37 -43.34 17.45
N SER D 330 -35.62 -43.05 17.82
CA SER D 330 -36.30 -41.84 17.37
C SER D 330 -35.65 -40.57 17.92
N GLU D 331 -35.30 -40.58 19.21
CA GLU D 331 -34.59 -39.44 19.79
C GLU D 331 -33.18 -39.29 19.23
N ASP D 332 -32.54 -40.41 18.86
CA ASP D 332 -31.24 -40.35 18.19
C ASP D 332 -31.33 -39.71 16.82
N TRP D 333 -32.35 -40.08 16.03
CA TRP D 333 -32.56 -39.46 14.72
C TRP D 333 -32.96 -38.00 14.85
N ASP D 334 -33.76 -37.66 15.86
CA ASP D 334 -34.12 -36.26 16.11
C ASP D 334 -32.90 -35.43 16.49
N LYS D 335 -32.03 -35.99 17.33
CA LYS D 335 -30.80 -35.33 17.74
C LYS D 335 -29.86 -35.10 16.56
N ILE D 336 -29.64 -36.13 15.75
CA ILE D 336 -28.73 -35.98 14.60
C ILE D 336 -29.35 -35.05 13.55
N SER D 337 -30.69 -34.99 13.47
CA SER D 337 -31.37 -34.05 12.58
C SER D 337 -31.13 -32.61 13.01
N TYR D 338 -31.32 -32.31 14.29
CA TYR D 338 -31.11 -30.95 14.76
C TYR D 338 -29.63 -30.56 14.76
N ARG D 339 -28.73 -31.54 14.89
CA ARG D 339 -27.30 -31.24 14.81
C ARG D 339 -26.88 -30.87 13.40
N VAL D 340 -27.26 -31.70 12.41
CA VAL D 340 -26.92 -31.36 11.03
C VAL D 340 -27.70 -30.14 10.54
N LEU D 341 -28.88 -29.85 11.11
CA LEU D 341 -29.59 -28.61 10.77
C LEU D 341 -28.88 -27.40 11.34
N SER D 342 -28.38 -27.50 12.57
CA SER D 342 -27.60 -26.45 13.17
C SER D 342 -26.27 -26.23 12.47
N CYS D 343 -25.75 -27.23 11.77
CA CYS D 343 -24.61 -27.00 10.88
C CYS D 343 -24.91 -26.05 9.73
N ALA D 344 -26.18 -25.82 9.37
CA ALA D 344 -26.54 -24.96 8.25
C ALA D 344 -26.75 -23.50 8.64
N ALA D 345 -26.57 -23.14 9.90
CA ALA D 345 -26.76 -21.76 10.34
C ALA D 345 -25.77 -20.73 9.78
N PRO D 346 -24.46 -20.99 9.64
CA PRO D 346 -23.62 -20.03 8.89
C PRO D 346 -24.05 -19.81 7.46
N PHE D 347 -24.53 -20.86 6.79
CA PHE D 347 -25.02 -20.73 5.43
C PHE D 347 -26.31 -19.92 5.37
N VAL D 348 -27.22 -20.13 6.31
CA VAL D 348 -28.49 -19.42 6.31
C VAL D 348 -28.28 -17.95 6.69
N TRP D 349 -27.30 -17.65 7.53
CA TRP D 349 -27.04 -16.24 7.84
C TRP D 349 -26.16 -15.55 6.82
N SER D 350 -25.34 -16.30 6.08
CA SER D 350 -24.51 -15.73 5.03
C SER D 350 -25.21 -15.64 3.69
N ARG D 351 -26.34 -16.33 3.53
CA ARG D 351 -27.21 -16.18 2.37
C ARG D 351 -27.69 -14.75 2.16
N LEU D 352 -27.84 -13.98 3.23
CA LEU D 352 -28.44 -12.64 3.17
C LEU D 352 -27.62 -11.66 2.34
N LEU D 353 -26.30 -11.84 2.29
CA LEU D 353 -25.44 -10.96 1.49
C LEU D 353 -25.75 -11.08 0.01
N LEU D 354 -26.11 -12.26 -0.46
CA LEU D 354 -26.52 -12.46 -1.84
C LEU D 354 -27.80 -11.70 -2.16
N TYR D 355 -28.80 -11.81 -1.30
CA TYR D 355 -30.09 -11.17 -1.51
C TYR D 355 -30.14 -9.75 -0.99
N LEU D 356 -29.01 -9.16 -0.61
CA LEU D 356 -28.95 -7.73 -0.34
C LEU D 356 -27.90 -7.03 -1.19
N GLU D 357 -27.46 -7.66 -2.29
CA GLU D 357 -26.51 -7.03 -3.20
C GLU D 357 -27.05 -5.77 -3.86
N SER D 358 -28.38 -5.66 -4.00
CA SER D 358 -28.98 -4.42 -4.50
C SER D 358 -28.73 -3.25 -3.58
N GLN D 359 -28.59 -3.50 -2.28
CA GLN D 359 -28.22 -2.44 -1.36
C GLN D 359 -26.75 -2.16 -1.55
N ARG D 360 -26.40 -0.87 -1.58
CA ARG D 360 -25.07 -0.43 -2.00
C ARG D 360 -23.98 -0.86 -1.04
N PHE D 361 -24.25 -0.79 0.27
CA PHE D 361 -23.29 -1.17 1.30
C PHE D 361 -22.88 -2.64 1.18
N ILE D 362 -23.87 -3.53 1.08
CA ILE D 362 -23.61 -4.96 1.00
C ILE D 362 -22.99 -5.34 -0.33
N GLY D 363 -23.43 -4.68 -1.42
CA GLY D 363 -22.89 -4.99 -2.74
C GLY D 363 -21.46 -4.56 -2.91
N ILE D 364 -21.12 -3.36 -2.43
CA ILE D 364 -19.73 -2.88 -2.39
C ILE D 364 -18.86 -3.81 -1.56
N MET D 365 -19.37 -4.25 -0.40
CA MET D 365 -18.68 -5.22 0.45
C MET D 365 -18.40 -6.54 -0.26
N LEU D 366 -19.38 -7.07 -0.99
CA LEU D 366 -19.16 -8.34 -1.67
C LEU D 366 -18.25 -8.20 -2.89
N VAL D 367 -18.28 -7.05 -3.55
CA VAL D 367 -17.32 -6.75 -4.62
C VAL D 367 -15.89 -6.78 -4.08
N ILE D 368 -15.70 -6.13 -2.92
CA ILE D 368 -14.40 -6.12 -2.23
C ILE D 368 -13.97 -7.53 -1.84
N LEU D 369 -14.89 -8.33 -1.29
CA LEU D 369 -14.57 -9.70 -0.88
C LEU D 369 -14.24 -10.61 -2.06
N LYS D 370 -14.95 -10.43 -3.19
CA LYS D 370 -14.66 -11.19 -4.40
C LYS D 370 -13.25 -10.92 -4.90
N HIS D 371 -12.84 -9.64 -4.91
CA HIS D 371 -11.48 -9.30 -5.33
C HIS D 371 -10.42 -9.80 -4.36
N MET D 372 -10.72 -9.75 -3.06
CA MET D 372 -9.75 -10.22 -2.06
C MET D 372 -9.54 -11.73 -2.12
N MET D 373 -10.62 -12.51 -2.31
CA MET D 373 -10.46 -13.96 -2.47
C MET D 373 -9.75 -14.32 -3.78
N LYS D 374 -10.05 -13.57 -4.86
CA LYS D 374 -9.35 -13.73 -6.12
C LYS D 374 -7.86 -13.46 -6.00
N GLU D 375 -7.46 -12.53 -5.11
CA GLU D 375 -6.03 -12.38 -4.87
C GLU D 375 -5.47 -13.48 -3.97
N SER D 376 -6.26 -13.96 -3.01
CA SER D 376 -5.79 -14.95 -2.06
C SER D 376 -5.64 -16.35 -2.61
N ILE D 377 -6.09 -16.58 -3.86
CA ILE D 377 -5.86 -17.85 -4.58
C ILE D 377 -4.39 -18.31 -4.57
N VAL D 378 -3.45 -17.36 -4.66
CA VAL D 378 -2.01 -17.64 -4.53
C VAL D 378 -1.67 -18.26 -3.17
N PHE D 379 -2.15 -17.63 -2.08
CA PHE D 379 -1.92 -18.14 -0.72
C PHE D 379 -2.51 -19.51 -0.54
N PHE D 380 -3.73 -19.72 -1.05
CA PHE D 380 -4.39 -20.99 -0.83
C PHE D 380 -3.73 -22.12 -1.63
N PHE D 381 -3.22 -21.82 -2.83
CA PHE D 381 -2.44 -22.82 -3.57
C PHE D 381 -1.16 -23.17 -2.83
N LEU D 382 -0.40 -22.16 -2.38
CA LEU D 382 0.84 -22.43 -1.65
C LEU D 382 0.58 -23.12 -0.32
N LEU D 383 -0.52 -22.80 0.33
CA LEU D 383 -0.88 -23.43 1.59
C LEU D 383 -1.25 -24.89 1.40
N PHE D 384 -2.05 -25.19 0.37
CA PHE D 384 -2.37 -26.58 0.04
C PHE D 384 -1.13 -27.36 -0.36
N LEU D 385 -0.22 -26.76 -1.12
CA LEU D 385 1.00 -27.45 -1.54
C LEU D 385 1.91 -27.77 -0.36
N ILE D 386 2.16 -26.78 0.50
CA ILE D 386 2.99 -26.97 1.68
C ILE D 386 2.34 -27.94 2.66
N MET D 387 1.01 -27.87 2.79
CA MET D 387 0.28 -28.77 3.67
C MET D 387 0.30 -30.21 3.18
N ILE D 388 0.16 -30.43 1.86
CA ILE D 388 0.26 -31.77 1.28
C ILE D 388 1.67 -32.33 1.45
N GLY D 389 2.70 -31.50 1.24
CA GLY D 389 4.07 -31.90 1.44
C GLY D 389 4.43 -32.31 2.85
N PHE D 390 4.17 -31.44 3.82
CA PHE D 390 4.43 -31.78 5.21
C PHE D 390 3.47 -32.84 5.76
N THR D 391 2.26 -32.96 5.21
CA THR D 391 1.36 -34.03 5.58
C THR D 391 1.91 -35.39 5.14
N GLN D 392 2.40 -35.47 3.89
CA GLN D 392 3.07 -36.68 3.41
C GLN D 392 4.31 -36.99 4.23
N GLY D 393 5.02 -35.95 4.68
CA GLY D 393 6.16 -36.14 5.57
C GLY D 393 5.79 -36.76 6.91
N PHE D 394 4.76 -36.22 7.56
CA PHE D 394 4.35 -36.75 8.86
C PHE D 394 3.70 -38.12 8.75
N LEU D 395 2.90 -38.36 7.71
CA LEU D 395 2.34 -39.70 7.52
C LEU D 395 3.42 -40.73 7.18
N GLY D 396 4.50 -40.30 6.53
CA GLY D 396 5.62 -41.21 6.35
C GLY D 396 6.37 -41.46 7.64
N LEU D 397 6.49 -40.45 8.50
CA LEU D 397 7.04 -40.68 9.84
C LEU D 397 6.16 -41.61 10.67
N ASP D 398 4.85 -41.56 10.45
CA ASP D 398 3.94 -42.47 11.13
C ASP D 398 4.09 -43.90 10.63
N SER D 399 4.20 -44.07 9.31
CA SER D 399 4.39 -45.40 8.74
C SER D 399 5.79 -45.96 8.99
N ALA D 400 6.77 -45.10 9.30
CA ALA D 400 8.16 -45.51 9.42
C ALA D 400 8.40 -46.49 10.56
N ASP D 401 7.79 -46.25 11.72
CA ASP D 401 7.90 -47.18 12.84
C ASP D 401 7.25 -48.54 12.54
N GLY D 402 6.25 -48.56 11.65
CA GLY D 402 5.69 -49.81 11.19
C GLY D 402 4.18 -49.80 11.10
N LYS D 403 3.52 -49.05 11.96
CA LYS D 403 2.07 -48.99 11.97
C LYS D 403 1.60 -47.54 12.07
N ARG D 404 0.50 -47.26 11.39
CA ARG D 404 -0.07 -45.92 11.38
C ARG D 404 -1.06 -45.83 12.53
N ASP D 405 -0.70 -45.08 13.57
CA ASP D 405 -1.50 -45.02 14.77
C ASP D 405 -2.03 -43.64 15.12
N ILE D 406 -1.33 -42.57 14.75
CA ILE D 406 -1.75 -41.23 15.14
C ILE D 406 -2.01 -40.37 13.91
N THR D 407 -2.48 -41.00 12.83
CA THR D 407 -2.76 -40.31 11.56
C THR D 407 -3.79 -39.21 11.70
N GLY D 408 -4.87 -39.47 12.44
CA GLY D 408 -5.91 -38.51 12.72
C GLY D 408 -5.46 -37.25 13.47
N PRO D 409 -4.73 -37.41 14.58
CA PRO D 409 -4.06 -36.25 15.20
C PRO D 409 -3.09 -35.50 14.30
N ILE D 410 -2.41 -36.17 13.36
CA ILE D 410 -1.53 -35.48 12.41
C ILE D 410 -2.32 -34.56 11.49
N LEU D 411 -3.33 -35.11 10.80
CA LEU D 411 -4.21 -34.30 9.94
C LEU D 411 -4.87 -33.16 10.70
N GLY D 412 -5.38 -33.45 11.90
CA GLY D 412 -5.93 -32.45 12.78
C GLY D 412 -4.98 -31.33 13.15
N ASN D 413 -3.82 -31.64 13.73
CA ASN D 413 -2.88 -30.63 14.20
C ASN D 413 -2.29 -29.80 13.05
N LEU D 414 -1.93 -30.43 11.93
CA LEU D 414 -1.43 -29.67 10.78
C LEU D 414 -2.49 -28.75 10.18
N THR D 415 -3.75 -29.19 10.12
CA THR D 415 -4.80 -28.29 9.68
C THR D 415 -4.98 -27.13 10.66
N ILE D 416 -4.83 -27.42 11.95
CA ILE D 416 -4.96 -26.41 13.02
C ILE D 416 -3.87 -25.34 12.96
N THR D 417 -2.63 -25.69 12.56
CA THR D 417 -1.50 -24.75 12.46
C THR D 417 -1.74 -23.45 11.71
N VAL D 418 -2.63 -23.45 10.70
CA VAL D 418 -2.92 -22.22 9.97
C VAL D 418 -3.71 -21.25 10.86
N LEU D 419 -4.41 -21.75 11.87
CA LEU D 419 -5.15 -20.91 12.78
C LEU D 419 -4.28 -20.39 13.91
N GLY D 420 -3.06 -20.88 14.03
CA GLY D 420 -2.15 -20.50 15.09
C GLY D 420 -2.35 -21.26 16.38
N LEU D 421 -3.26 -22.21 16.40
CA LEU D 421 -3.59 -23.02 17.58
C LEU D 421 -2.78 -24.30 17.69
N GLY D 422 -1.88 -24.56 16.74
CA GLY D 422 -1.10 -25.80 16.75
C GLY D 422 -0.24 -25.98 17.98
N SER D 423 -0.14 -27.22 18.43
CA SER D 423 0.68 -27.61 19.58
C SER D 423 1.57 -28.78 19.18
N PHE D 424 2.80 -28.77 19.67
CA PHE D 424 3.77 -29.83 19.40
C PHE D 424 3.64 -30.98 20.40
N ASP D 425 2.67 -30.90 21.32
CA ASP D 425 2.43 -31.95 22.31
C ASP D 425 2.03 -33.28 21.65
N VAL D 426 1.28 -33.19 20.55
CA VAL D 426 0.86 -34.36 19.79
C VAL D 426 2.07 -35.10 19.22
N PHE D 427 3.04 -34.37 18.70
CA PHE D 427 4.23 -34.95 18.07
C PHE D 427 5.40 -35.15 19.03
N GLU D 428 5.23 -34.84 20.32
CA GLU D 428 6.33 -34.99 21.27
C GLU D 428 6.77 -36.45 21.38
N GLU D 429 5.82 -37.38 21.50
CA GLU D 429 6.14 -38.80 21.46
C GLU D 429 5.99 -39.34 20.04
N PHE D 430 6.86 -38.89 19.14
CA PHE D 430 6.72 -39.37 17.76
C PHE D 430 8.05 -39.82 17.16
N ALA D 431 8.97 -38.88 16.95
CA ALA D 431 10.27 -39.15 16.37
C ALA D 431 11.21 -38.17 17.06
N PRO D 432 12.44 -38.55 17.37
CA PRO D 432 13.26 -37.71 18.26
C PRO D 432 13.77 -36.43 17.59
N PRO D 433 14.44 -36.42 16.36
CA PRO D 433 14.58 -35.09 15.73
C PRO D 433 13.62 -34.76 14.61
N TYR D 434 12.89 -35.74 14.06
CA TYR D 434 12.28 -35.57 12.74
C TYR D 434 10.97 -34.80 12.82
N ALA D 435 10.14 -35.12 13.81
CA ALA D 435 8.85 -34.46 13.96
C ALA D 435 9.02 -32.99 14.35
N ALA D 436 10.01 -32.69 15.18
CA ALA D 436 10.29 -31.31 15.57
C ALA D 436 10.77 -30.47 14.39
N ILE D 437 11.70 -31.02 13.60
CA ILE D 437 12.22 -30.33 12.41
C ILE D 437 11.11 -30.09 11.38
N LEU D 438 10.33 -31.14 11.07
CA LEU D 438 9.25 -30.99 10.11
C LEU D 438 8.15 -30.07 10.61
N TYR D 439 7.75 -30.20 11.88
CA TYR D 439 6.66 -29.39 12.41
C TYR D 439 7.05 -27.93 12.54
N TYR D 440 8.27 -27.65 12.98
CA TYR D 440 8.64 -26.25 13.12
C TYR D 440 9.01 -25.62 11.80
N GLY D 441 9.52 -26.39 10.83
CA GLY D 441 9.63 -25.87 9.48
C GLY D 441 8.29 -25.56 8.85
N TYR D 442 7.31 -26.43 9.08
CA TYR D 442 5.96 -26.22 8.59
C TYR D 442 5.29 -25.02 9.25
N TYR D 443 5.44 -24.90 10.56
CA TYR D 443 4.89 -23.76 11.31
C TYR D 443 5.57 -22.47 10.93
N PHE D 444 6.86 -22.52 10.57
CA PHE D 444 7.54 -21.34 10.05
C PHE D 444 7.00 -20.94 8.70
N ILE D 445 6.86 -21.91 7.78
CA ILE D 445 6.41 -21.59 6.43
C ILE D 445 4.95 -21.14 6.43
N VAL D 446 4.14 -21.64 7.35
CA VAL D 446 2.74 -21.24 7.37
C VAL D 446 2.55 -19.94 8.15
N SER D 447 3.04 -19.87 9.38
CA SER D 447 2.70 -18.70 10.21
C SER D 447 3.54 -17.48 9.88
N VAL D 448 4.82 -17.66 9.61
CA VAL D 448 5.69 -16.50 9.42
C VAL D 448 5.71 -16.09 7.95
N ILE D 449 5.76 -17.05 7.04
CA ILE D 449 5.89 -16.72 5.63
C ILE D 449 4.52 -16.55 4.99
N LEU D 450 3.67 -17.58 5.04
CA LEU D 450 2.51 -17.60 4.16
C LEU D 450 1.33 -16.77 4.67
N LEU D 451 1.12 -16.70 5.98
CA LEU D 451 0.03 -15.88 6.49
C LEU D 451 0.32 -14.39 6.34
N ASN D 452 1.59 -14.01 6.45
CA ASN D 452 1.98 -12.63 6.18
C ASN D 452 1.91 -12.30 4.69
N ILE D 453 2.19 -13.29 3.83
CA ILE D 453 1.94 -13.16 2.39
C ILE D 453 0.46 -12.97 2.13
N LEU D 454 -0.41 -13.67 2.87
CA LEU D 454 -1.85 -13.49 2.73
C LEU D 454 -2.31 -12.09 3.10
N ILE D 455 -1.71 -11.52 4.14
CA ILE D 455 -1.99 -10.13 4.50
C ILE D 455 -1.54 -9.18 3.40
N ALA D 456 -0.39 -9.46 2.77
CA ALA D 456 0.11 -8.68 1.64
C ALA D 456 -0.85 -8.71 0.45
N LEU D 457 -1.33 -9.91 0.10
CA LEU D 457 -2.28 -10.08 -0.99
C LEU D 457 -3.59 -9.36 -0.72
N TYR D 458 -4.07 -9.44 0.52
CA TYR D 458 -5.32 -8.77 0.89
C TYR D 458 -5.18 -7.26 0.85
N SER D 459 -4.04 -6.73 1.30
CA SER D 459 -3.77 -5.29 1.25
C SER D 459 -3.75 -4.76 -0.18
N THR D 460 -3.06 -5.46 -1.06
CA THR D 460 -2.99 -5.05 -2.46
C THR D 460 -4.34 -5.17 -3.15
N ALA D 461 -5.09 -6.24 -2.88
CA ALA D 461 -6.41 -6.43 -3.46
C ALA D 461 -7.39 -5.36 -3.03
N TYR D 462 -7.37 -5.00 -1.74
CA TYR D 462 -8.24 -3.93 -1.28
C TYR D 462 -7.83 -2.58 -1.81
N GLN D 463 -6.53 -2.30 -1.94
CA GLN D 463 -6.11 -1.04 -2.54
C GLN D 463 -6.47 -0.95 -4.01
N LYS D 464 -6.50 -2.07 -4.71
CA LYS D 464 -6.91 -2.04 -6.11
C LYS D 464 -8.41 -1.90 -6.25
N VAL D 465 -9.19 -2.50 -5.35
CA VAL D 465 -10.63 -2.53 -5.54
C VAL D 465 -11.33 -1.32 -4.93
N ILE D 466 -10.74 -0.66 -3.93
CA ILE D 466 -11.41 0.48 -3.30
C ILE D 466 -11.43 1.70 -4.22
N ASP D 467 -10.49 1.79 -5.16
CA ASP D 467 -10.55 2.84 -6.17
C ASP D 467 -11.66 2.56 -7.17
N ASN D 468 -11.82 1.30 -7.55
CA ASN D 468 -12.79 0.86 -8.55
C ASN D 468 -13.99 0.19 -7.92
N ALA D 469 -14.46 0.68 -6.77
CA ALA D 469 -15.54 -0.01 -6.09
C ALA D 469 -16.88 0.32 -6.72
N ASP D 470 -17.07 1.58 -7.11
CA ASP D 470 -18.31 2.01 -7.76
C ASP D 470 -18.49 1.37 -9.12
N ASP D 471 -17.40 1.30 -9.91
CA ASP D 471 -17.46 0.73 -11.25
C ASP D 471 -17.74 -0.77 -11.21
N GLU D 472 -17.05 -1.48 -10.32
CA GLU D 472 -17.28 -2.92 -10.19
C GLU D 472 -18.64 -3.22 -9.57
N TYR D 473 -19.14 -2.35 -8.69
CA TYR D 473 -20.50 -2.53 -8.18
C TYR D 473 -21.54 -2.25 -9.24
N MET D 474 -21.32 -1.25 -10.10
CA MET D 474 -22.19 -1.00 -11.24
C MET D 474 -22.19 -2.17 -12.20
N ALA D 475 -21.04 -2.81 -12.39
CA ALA D 475 -20.98 -4.02 -13.21
C ALA D 475 -21.71 -5.18 -12.54
N LEU D 476 -21.66 -5.26 -11.20
CA LEU D 476 -22.40 -6.29 -10.47
C LEU D 476 -23.92 -6.09 -10.58
N MET D 477 -24.38 -4.85 -10.41
CA MET D 477 -25.81 -4.58 -10.55
C MET D 477 -26.29 -4.71 -11.97
N SER D 478 -25.43 -4.40 -12.94
CA SER D 478 -25.76 -4.65 -14.33
C SER D 478 -25.89 -6.13 -14.61
N GLN D 479 -24.97 -6.94 -14.07
CA GLN D 479 -25.04 -8.40 -14.18
C GLN D 479 -26.31 -8.95 -13.55
N LYS D 480 -26.73 -8.40 -12.42
CA LYS D 480 -27.96 -8.81 -11.75
C LYS D 480 -29.19 -8.46 -12.58
N THR D 481 -29.25 -7.21 -13.07
CA THR D 481 -30.36 -6.74 -13.91
C THR D 481 -30.49 -7.58 -15.18
N LEU D 482 -29.37 -7.95 -15.79
CA LEU D 482 -29.44 -8.79 -16.98
C LEU D 482 -29.65 -10.26 -16.67
N ARG D 483 -29.34 -10.70 -15.44
CA ARG D 483 -29.78 -12.02 -15.00
C ARG D 483 -31.30 -12.09 -14.91
N TYR D 484 -31.93 -10.99 -14.53
CA TYR D 484 -33.40 -11.01 -14.43
C TYR D 484 -34.12 -10.92 -15.78
N ILE D 485 -33.42 -10.87 -16.91
CA ILE D 485 -34.05 -11.03 -18.21
C ILE D 485 -33.39 -12.17 -18.98
N ARG D 486 -32.85 -13.13 -18.23
CA ARG D 486 -32.25 -14.39 -18.72
C ARG D 486 -31.07 -14.15 -19.65
N LYS D 517 -48.05 -27.67 -1.72
CA LYS D 517 -48.09 -26.49 -2.57
C LYS D 517 -49.12 -25.49 -2.07
N ASP D 518 -50.27 -26.00 -1.65
CA ASP D 518 -51.35 -25.15 -1.13
C ASP D 518 -50.92 -24.43 0.15
N LEU D 519 -50.23 -25.15 1.05
CA LEU D 519 -49.74 -24.57 2.30
C LEU D 519 -48.73 -23.45 2.04
N SER D 520 -47.82 -23.68 1.08
CA SER D 520 -46.82 -22.70 0.72
C SER D 520 -47.46 -21.44 0.16
N TYR D 521 -48.48 -21.61 -0.71
CA TYR D 521 -49.20 -20.48 -1.29
C TYR D 521 -49.93 -19.68 -0.22
N THR D 522 -50.58 -20.39 0.73
CA THR D 522 -51.31 -19.72 1.80
C THR D 522 -50.34 -18.94 2.71
N VAL D 523 -49.20 -19.56 3.03
CA VAL D 523 -48.18 -18.91 3.86
C VAL D 523 -47.61 -17.69 3.16
N MET D 524 -47.35 -17.81 1.85
CA MET D 524 -46.81 -16.71 1.06
C MET D 524 -47.80 -15.55 1.00
N THR D 525 -49.09 -15.85 0.79
CA THR D 525 -50.11 -14.82 0.75
C THR D 525 -50.24 -14.09 2.08
N ILE D 526 -50.21 -14.86 3.19
CA ILE D 526 -50.29 -14.30 4.53
C ILE D 526 -49.07 -13.44 4.86
N VAL D 527 -47.88 -13.85 4.41
CA VAL D 527 -46.66 -13.14 4.75
C VAL D 527 -46.25 -12.01 3.80
N TYR D 528 -46.65 -12.06 2.53
CA TYR D 528 -46.25 -11.02 1.58
C TYR D 528 -47.29 -9.92 1.38
N SER D 529 -48.39 -9.93 2.14
CA SER D 529 -49.49 -8.98 1.94
C SER D 529 -49.14 -7.49 2.09
N PRO D 530 -48.50 -7.00 3.18
CA PRO D 530 -48.20 -5.54 3.22
C PRO D 530 -47.15 -5.11 2.21
N PHE D 531 -46.27 -6.03 1.82
CA PHE D 531 -45.28 -5.71 0.80
C PHE D 531 -45.94 -5.55 -0.57
N LEU D 532 -46.91 -6.41 -0.88
CA LEU D 532 -47.73 -6.24 -2.09
C LEU D 532 -48.52 -4.93 -2.06
N LEU D 533 -49.02 -4.55 -0.87
CA LEU D 533 -49.73 -3.29 -0.71
C LEU D 533 -48.84 -2.08 -1.01
N LEU D 534 -47.63 -2.07 -0.44
CA LEU D 534 -46.66 -1.00 -0.68
C LEU D 534 -46.21 -0.96 -2.13
N ILE D 535 -46.02 -2.14 -2.75
CA ILE D 535 -45.67 -2.24 -4.16
C ILE D 535 -46.77 -1.66 -5.05
N SER D 536 -48.03 -1.94 -4.72
CA SER D 536 -49.14 -1.44 -5.52
C SER D 536 -49.30 0.07 -5.39
N VAL D 537 -49.16 0.62 -4.18
CA VAL D 537 -49.31 2.06 -4.02
C VAL D 537 -48.12 2.81 -4.64
N LYS D 538 -46.91 2.23 -4.60
CA LYS D 538 -45.76 2.83 -5.26
C LYS D 538 -45.88 2.74 -6.78
N GLU D 539 -46.48 1.65 -7.29
CA GLU D 539 -46.75 1.52 -8.72
C GLU D 539 -47.75 2.55 -9.22
N THR D 540 -48.77 2.85 -8.40
CA THR D 540 -49.72 3.92 -8.78
C THR D 540 -49.04 5.28 -8.78
N ARG D 541 -48.14 5.52 -7.82
CA ARG D 541 -47.35 6.76 -7.82
C ARG D 541 -46.46 6.86 -9.06
N GLU D 542 -45.84 5.73 -9.47
CA GLU D 542 -45.06 5.68 -10.70
C GLU D 542 -45.92 5.96 -11.92
N ALA D 543 -47.15 5.46 -11.92
CA ALA D 543 -48.05 5.62 -13.06
C ALA D 543 -48.49 7.07 -13.21
N ARG D 544 -48.78 7.73 -12.10
CA ARG D 544 -49.14 9.15 -12.15
C ARG D 544 -47.94 10.02 -12.53
N ARG D 545 -46.74 9.65 -12.06
CA ARG D 545 -45.52 10.34 -12.49
C ARG D 545 -45.25 10.19 -13.99
N ILE D 546 -45.46 8.97 -14.53
CA ILE D 546 -45.27 8.75 -15.96
C ILE D 546 -46.34 9.47 -16.77
N LYS D 547 -47.57 9.55 -16.24
CA LYS D 547 -48.64 10.32 -16.88
C LYS D 547 -48.31 11.81 -16.93
N TYR D 548 -47.71 12.34 -15.87
CA TYR D 548 -47.26 13.74 -15.90
C TYR D 548 -46.12 13.94 -16.91
N ASN D 549 -45.13 13.05 -16.88
CA ASN D 549 -43.98 13.18 -17.77
C ASN D 549 -44.34 12.96 -19.22
N ARG D 550 -45.44 12.26 -19.51
CA ARG D 550 -45.93 12.10 -20.86
C ARG D 550 -46.89 13.20 -21.27
N MET D 551 -47.54 13.88 -20.31
CA MET D 551 -48.27 15.10 -20.61
C MET D 551 -47.35 16.18 -21.17
N LYS D 552 -46.13 16.26 -20.66
CA LYS D 552 -45.09 17.05 -21.28
C LYS D 552 -44.30 16.17 -22.23
N ARG D 553 -43.33 16.74 -22.93
CA ARG D 553 -42.51 15.95 -23.85
C ARG D 553 -41.23 15.52 -23.14
N LEU D 554 -41.41 14.66 -22.14
CA LEU D 554 -40.32 14.16 -21.32
C LEU D 554 -40.26 12.64 -21.42
N ASN D 555 -39.20 12.06 -20.85
CA ASN D 555 -38.80 10.69 -21.13
C ASN D 555 -39.18 9.72 -20.04
N ASP D 556 -40.31 9.94 -19.35
CA ASP D 556 -40.98 9.07 -18.38
C ASP D 556 -40.24 8.90 -17.07
N ASP D 557 -39.04 9.48 -16.91
CA ASP D 557 -38.29 9.41 -15.66
C ASP D 557 -37.65 10.76 -15.37
N ALA D 558 -38.30 11.84 -15.76
CA ALA D 558 -37.67 13.14 -15.73
C ALA D 558 -37.92 13.91 -14.44
N ASN D 559 -38.97 13.57 -13.70
CA ASN D 559 -39.35 14.33 -12.50
C ASN D 559 -39.45 13.34 -11.35
N GLU D 560 -38.31 13.05 -10.74
CA GLU D 560 -38.24 12.09 -9.65
C GLU D 560 -37.66 12.65 -8.37
N TYR D 561 -36.95 13.77 -8.43
CA TYR D 561 -36.16 14.22 -7.29
C TYR D 561 -36.63 15.52 -6.66
N ASP D 562 -37.23 16.43 -7.45
CA ASP D 562 -37.69 17.76 -7.04
C ASP D 562 -36.51 18.58 -6.48
N THR D 563 -35.60 18.89 -7.39
CA THR D 563 -34.31 19.44 -7.05
C THR D 563 -34.41 20.94 -6.78
N PRO D 564 -33.44 21.53 -6.06
CA PRO D 564 -33.50 22.98 -5.84
C PRO D 564 -33.05 23.84 -7.01
N TRP D 565 -32.10 23.37 -7.82
CA TRP D 565 -31.60 24.18 -8.92
C TRP D 565 -32.56 24.26 -10.09
N ASP D 566 -33.56 23.39 -10.15
CA ASP D 566 -34.61 23.50 -11.17
C ASP D 566 -35.88 23.94 -10.47
N LEU D 567 -36.39 25.11 -10.85
CA LEU D 567 -37.63 25.62 -10.26
C LEU D 567 -38.87 24.94 -10.82
N THR D 568 -38.75 24.16 -11.89
CA THR D 568 -39.87 23.44 -12.50
C THR D 568 -39.53 21.96 -12.62
N ASP D 569 -39.77 21.21 -11.56
CA ASP D 569 -39.42 19.80 -11.52
C ASP D 569 -40.24 19.08 -10.46
N GLY D 570 -40.17 17.76 -10.49
CA GLY D 570 -40.84 16.94 -9.51
C GLY D 570 -42.30 16.72 -9.83
N TYR D 571 -42.95 15.98 -8.94
CA TYR D 571 -44.36 15.66 -9.06
C TYR D 571 -44.98 15.79 -7.67
N LEU D 572 -46.05 16.60 -7.58
CA LEU D 572 -46.66 16.90 -6.29
C LEU D 572 -47.35 15.69 -5.68
N ASP D 573 -48.04 14.90 -6.50
CA ASP D 573 -48.76 13.75 -5.98
C ASP D 573 -47.90 12.49 -6.04
N ASP D 581 -53.44 16.20 -12.46
CA ASP D 581 -52.12 16.66 -12.06
C ASP D 581 -51.96 18.17 -12.24
N ASN D 582 -52.89 18.94 -11.67
CA ASN D 582 -52.85 20.39 -11.76
C ASN D 582 -52.31 21.05 -10.51
N ARG D 583 -52.26 20.31 -9.39
CA ARG D 583 -51.66 20.82 -8.17
C ARG D 583 -50.16 21.03 -8.34
N ASN D 584 -49.51 20.15 -9.10
CA ASN D 584 -48.09 20.30 -9.41
C ASN D 584 -47.84 21.51 -10.30
N SER D 585 -48.68 21.71 -11.31
CA SER D 585 -48.59 22.89 -12.16
C SER D 585 -48.85 24.17 -11.38
N GLY D 586 -49.78 24.12 -10.43
CA GLY D 586 -50.02 25.26 -9.55
C GLY D 586 -48.83 25.55 -8.65
N MET D 587 -48.18 24.50 -8.15
CA MET D 587 -46.97 24.68 -7.34
C MET D 587 -45.83 25.28 -8.14
N ARG D 588 -45.64 24.82 -9.38
CA ARG D 588 -44.63 25.39 -10.26
C ARG D 588 -44.94 26.84 -10.63
N ALA D 589 -46.22 27.16 -10.85
CA ALA D 589 -46.63 28.54 -11.09
C ALA D 589 -46.37 29.42 -9.87
N THR D 590 -46.61 28.90 -8.66
CA THR D 590 -46.29 29.59 -7.43
C THR D 590 -44.78 29.83 -7.30
N GLN D 591 -43.99 28.82 -7.70
CA GLN D 591 -42.52 28.92 -7.66
C GLN D 591 -42.01 30.01 -8.60
N LEU D 592 -42.49 30.01 -9.84
CA LEU D 592 -42.07 31.03 -10.81
C LEU D 592 -42.59 32.42 -10.45
N LYS D 593 -43.81 32.51 -9.89
CA LYS D 593 -44.34 33.81 -9.46
C LYS D 593 -43.56 34.40 -8.30
N ASN D 594 -43.29 33.60 -7.26
CA ASN D 594 -42.51 34.08 -6.12
C ASN D 594 -41.09 34.41 -6.52
N SER D 595 -40.49 33.60 -7.41
CA SER D 595 -39.11 33.82 -7.83
C SER D 595 -39.00 35.08 -8.68
N ARG D 596 -39.91 35.24 -9.65
CA ARG D 596 -39.89 36.41 -10.53
C ARG D 596 -40.26 37.68 -9.78
N SER D 597 -41.17 37.59 -8.81
CA SER D 597 -41.51 38.75 -8.00
C SER D 597 -40.34 39.19 -7.13
N LEU D 598 -39.70 38.24 -6.43
CA LEU D 598 -38.60 38.59 -5.53
C LEU D 598 -37.31 38.95 -6.26
N LYS D 599 -37.10 38.48 -7.49
CA LYS D 599 -35.97 38.98 -8.28
C LYS D 599 -36.20 40.43 -8.71
N LEU D 600 -37.38 40.73 -9.23
CA LEU D 600 -37.73 42.08 -9.67
C LEU D 600 -38.13 43.02 -8.54
N GLN D 601 -37.99 42.60 -7.28
CA GLN D 601 -38.20 43.49 -6.14
C GLN D 601 -37.16 44.63 -6.12
N ARG D 602 -35.97 44.37 -6.64
CA ARG D 602 -34.98 45.41 -6.91
C ARG D 602 -34.52 45.24 -8.34
N THR D 603 -34.70 46.27 -9.16
CA THR D 603 -34.35 46.22 -10.57
C THR D 603 -32.86 46.10 -10.82
N ALA D 604 -32.01 46.49 -9.86
CA ALA D 604 -30.58 46.36 -10.05
C ALA D 604 -30.11 44.92 -9.91
N GLU D 605 -30.83 44.09 -9.17
CA GLU D 605 -30.52 42.67 -9.08
C GLU D 605 -31.01 42.01 -10.36
N GLN D 606 -30.14 41.99 -11.36
CA GLN D 606 -30.42 41.43 -12.68
C GLN D 606 -29.09 41.04 -13.31
N GLU D 607 -29.20 40.12 -14.28
CA GLU D 607 -28.08 39.53 -15.04
C GLU D 607 -27.07 38.83 -14.13
#